data_183L
# 
_entry.id   183L 
# 
_audit_conform.dict_name       mmcif_pdbx.dic 
_audit_conform.dict_version    5.385 
_audit_conform.dict_location   http://mmcif.pdb.org/dictionaries/ascii/mmcif_pdbx.dic 
# 
loop_
_database_2.database_id 
_database_2.database_code 
_database_2.pdbx_database_accession 
_database_2.pdbx_DOI 
PDB   183L         pdb_0000183l 10.2210/pdb183l/pdb 
WWPDB D_1000170186 ?            ?                   
# 
loop_
_pdbx_audit_revision_history.ordinal 
_pdbx_audit_revision_history.data_content_type 
_pdbx_audit_revision_history.major_revision 
_pdbx_audit_revision_history.minor_revision 
_pdbx_audit_revision_history.revision_date 
1 'Structure model' 1 0 1995-07-10 
2 'Structure model' 1 1 2008-03-03 
3 'Structure model' 1 2 2011-07-13 
4 'Structure model' 1 3 2017-11-29 
5 'Structure model' 1 4 2024-02-07 
# 
_pdbx_audit_revision_details.ordinal             1 
_pdbx_audit_revision_details.revision_ordinal    1 
_pdbx_audit_revision_details.data_content_type   'Structure model' 
_pdbx_audit_revision_details.provider            repository 
_pdbx_audit_revision_details.type                'Initial release' 
_pdbx_audit_revision_details.description         ? 
_pdbx_audit_revision_details.details             ? 
# 
loop_
_pdbx_audit_revision_group.ordinal 
_pdbx_audit_revision_group.revision_ordinal 
_pdbx_audit_revision_group.data_content_type 
_pdbx_audit_revision_group.group 
1 2 'Structure model' 'Version format compliance' 
2 3 'Structure model' 'Version format compliance' 
3 4 'Structure model' 'Derived calculations'      
4 4 'Structure model' Other                       
5 5 'Structure model' 'Data collection'           
6 5 'Structure model' 'Database references'       
7 5 'Structure model' 'Derived calculations'      
# 
loop_
_pdbx_audit_revision_category.ordinal 
_pdbx_audit_revision_category.revision_ordinal 
_pdbx_audit_revision_category.data_content_type 
_pdbx_audit_revision_category.category 
1 4 'Structure model' pdbx_database_status 
2 4 'Structure model' struct_conf          
3 4 'Structure model' struct_conf_type     
4 5 'Structure model' chem_comp_atom       
5 5 'Structure model' chem_comp_bond       
6 5 'Structure model' database_2           
7 5 'Structure model' struct_ref_seq_dif   
8 5 'Structure model' struct_site          
# 
loop_
_pdbx_audit_revision_item.ordinal 
_pdbx_audit_revision_item.revision_ordinal 
_pdbx_audit_revision_item.data_content_type 
_pdbx_audit_revision_item.item 
1 4 'Structure model' '_pdbx_database_status.process_site'  
2 5 'Structure model' '_database_2.pdbx_DOI'                
3 5 'Structure model' '_database_2.pdbx_database_accession' 
4 5 'Structure model' '_struct_ref_seq_dif.details'         
5 5 'Structure model' '_struct_site.pdbx_auth_asym_id'      
6 5 'Structure model' '_struct_site.pdbx_auth_comp_id'      
7 5 'Structure model' '_struct_site.pdbx_auth_seq_id'       
# 
_pdbx_database_status.status_code                     REL 
_pdbx_database_status.entry_id                        183L 
_pdbx_database_status.recvd_initial_deposition_date   1995-04-19 
_pdbx_database_status.deposit_site                    ? 
_pdbx_database_status.process_site                    BNL 
_pdbx_database_status.SG_entry                        . 
_pdbx_database_status.status_code_sf                  REL 
_pdbx_database_status.pdb_format_compatible           Y 
_pdbx_database_status.status_code_mr                  ? 
_pdbx_database_status.status_code_cs                  ? 
_pdbx_database_status.methods_development_category    ? 
_pdbx_database_status.status_code_nmr_data            ? 
# 
loop_
_audit_author.name 
_audit_author.pdbx_ordinal 
'Morton, A.'     1 
'Matthews, B.W.' 2 
# 
loop_
_citation.id 
_citation.title 
_citation.journal_abbrev 
_citation.journal_volume 
_citation.page_first 
_citation.page_last 
_citation.year 
_citation.journal_id_ASTM 
_citation.country 
_citation.journal_id_ISSN 
_citation.journal_id_CSD 
_citation.book_publisher 
_citation.pdbx_database_id_PubMed 
_citation.pdbx_database_id_DOI 
primary 'Specificity of ligand binding in a buried nonpolar cavity of T4 lysozyme: linkage of dynamics and structural plasticity.' 
Biochemistry      34  8576 8588 1995 BICHAW US 0006-2960 0033 ? 7612599 10.1021/bi00027a007 
1       'Energetic Origins of Specificity of Ligand Binding in an Interior Cavity of T4 Lysozyme'                                  
'To be Published' ?   ?    ?    ?    ?      ?  ?         0353 ? ?       ?                   
2       'Structure of Bacteriophage T4 Lysozyme Refined at 1.7 Angstroms Resolution'                                               
J.Mol.Biol.       193 189  ?    1987 JMOBAK UK 0022-2836 0070 ? ?       ?                   
# 
loop_
_citation_author.citation_id 
_citation_author.name 
_citation_author.ordinal 
_citation_author.identifier_ORCID 
primary 'Morton, A.'     1 ? 
primary 'Matthews, B.W.' 2 ? 
1       'Morton, A.'     3 ? 
1       'Baase, W.A.'    4 ? 
1       'Matthews, B.W.' 5 ? 
2       'Weaver, L.H.'   6 ? 
2       'Matthews, B.W.' 7 ? 
# 
loop_
_entity.id 
_entity.type 
_entity.src_method 
_entity.pdbx_description 
_entity.formula_weight 
_entity.pdbx_number_of_molecules 
_entity.pdbx_ec 
_entity.pdbx_mutation 
_entity.pdbx_fragment 
_entity.details 
1 polymer     man 'T4 LYSOZYME'              18586.283 1   3.2.1.17 ? ? ? 
2 non-polymer syn 'CHLORIDE ION'             35.453    2   ?        ? ? ? 
3 non-polymer syn '2-HYDROXYETHYL DISULFIDE' 154.251   1   ?        ? ? ? 
4 non-polymer syn INDENE                     116.160   1   ?        ? ? ? 
5 water       nat water                      18.015    116 ?        ? ? ? 
# 
_entity_poly.entity_id                      1 
_entity_poly.type                           'polypeptide(L)' 
_entity_poly.nstd_linkage                   no 
_entity_poly.nstd_monomer                   no 
_entity_poly.pdbx_seq_one_letter_code       
;MNIFEMLRIDEGLRLKIYKDTEGYYTIGIGHLLTKSPSLNAAKSELDKAIGRNTNGVITKDEAEKLFNQDVDAAVRGILR
NAKLKPVYDSLDAVRRAAAINMVFQMGETGVAGFTNSLRMLQQKRWDEAAVNLAKSRWYNQTPNRAKRVITTFRTGTWDA
YKNL
;
_entity_poly.pdbx_seq_one_letter_code_can   
;MNIFEMLRIDEGLRLKIYKDTEGYYTIGIGHLLTKSPSLNAAKSELDKAIGRNTNGVITKDEAEKLFNQDVDAAVRGILR
NAKLKPVYDSLDAVRRAAAINMVFQMGETGVAGFTNSLRMLQQKRWDEAAVNLAKSRWYNQTPNRAKRVITTFRTGTWDA
YKNL
;
_entity_poly.pdbx_strand_id                 A 
_entity_poly.pdbx_target_identifier         ? 
# 
loop_
_pdbx_entity_nonpoly.entity_id 
_pdbx_entity_nonpoly.name 
_pdbx_entity_nonpoly.comp_id 
2 'CHLORIDE ION'             CL  
3 '2-HYDROXYETHYL DISULFIDE' HED 
4 INDENE                     DEN 
5 water                      HOH 
# 
loop_
_entity_poly_seq.entity_id 
_entity_poly_seq.num 
_entity_poly_seq.mon_id 
_entity_poly_seq.hetero 
1 1   MET n 
1 2   ASN n 
1 3   ILE n 
1 4   PHE n 
1 5   GLU n 
1 6   MET n 
1 7   LEU n 
1 8   ARG n 
1 9   ILE n 
1 10  ASP n 
1 11  GLU n 
1 12  GLY n 
1 13  LEU n 
1 14  ARG n 
1 15  LEU n 
1 16  LYS n 
1 17  ILE n 
1 18  TYR n 
1 19  LYS n 
1 20  ASP n 
1 21  THR n 
1 22  GLU n 
1 23  GLY n 
1 24  TYR n 
1 25  TYR n 
1 26  THR n 
1 27  ILE n 
1 28  GLY n 
1 29  ILE n 
1 30  GLY n 
1 31  HIS n 
1 32  LEU n 
1 33  LEU n 
1 34  THR n 
1 35  LYS n 
1 36  SER n 
1 37  PRO n 
1 38  SER n 
1 39  LEU n 
1 40  ASN n 
1 41  ALA n 
1 42  ALA n 
1 43  LYS n 
1 44  SER n 
1 45  GLU n 
1 46  LEU n 
1 47  ASP n 
1 48  LYS n 
1 49  ALA n 
1 50  ILE n 
1 51  GLY n 
1 52  ARG n 
1 53  ASN n 
1 54  THR n 
1 55  ASN n 
1 56  GLY n 
1 57  VAL n 
1 58  ILE n 
1 59  THR n 
1 60  LYS n 
1 61  ASP n 
1 62  GLU n 
1 63  ALA n 
1 64  GLU n 
1 65  LYS n 
1 66  LEU n 
1 67  PHE n 
1 68  ASN n 
1 69  GLN n 
1 70  ASP n 
1 71  VAL n 
1 72  ASP n 
1 73  ALA n 
1 74  ALA n 
1 75  VAL n 
1 76  ARG n 
1 77  GLY n 
1 78  ILE n 
1 79  LEU n 
1 80  ARG n 
1 81  ASN n 
1 82  ALA n 
1 83  LYS n 
1 84  LEU n 
1 85  LYS n 
1 86  PRO n 
1 87  VAL n 
1 88  TYR n 
1 89  ASP n 
1 90  SER n 
1 91  LEU n 
1 92  ASP n 
1 93  ALA n 
1 94  VAL n 
1 95  ARG n 
1 96  ARG n 
1 97  ALA n 
1 98  ALA n 
1 99  ALA n 
1 100 ILE n 
1 101 ASN n 
1 102 MET n 
1 103 VAL n 
1 104 PHE n 
1 105 GLN n 
1 106 MET n 
1 107 GLY n 
1 108 GLU n 
1 109 THR n 
1 110 GLY n 
1 111 VAL n 
1 112 ALA n 
1 113 GLY n 
1 114 PHE n 
1 115 THR n 
1 116 ASN n 
1 117 SER n 
1 118 LEU n 
1 119 ARG n 
1 120 MET n 
1 121 LEU n 
1 122 GLN n 
1 123 GLN n 
1 124 LYS n 
1 125 ARG n 
1 126 TRP n 
1 127 ASP n 
1 128 GLU n 
1 129 ALA n 
1 130 ALA n 
1 131 VAL n 
1 132 ASN n 
1 133 LEU n 
1 134 ALA n 
1 135 LYS n 
1 136 SER n 
1 137 ARG n 
1 138 TRP n 
1 139 TYR n 
1 140 ASN n 
1 141 GLN n 
1 142 THR n 
1 143 PRO n 
1 144 ASN n 
1 145 ARG n 
1 146 ALA n 
1 147 LYS n 
1 148 ARG n 
1 149 VAL n 
1 150 ILE n 
1 151 THR n 
1 152 THR n 
1 153 PHE n 
1 154 ARG n 
1 155 THR n 
1 156 GLY n 
1 157 THR n 
1 158 TRP n 
1 159 ASP n 
1 160 ALA n 
1 161 TYR n 
1 162 LYS n 
1 163 ASN n 
1 164 LEU n 
# 
_entity_src_gen.entity_id                          1 
_entity_src_gen.pdbx_src_id                        1 
_entity_src_gen.pdbx_alt_source_flag               sample 
_entity_src_gen.pdbx_seq_type                      ? 
_entity_src_gen.pdbx_beg_seq_num                   ? 
_entity_src_gen.pdbx_end_seq_num                   ? 
_entity_src_gen.gene_src_common_name               ? 
_entity_src_gen.gene_src_genus                     'T4-like viruses' 
_entity_src_gen.pdbx_gene_src_gene                 ? 
_entity_src_gen.gene_src_species                   'Enterobacteria phage T4 sensu lato' 
_entity_src_gen.gene_src_strain                    ? 
_entity_src_gen.gene_src_tissue                    ? 
_entity_src_gen.gene_src_tissue_fraction           ? 
_entity_src_gen.gene_src_details                   ? 
_entity_src_gen.pdbx_gene_src_fragment             ? 
_entity_src_gen.pdbx_gene_src_scientific_name      'Enterobacteria phage T4' 
_entity_src_gen.pdbx_gene_src_ncbi_taxonomy_id     10665 
_entity_src_gen.pdbx_gene_src_variant              ? 
_entity_src_gen.pdbx_gene_src_cell_line            ? 
_entity_src_gen.pdbx_gene_src_atcc                 ? 
_entity_src_gen.pdbx_gene_src_organ                ? 
_entity_src_gen.pdbx_gene_src_organelle            ? 
_entity_src_gen.pdbx_gene_src_cell                 ? 
_entity_src_gen.pdbx_gene_src_cellular_location    ? 
_entity_src_gen.host_org_common_name               ? 
_entity_src_gen.pdbx_host_org_scientific_name      ? 
_entity_src_gen.pdbx_host_org_ncbi_taxonomy_id     ? 
_entity_src_gen.host_org_genus                     ? 
_entity_src_gen.pdbx_host_org_gene                 ? 
_entity_src_gen.pdbx_host_org_organ                ? 
_entity_src_gen.host_org_species                   ? 
_entity_src_gen.pdbx_host_org_tissue               ? 
_entity_src_gen.pdbx_host_org_tissue_fraction      ? 
_entity_src_gen.pdbx_host_org_strain               ? 
_entity_src_gen.pdbx_host_org_variant              ? 
_entity_src_gen.pdbx_host_org_cell_line            ? 
_entity_src_gen.pdbx_host_org_atcc                 ? 
_entity_src_gen.pdbx_host_org_culture_collection   ? 
_entity_src_gen.pdbx_host_org_cell                 ? 
_entity_src_gen.pdbx_host_org_organelle            ? 
_entity_src_gen.pdbx_host_org_cellular_location    ? 
_entity_src_gen.pdbx_host_org_vector_type          PLASMID 
_entity_src_gen.pdbx_host_org_vector               ? 
_entity_src_gen.host_org_details                   ? 
_entity_src_gen.expression_system_id               ? 
_entity_src_gen.plasmid_name                       M13 
_entity_src_gen.plasmid_details                    ? 
_entity_src_gen.pdbx_description                   ? 
# 
loop_
_chem_comp.id 
_chem_comp.type 
_chem_comp.mon_nstd_flag 
_chem_comp.name 
_chem_comp.pdbx_synonyms 
_chem_comp.formula 
_chem_comp.formula_weight 
ALA 'L-peptide linking' y ALANINE                    ? 'C3 H7 N O2'     89.093  
ARG 'L-peptide linking' y ARGININE                   ? 'C6 H15 N4 O2 1' 175.209 
ASN 'L-peptide linking' y ASPARAGINE                 ? 'C4 H8 N2 O3'    132.118 
ASP 'L-peptide linking' y 'ASPARTIC ACID'            ? 'C4 H7 N O4'     133.103 
CL  non-polymer         . 'CHLORIDE ION'             ? 'Cl -1'          35.453  
CYS 'L-peptide linking' y CYSTEINE                   ? 'C3 H7 N O2 S'   121.158 
DEN non-polymer         . INDENE                     ? 'C9 H8'          116.160 
GLN 'L-peptide linking' y GLUTAMINE                  ? 'C5 H10 N2 O3'   146.144 
GLU 'L-peptide linking' y 'GLUTAMIC ACID'            ? 'C5 H9 N O4'     147.129 
GLY 'peptide linking'   y GLYCINE                    ? 'C2 H5 N O2'     75.067  
HED non-polymer         . '2-HYDROXYETHYL DISULFIDE' ? 'C4 H10 O2 S2'   154.251 
HIS 'L-peptide linking' y HISTIDINE                  ? 'C6 H10 N3 O2 1' 156.162 
HOH non-polymer         . WATER                      ? 'H2 O'           18.015  
ILE 'L-peptide linking' y ISOLEUCINE                 ? 'C6 H13 N O2'    131.173 
LEU 'L-peptide linking' y LEUCINE                    ? 'C6 H13 N O2'    131.173 
LYS 'L-peptide linking' y LYSINE                     ? 'C6 H15 N2 O2 1' 147.195 
MET 'L-peptide linking' y METHIONINE                 ? 'C5 H11 N O2 S'  149.211 
PHE 'L-peptide linking' y PHENYLALANINE              ? 'C9 H11 N O2'    165.189 
PRO 'L-peptide linking' y PROLINE                    ? 'C5 H9 N O2'     115.130 
SER 'L-peptide linking' y SERINE                     ? 'C3 H7 N O3'     105.093 
THR 'L-peptide linking' y THREONINE                  ? 'C4 H9 N O3'     119.119 
TRP 'L-peptide linking' y TRYPTOPHAN                 ? 'C11 H12 N2 O2'  204.225 
TYR 'L-peptide linking' y TYROSINE                   ? 'C9 H11 N O3'    181.189 
VAL 'L-peptide linking' y VALINE                     ? 'C5 H11 N O2'    117.146 
# 
loop_
_pdbx_poly_seq_scheme.asym_id 
_pdbx_poly_seq_scheme.entity_id 
_pdbx_poly_seq_scheme.seq_id 
_pdbx_poly_seq_scheme.mon_id 
_pdbx_poly_seq_scheme.ndb_seq_num 
_pdbx_poly_seq_scheme.pdb_seq_num 
_pdbx_poly_seq_scheme.auth_seq_num 
_pdbx_poly_seq_scheme.pdb_mon_id 
_pdbx_poly_seq_scheme.auth_mon_id 
_pdbx_poly_seq_scheme.pdb_strand_id 
_pdbx_poly_seq_scheme.pdb_ins_code 
_pdbx_poly_seq_scheme.hetero 
A 1 1   MET 1   1   1   MET MET A . n 
A 1 2   ASN 2   2   2   ASN ASN A . n 
A 1 3   ILE 3   3   3   ILE ILE A . n 
A 1 4   PHE 4   4   4   PHE PHE A . n 
A 1 5   GLU 5   5   5   GLU GLU A . n 
A 1 6   MET 6   6   6   MET MET A . n 
A 1 7   LEU 7   7   7   LEU LEU A . n 
A 1 8   ARG 8   8   8   ARG ARG A . n 
A 1 9   ILE 9   9   9   ILE ILE A . n 
A 1 10  ASP 10  10  10  ASP ASP A . n 
A 1 11  GLU 11  11  11  GLU GLU A . n 
A 1 12  GLY 12  12  12  GLY GLY A . n 
A 1 13  LEU 13  13  13  LEU LEU A . n 
A 1 14  ARG 14  14  14  ARG ARG A . n 
A 1 15  LEU 15  15  15  LEU LEU A . n 
A 1 16  LYS 16  16  16  LYS LYS A . n 
A 1 17  ILE 17  17  17  ILE ILE A . n 
A 1 18  TYR 18  18  18  TYR TYR A . n 
A 1 19  LYS 19  19  19  LYS LYS A . n 
A 1 20  ASP 20  20  20  ASP ASP A . n 
A 1 21  THR 21  21  21  THR THR A . n 
A 1 22  GLU 22  22  22  GLU GLU A . n 
A 1 23  GLY 23  23  23  GLY GLY A . n 
A 1 24  TYR 24  24  24  TYR TYR A . n 
A 1 25  TYR 25  25  25  TYR TYR A . n 
A 1 26  THR 26  26  26  THR THR A . n 
A 1 27  ILE 27  27  27  ILE ILE A . n 
A 1 28  GLY 28  28  28  GLY GLY A . n 
A 1 29  ILE 29  29  29  ILE ILE A . n 
A 1 30  GLY 30  30  30  GLY GLY A . n 
A 1 31  HIS 31  31  31  HIS HIS A . n 
A 1 32  LEU 32  32  32  LEU LEU A . n 
A 1 33  LEU 33  33  33  LEU LEU A . n 
A 1 34  THR 34  34  34  THR THR A . n 
A 1 35  LYS 35  35  35  LYS LYS A . n 
A 1 36  SER 36  36  36  SER SER A . n 
A 1 37  PRO 37  37  37  PRO PRO A . n 
A 1 38  SER 38  38  38  SER SER A . n 
A 1 39  LEU 39  39  39  LEU LEU A . n 
A 1 40  ASN 40  40  40  ASN ASN A . n 
A 1 41  ALA 41  41  41  ALA ALA A . n 
A 1 42  ALA 42  42  42  ALA ALA A . n 
A 1 43  LYS 43  43  43  LYS LYS A . n 
A 1 44  SER 44  44  44  SER SER A . n 
A 1 45  GLU 45  45  45  GLU GLU A . n 
A 1 46  LEU 46  46  46  LEU LEU A . n 
A 1 47  ASP 47  47  47  ASP ASP A . n 
A 1 48  LYS 48  48  48  LYS LYS A . n 
A 1 49  ALA 49  49  49  ALA ALA A . n 
A 1 50  ILE 50  50  50  ILE ILE A . n 
A 1 51  GLY 51  51  51  GLY GLY A . n 
A 1 52  ARG 52  52  52  ARG ARG A . n 
A 1 53  ASN 53  53  53  ASN ASN A . n 
A 1 54  THR 54  54  54  THR THR A . n 
A 1 55  ASN 55  55  55  ASN ASN A . n 
A 1 56  GLY 56  56  56  GLY GLY A . n 
A 1 57  VAL 57  57  57  VAL VAL A . n 
A 1 58  ILE 58  58  58  ILE ILE A . n 
A 1 59  THR 59  59  59  THR THR A . n 
A 1 60  LYS 60  60  60  LYS LYS A . n 
A 1 61  ASP 61  61  61  ASP ASP A . n 
A 1 62  GLU 62  62  62  GLU GLU A . n 
A 1 63  ALA 63  63  63  ALA ALA A . n 
A 1 64  GLU 64  64  64  GLU GLU A . n 
A 1 65  LYS 65  65  65  LYS LYS A . n 
A 1 66  LEU 66  66  66  LEU LEU A . n 
A 1 67  PHE 67  67  67  PHE PHE A . n 
A 1 68  ASN 68  68  68  ASN ASN A . n 
A 1 69  GLN 69  69  69  GLN GLN A . n 
A 1 70  ASP 70  70  70  ASP ASP A . n 
A 1 71  VAL 71  71  71  VAL VAL A . n 
A 1 72  ASP 72  72  72  ASP ASP A . n 
A 1 73  ALA 73  73  73  ALA ALA A . n 
A 1 74  ALA 74  74  74  ALA ALA A . n 
A 1 75  VAL 75  75  75  VAL VAL A . n 
A 1 76  ARG 76  76  76  ARG ARG A . n 
A 1 77  GLY 77  77  77  GLY GLY A . n 
A 1 78  ILE 78  78  78  ILE ILE A . n 
A 1 79  LEU 79  79  79  LEU LEU A . n 
A 1 80  ARG 80  80  80  ARG ARG A . n 
A 1 81  ASN 81  81  81  ASN ASN A . n 
A 1 82  ALA 82  82  82  ALA ALA A . n 
A 1 83  LYS 83  83  83  LYS LYS A . n 
A 1 84  LEU 84  84  84  LEU LEU A . n 
A 1 85  LYS 85  85  85  LYS LYS A . n 
A 1 86  PRO 86  86  86  PRO PRO A . n 
A 1 87  VAL 87  87  87  VAL VAL A . n 
A 1 88  TYR 88  88  88  TYR TYR A . n 
A 1 89  ASP 89  89  89  ASP ASP A . n 
A 1 90  SER 90  90  90  SER SER A . n 
A 1 91  LEU 91  91  91  LEU LEU A . n 
A 1 92  ASP 92  92  92  ASP ASP A . n 
A 1 93  ALA 93  93  93  ALA ALA A . n 
A 1 94  VAL 94  94  94  VAL VAL A . n 
A 1 95  ARG 95  95  95  ARG ARG A . n 
A 1 96  ARG 96  96  96  ARG ARG A . n 
A 1 97  ALA 97  97  97  ALA ALA A . n 
A 1 98  ALA 98  98  98  ALA ALA A . n 
A 1 99  ALA 99  99  99  ALA ALA A . n 
A 1 100 ILE 100 100 100 ILE ILE A . n 
A 1 101 ASN 101 101 101 ASN ASN A . n 
A 1 102 MET 102 102 102 MET MET A . n 
A 1 103 VAL 103 103 103 VAL VAL A . n 
A 1 104 PHE 104 104 104 PHE PHE A . n 
A 1 105 GLN 105 105 105 GLN GLN A . n 
A 1 106 MET 106 106 106 MET MET A . n 
A 1 107 GLY 107 107 107 GLY GLY A . n 
A 1 108 GLU 108 108 108 GLU GLU A . n 
A 1 109 THR 109 109 109 THR THR A . n 
A 1 110 GLY 110 110 110 GLY GLY A . n 
A 1 111 VAL 111 111 111 VAL VAL A . n 
A 1 112 ALA 112 112 112 ALA ALA A . n 
A 1 113 GLY 113 113 113 GLY GLY A . n 
A 1 114 PHE 114 114 114 PHE PHE A . n 
A 1 115 THR 115 115 115 THR THR A . n 
A 1 116 ASN 116 116 116 ASN ASN A . n 
A 1 117 SER 117 117 117 SER SER A . n 
A 1 118 LEU 118 118 118 LEU LEU A . n 
A 1 119 ARG 119 119 119 ARG ARG A . n 
A 1 120 MET 120 120 120 MET MET A . n 
A 1 121 LEU 121 121 121 LEU LEU A . n 
A 1 122 GLN 122 122 122 GLN GLN A . n 
A 1 123 GLN 123 123 123 GLN GLN A . n 
A 1 124 LYS 124 124 124 LYS LYS A . n 
A 1 125 ARG 125 125 125 ARG ARG A . n 
A 1 126 TRP 126 126 126 TRP TRP A . n 
A 1 127 ASP 127 127 127 ASP ASP A . n 
A 1 128 GLU 128 128 128 GLU GLU A . n 
A 1 129 ALA 129 129 129 ALA ALA A . n 
A 1 130 ALA 130 130 130 ALA ALA A . n 
A 1 131 VAL 131 131 131 VAL VAL A . n 
A 1 132 ASN 132 132 132 ASN ASN A . n 
A 1 133 LEU 133 133 133 LEU LEU A . n 
A 1 134 ALA 134 134 134 ALA ALA A . n 
A 1 135 LYS 135 135 135 LYS LYS A . n 
A 1 136 SER 136 136 136 SER SER A . n 
A 1 137 ARG 137 137 137 ARG ARG A . n 
A 1 138 TRP 138 138 138 TRP TRP A . n 
A 1 139 TYR 139 139 139 TYR TYR A . n 
A 1 140 ASN 140 140 140 ASN ASN A . n 
A 1 141 GLN 141 141 141 GLN GLN A . n 
A 1 142 THR 142 142 142 THR THR A . n 
A 1 143 PRO 143 143 143 PRO PRO A . n 
A 1 144 ASN 144 144 144 ASN ASN A . n 
A 1 145 ARG 145 145 145 ARG ARG A . n 
A 1 146 ALA 146 146 146 ALA ALA A . n 
A 1 147 LYS 147 147 147 LYS LYS A . n 
A 1 148 ARG 148 148 148 ARG ARG A . n 
A 1 149 VAL 149 149 149 VAL VAL A . n 
A 1 150 ILE 150 150 150 ILE ILE A . n 
A 1 151 THR 151 151 151 THR THR A . n 
A 1 152 THR 152 152 152 THR THR A . n 
A 1 153 PHE 153 153 153 PHE PHE A . n 
A 1 154 ARG 154 154 154 ARG ARG A . n 
A 1 155 THR 155 155 155 THR THR A . n 
A 1 156 GLY 156 156 156 GLY GLY A . n 
A 1 157 THR 157 157 157 THR THR A . n 
A 1 158 TRP 158 158 158 TRP TRP A . n 
A 1 159 ASP 159 159 159 ASP ASP A . n 
A 1 160 ALA 160 160 160 ALA ALA A . n 
A 1 161 TYR 161 161 161 TYR TYR A . n 
A 1 162 LYS 162 162 162 LYS LYS A . n 
A 1 163 ASN 163 163 ?   ?   ?   A . n 
A 1 164 LEU 164 164 ?   ?   ?   A . n 
# 
loop_
_pdbx_nonpoly_scheme.asym_id 
_pdbx_nonpoly_scheme.entity_id 
_pdbx_nonpoly_scheme.mon_id 
_pdbx_nonpoly_scheme.ndb_seq_num 
_pdbx_nonpoly_scheme.pdb_seq_num 
_pdbx_nonpoly_scheme.auth_seq_num 
_pdbx_nonpoly_scheme.pdb_mon_id 
_pdbx_nonpoly_scheme.auth_mon_id 
_pdbx_nonpoly_scheme.pdb_strand_id 
_pdbx_nonpoly_scheme.pdb_ins_code 
B 2 CL  1   173 173 CL  CL  A . 
C 2 CL  1   178 178 CL  CL  A . 
D 3 HED 1   170 170 HED HED A . 
E 4 DEN 1   400 400 DEN DEN A . 
F 5 HOH 1   171 171 HOH HOH A . 
F 5 HOH 2   172 172 HOH HOH A . 
F 5 HOH 3   174 174 HOH HOH A . 
F 5 HOH 4   175 175 HOH HOH A . 
F 5 HOH 5   176 176 HOH HOH A . 
F 5 HOH 6   177 177 HOH HOH A . 
F 5 HOH 7   179 179 HOH HOH A . 
F 5 HOH 8   180 180 HOH HOH A . 
F 5 HOH 9   181 181 HOH HOH A . 
F 5 HOH 10  182 182 HOH HOH A . 
F 5 HOH 11  183 183 HOH HOH A . 
F 5 HOH 12  184 184 HOH HOH A . 
F 5 HOH 13  185 185 HOH HOH A . 
F 5 HOH 14  186 186 HOH HOH A . 
F 5 HOH 15  187 187 HOH HOH A . 
F 5 HOH 16  188 188 HOH HOH A . 
F 5 HOH 17  189 189 HOH HOH A . 
F 5 HOH 18  190 190 HOH HOH A . 
F 5 HOH 19  191 191 HOH HOH A . 
F 5 HOH 20  192 192 HOH HOH A . 
F 5 HOH 21  193 193 HOH HOH A . 
F 5 HOH 22  194 194 HOH HOH A . 
F 5 HOH 23  195 195 HOH HOH A . 
F 5 HOH 24  196 196 HOH HOH A . 
F 5 HOH 25  198 198 HOH HOH A . 
F 5 HOH 26  200 200 HOH HOH A . 
F 5 HOH 27  201 201 HOH HOH A . 
F 5 HOH 28  202 202 HOH HOH A . 
F 5 HOH 29  203 203 HOH HOH A . 
F 5 HOH 30  204 204 HOH HOH A . 
F 5 HOH 31  207 207 HOH HOH A . 
F 5 HOH 32  208 208 HOH HOH A . 
F 5 HOH 33  209 209 HOH HOH A . 
F 5 HOH 34  210 210 HOH HOH A . 
F 5 HOH 35  211 211 HOH HOH A . 
F 5 HOH 36  213 213 HOH HOH A . 
F 5 HOH 37  214 214 HOH HOH A . 
F 5 HOH 38  215 215 HOH HOH A . 
F 5 HOH 39  216 216 HOH HOH A . 
F 5 HOH 40  217 217 HOH HOH A . 
F 5 HOH 41  218 218 HOH HOH A . 
F 5 HOH 42  219 219 HOH HOH A . 
F 5 HOH 43  220 220 HOH HOH A . 
F 5 HOH 44  221 221 HOH HOH A . 
F 5 HOH 45  222 222 HOH HOH A . 
F 5 HOH 46  223 223 HOH HOH A . 
F 5 HOH 47  224 224 HOH HOH A . 
F 5 HOH 48  225 225 HOH HOH A . 
F 5 HOH 49  226 226 HOH HOH A . 
F 5 HOH 50  227 227 HOH HOH A . 
F 5 HOH 51  229 229 HOH HOH A . 
F 5 HOH 52  230 230 HOH HOH A . 
F 5 HOH 53  231 231 HOH HOH A . 
F 5 HOH 54  232 232 HOH HOH A . 
F 5 HOH 55  233 233 HOH HOH A . 
F 5 HOH 56  235 235 HOH HOH A . 
F 5 HOH 57  236 236 HOH HOH A . 
F 5 HOH 58  237 237 HOH HOH A . 
F 5 HOH 59  238 238 HOH HOH A . 
F 5 HOH 60  239 239 HOH HOH A . 
F 5 HOH 61  240 240 HOH HOH A . 
F 5 HOH 62  242 242 HOH HOH A . 
F 5 HOH 63  244 244 HOH HOH A . 
F 5 HOH 64  245 245 HOH HOH A . 
F 5 HOH 65  246 246 HOH HOH A . 
F 5 HOH 66  247 247 HOH HOH A . 
F 5 HOH 67  248 248 HOH HOH A . 
F 5 HOH 68  249 249 HOH HOH A . 
F 5 HOH 69  250 250 HOH HOH A . 
F 5 HOH 70  251 251 HOH HOH A . 
F 5 HOH 71  253 253 HOH HOH A . 
F 5 HOH 72  256 256 HOH HOH A . 
F 5 HOH 73  258 258 HOH HOH A . 
F 5 HOH 74  259 259 HOH HOH A . 
F 5 HOH 75  261 261 HOH HOH A . 
F 5 HOH 76  266 266 HOH HOH A . 
F 5 HOH 77  267 267 HOH HOH A . 
F 5 HOH 78  268 268 HOH HOH A . 
F 5 HOH 79  269 269 HOH HOH A . 
F 5 HOH 80  270 270 HOH HOH A . 
F 5 HOH 81  271 271 HOH HOH A . 
F 5 HOH 82  272 272 HOH HOH A . 
F 5 HOH 83  273 273 HOH HOH A . 
F 5 HOH 84  274 274 HOH HOH A . 
F 5 HOH 85  277 277 HOH HOH A . 
F 5 HOH 86  278 278 HOH HOH A . 
F 5 HOH 87  279 279 HOH HOH A . 
F 5 HOH 88  280 280 HOH HOH A . 
F 5 HOH 89  281 281 HOH HOH A . 
F 5 HOH 90  282 282 HOH HOH A . 
F 5 HOH 91  283 283 HOH HOH A . 
F 5 HOH 92  284 284 HOH HOH A . 
F 5 HOH 93  286 286 HOH HOH A . 
F 5 HOH 94  288 288 HOH HOH A . 
F 5 HOH 95  292 292 HOH HOH A . 
F 5 HOH 96  293 293 HOH HOH A . 
F 5 HOH 97  295 295 HOH HOH A . 
F 5 HOH 98  296 296 HOH HOH A . 
F 5 HOH 99  298 298 HOH HOH A . 
F 5 HOH 100 299 299 HOH HOH A . 
F 5 HOH 101 300 300 HOH HOH A . 
F 5 HOH 102 301 301 HOH HOH A . 
F 5 HOH 103 303 303 HOH HOH A . 
F 5 HOH 104 306 306 HOH HOH A . 
F 5 HOH 105 308 308 HOH HOH A . 
F 5 HOH 106 311 311 HOH HOH A . 
F 5 HOH 107 312 312 HOH HOH A . 
F 5 HOH 108 313 313 HOH HOH A . 
F 5 HOH 109 314 314 HOH HOH A . 
F 5 HOH 110 317 317 HOH HOH A . 
F 5 HOH 111 321 321 HOH HOH A . 
F 5 HOH 112 323 323 HOH HOH A . 
F 5 HOH 113 324 324 HOH HOH A . 
F 5 HOH 114 325 325 HOH HOH A . 
F 5 HOH 115 326 326 HOH HOH A . 
F 5 HOH 116 328 328 HOH HOH A . 
# 
_software.name             TNT 
_software.classification   refinement 
_software.version          . 
_software.citation_id      ? 
_software.pdbx_ordinal     1 
# 
_cell.entry_id           183L 
_cell.length_a           60.700 
_cell.length_b           60.700 
_cell.length_c           97.200 
_cell.angle_alpha        90.00 
_cell.angle_beta         90.00 
_cell.angle_gamma        120.00 
_cell.Z_PDB              6 
_cell.pdbx_unique_axis   ? 
# 
_symmetry.entry_id                         183L 
_symmetry.space_group_name_H-M             'P 32 2 1' 
_symmetry.pdbx_full_space_group_name_H-M   ? 
_symmetry.cell_setting                     ? 
_symmetry.Int_Tables_number                154 
# 
_exptl.entry_id          183L 
_exptl.method            'X-RAY DIFFRACTION' 
_exptl.crystals_number   ? 
# 
_exptl_crystal.id                    1 
_exptl_crystal.density_meas          ? 
_exptl_crystal.density_Matthews      2.78 
_exptl_crystal.density_percent_sol   55.77 
_exptl_crystal.description           ? 
# 
_diffrn.id                     1 
_diffrn.ambient_temp           ? 
_diffrn.ambient_temp_details   ? 
_diffrn.crystal_id             1 
# 
_diffrn_radiation.diffrn_id                        1 
_diffrn_radiation.wavelength_id                    1 
_diffrn_radiation.pdbx_monochromatic_or_laue_m_l   ? 
_diffrn_radiation.monochromator                    ? 
_diffrn_radiation.pdbx_diffrn_protocol             ? 
_diffrn_radiation.pdbx_scattering_type             x-ray 
# 
_diffrn_radiation_wavelength.id           1 
_diffrn_radiation_wavelength.wavelength   . 
_diffrn_radiation_wavelength.wt           1.0 
# 
_refine.entry_id                                 183L 
_refine.ls_number_reflns_obs                     13459 
_refine.ls_number_reflns_all                     ? 
_refine.pdbx_ls_sigma_I                          ? 
_refine.pdbx_ls_sigma_F                          0.0 
_refine.pdbx_data_cutoff_high_absF               ? 
_refine.pdbx_data_cutoff_low_absF                ? 
_refine.pdbx_data_cutoff_high_rms_absF           ? 
_refine.ls_d_res_low                             20.0 
_refine.ls_d_res_high                            1.80 
_refine.ls_percent_reflns_obs                    ? 
_refine.ls_R_factor_obs                          0.1770000 
_refine.ls_R_factor_all                          ? 
_refine.ls_R_factor_R_work                       ? 
_refine.ls_R_factor_R_free                       ? 
_refine.ls_R_factor_R_free_error                 ? 
_refine.ls_R_factor_R_free_error_details         ? 
_refine.ls_percent_reflns_R_free                 ? 
_refine.ls_number_reflns_R_free                  ? 
_refine.ls_number_parameters                     ? 
_refine.ls_number_restraints                     ? 
_refine.occupancy_min                            ? 
_refine.occupancy_max                            ? 
_refine.B_iso_mean                               ? 
_refine.aniso_B[1][1]                            ? 
_refine.aniso_B[2][2]                            ? 
_refine.aniso_B[3][3]                            ? 
_refine.aniso_B[1][2]                            ? 
_refine.aniso_B[1][3]                            ? 
_refine.aniso_B[2][3]                            ? 
_refine.solvent_model_details                    ? 
_refine.solvent_model_param_ksol                 ? 
_refine.solvent_model_param_bsol                 ? 
_refine.pdbx_ls_cross_valid_method               ? 
_refine.details                                  ? 
_refine.pdbx_starting_model                      ? 
_refine.pdbx_method_to_determine_struct          ? 
_refine.pdbx_isotropic_thermal_model             ? 
_refine.pdbx_stereochemistry_target_values       ? 
_refine.pdbx_stereochem_target_val_spec_case     ? 
_refine.pdbx_R_Free_selection_details            ? 
_refine.pdbx_overall_ESU_R                       ? 
_refine.pdbx_overall_ESU_R_Free                  ? 
_refine.overall_SU_ML                            ? 
_refine.overall_SU_B                             ? 
_refine.pdbx_refine_id                           'X-RAY DIFFRACTION' 
_refine.pdbx_diffrn_id                           1 
_refine.pdbx_TLS_residual_ADP_flag               ? 
_refine.correlation_coeff_Fo_to_Fc               ? 
_refine.correlation_coeff_Fo_to_Fc_free          ? 
_refine.pdbx_solvent_vdw_probe_radii             ? 
_refine.pdbx_solvent_ion_probe_radii             ? 
_refine.pdbx_solvent_shrinkage_radii             ? 
_refine.pdbx_overall_phase_error                 ? 
_refine.overall_SU_R_Cruickshank_DPI             ? 
_refine.pdbx_overall_SU_R_free_Cruickshank_DPI   ? 
_refine.pdbx_overall_SU_R_Blow_DPI               ? 
_refine.pdbx_overall_SU_R_free_Blow_DPI          ? 
# 
_refine_hist.pdbx_refine_id                   'X-RAY DIFFRACTION' 
_refine_hist.cycle_id                         LAST 
_refine_hist.pdbx_number_atoms_protein        1289 
_refine_hist.pdbx_number_atoms_nucleic_acid   0 
_refine_hist.pdbx_number_atoms_ligand         19 
_refine_hist.number_atoms_solvent             116 
_refine_hist.number_atoms_total               1424 
_refine_hist.d_res_high                       1.80 
_refine_hist.d_res_low                        20.0 
# 
loop_
_refine_ls_restr.type 
_refine_ls_restr.dev_ideal 
_refine_ls_restr.dev_ideal_target 
_refine_ls_restr.weight 
_refine_ls_restr.number 
_refine_ls_restr.pdbx_refine_id 
_refine_ls_restr.pdbx_restraint_function 
t_bond_d           0.017 ? ? ? 'X-RAY DIFFRACTION' ? 
t_angle_deg        2.3   ? ? ? 'X-RAY DIFFRACTION' ? 
t_dihedral_angle_d ?     ? ? ? 'X-RAY DIFFRACTION' ? 
t_incorr_chiral_ct ?     ? ? ? 'X-RAY DIFFRACTION' ? 
t_pseud_angle      ?     ? ? ? 'X-RAY DIFFRACTION' ? 
t_trig_c_planes    ?     ? ? ? 'X-RAY DIFFRACTION' ? 
t_gen_planes       ?     ? ? ? 'X-RAY DIFFRACTION' ? 
t_it               ?     ? ? ? 'X-RAY DIFFRACTION' ? 
t_nbd              ?     ? ? ? 'X-RAY DIFFRACTION' ? 
# 
_struct.entry_id                  183L 
_struct.title                     
'SPECIFICITY OF LIGAND BINDING IN A BURIED NON-POLAR CAVITY OF T4 LYSOZYME: LINKAGE OF DYNAMICS AND STRUCTURAL PLASTICITY' 
_struct.pdbx_model_details        ? 
_struct.pdbx_CASP_flag            ? 
_struct.pdbx_model_type_details   ? 
# 
_struct_keywords.entry_id        183L 
_struct_keywords.pdbx_keywords   'HYDROLASE (O-GLYCOSYL)' 
_struct_keywords.text            'HYDROLASE (O-GLYCOSYL)' 
# 
loop_
_struct_asym.id 
_struct_asym.pdbx_blank_PDB_chainid_flag 
_struct_asym.pdbx_modified 
_struct_asym.entity_id 
_struct_asym.details 
A N N 1 ? 
B N N 2 ? 
C N N 2 ? 
D N N 3 ? 
E N N 4 ? 
F N N 5 ? 
# 
_struct_ref.id                         1 
_struct_ref.db_name                    UNP 
_struct_ref.db_code                    LYS_BPT4 
_struct_ref.entity_id                  1 
_struct_ref.pdbx_db_accession          P00720 
_struct_ref.pdbx_align_begin           1 
_struct_ref.pdbx_seq_one_letter_code   
;MNIFEMLRIDEGLRLKIYKDTEGYYTIGIGHLLTKSPSLNAAKSELDKAIGRNCNGVITKDEAEKLFNQDVDAAVRGILR
NAKLKPVYDSLDAVRRCALINMVFQMGETGVAGFTNSLRMLQQKRWDEAAVNLAKSRWYNQTPNRAKRVITTFRTGTWDA
YKNL
;
_struct_ref.pdbx_db_isoform            ? 
# 
_struct_ref_seq.align_id                      1 
_struct_ref_seq.ref_id                        1 
_struct_ref_seq.pdbx_PDB_id_code              183L 
_struct_ref_seq.pdbx_strand_id                A 
_struct_ref_seq.seq_align_beg                 1 
_struct_ref_seq.pdbx_seq_align_beg_ins_code   ? 
_struct_ref_seq.seq_align_end                 164 
_struct_ref_seq.pdbx_seq_align_end_ins_code   ? 
_struct_ref_seq.pdbx_db_accession             P00720 
_struct_ref_seq.db_align_beg                  1 
_struct_ref_seq.pdbx_db_align_beg_ins_code    ? 
_struct_ref_seq.db_align_end                  164 
_struct_ref_seq.pdbx_db_align_end_ins_code    ? 
_struct_ref_seq.pdbx_auth_seq_align_beg       1 
_struct_ref_seq.pdbx_auth_seq_align_end       164 
# 
loop_
_struct_ref_seq_dif.align_id 
_struct_ref_seq_dif.pdbx_pdb_id_code 
_struct_ref_seq_dif.mon_id 
_struct_ref_seq_dif.pdbx_pdb_strand_id 
_struct_ref_seq_dif.seq_num 
_struct_ref_seq_dif.pdbx_pdb_ins_code 
_struct_ref_seq_dif.pdbx_seq_db_name 
_struct_ref_seq_dif.pdbx_seq_db_accession_code 
_struct_ref_seq_dif.db_mon_id 
_struct_ref_seq_dif.pdbx_seq_db_seq_num 
_struct_ref_seq_dif.details 
_struct_ref_seq_dif.pdbx_auth_seq_num 
_struct_ref_seq_dif.pdbx_ordinal 
1 183L THR A 54 ? UNP P00720 CYS 54 conflict 54 1 
1 183L ALA A 97 ? UNP P00720 CYS 97 conflict 97 2 
1 183L ALA A 99 ? UNP P00720 LEU 99 conflict 99 3 
# 
_pdbx_struct_assembly.id                   1 
_pdbx_struct_assembly.details              author_defined_assembly 
_pdbx_struct_assembly.method_details       ? 
_pdbx_struct_assembly.oligomeric_details   monomeric 
_pdbx_struct_assembly.oligomeric_count     1 
# 
_pdbx_struct_assembly_gen.assembly_id       1 
_pdbx_struct_assembly_gen.oper_expression   1 
_pdbx_struct_assembly_gen.asym_id_list      A,B,C,D,E,F 
# 
_pdbx_struct_oper_list.id                   1 
_pdbx_struct_oper_list.type                 'identity operation' 
_pdbx_struct_oper_list.name                 1_555 
_pdbx_struct_oper_list.symmetry_operation   x,y,z 
_pdbx_struct_oper_list.matrix[1][1]         1.0000000000 
_pdbx_struct_oper_list.matrix[1][2]         0.0000000000 
_pdbx_struct_oper_list.matrix[1][3]         0.0000000000 
_pdbx_struct_oper_list.vector[1]            0.0000000000 
_pdbx_struct_oper_list.matrix[2][1]         0.0000000000 
_pdbx_struct_oper_list.matrix[2][2]         1.0000000000 
_pdbx_struct_oper_list.matrix[2][3]         0.0000000000 
_pdbx_struct_oper_list.vector[2]            0.0000000000 
_pdbx_struct_oper_list.matrix[3][1]         0.0000000000 
_pdbx_struct_oper_list.matrix[3][2]         0.0000000000 
_pdbx_struct_oper_list.matrix[3][3]         1.0000000000 
_pdbx_struct_oper_list.vector[3]            0.0000000000 
# 
_struct_biol.id   1 
# 
loop_
_struct_conf.conf_type_id 
_struct_conf.id 
_struct_conf.pdbx_PDB_helix_id 
_struct_conf.beg_label_comp_id 
_struct_conf.beg_label_asym_id 
_struct_conf.beg_label_seq_id 
_struct_conf.pdbx_beg_PDB_ins_code 
_struct_conf.end_label_comp_id 
_struct_conf.end_label_asym_id 
_struct_conf.end_label_seq_id 
_struct_conf.pdbx_end_PDB_ins_code 
_struct_conf.beg_auth_comp_id 
_struct_conf.beg_auth_asym_id 
_struct_conf.beg_auth_seq_id 
_struct_conf.end_auth_comp_id 
_struct_conf.end_auth_asym_id 
_struct_conf.end_auth_seq_id 
_struct_conf.pdbx_PDB_helix_class 
_struct_conf.details 
_struct_conf.pdbx_PDB_helix_length 
HELX_P HELX_P1  H1  ILE A 3   ? GLU A 11  ? ILE A 3   GLU A 11  1 ?                        9  
HELX_P HELX_P2  H2  LEU A 39  ? ILE A 50  ? LEU A 39  ILE A 50  1 ?                        12 
HELX_P HELX_P3  H3  LYS A 60  ? ARG A 80  ? LYS A 60  ARG A 80  1 ?                        21 
HELX_P HELX_P4  H4  ALA A 82  ? SER A 90  ? ALA A 82  SER A 90  1 ?                        9  
HELX_P HELX_P5  H5  ALA A 93  ? MET A 106 ? ALA A 93  MET A 106 1 ?                        14 
HELX_P HELX_P6  H6  GLU A 108 ? GLY A 113 ? GLU A 108 GLY A 113 1 'SEE REF. 1 FOR DETAILS' 6  
HELX_P HELX_P7  H7  THR A 115 ? GLN A 123 ? THR A 115 GLN A 123 1 ?                        9  
HELX_P HELX_P8  H8  TRP A 126 ? ALA A 134 ? TRP A 126 ALA A 134 1 ?                        9  
HELX_P HELX_P9  H9  ARG A 137 ? GLN A 141 ? ARG A 137 GLN A 141 1 ?                        5  
HELX_P HELX_P10 H10 PRO A 143 ? THR A 155 ? PRO A 143 THR A 155 1 ?                        13 
# 
_struct_conf_type.id          HELX_P 
_struct_conf_type.criteria    ? 
_struct_conf_type.reference   ? 
# 
_struct_sheet.id               A 
_struct_sheet.type             ? 
_struct_sheet.number_strands   2 
_struct_sheet.details          ? 
# 
_struct_sheet_order.sheet_id     A 
_struct_sheet_order.range_id_1   1 
_struct_sheet_order.range_id_2   2 
_struct_sheet_order.offset       ? 
_struct_sheet_order.sense        anti-parallel 
# 
loop_
_struct_sheet_range.sheet_id 
_struct_sheet_range.id 
_struct_sheet_range.beg_label_comp_id 
_struct_sheet_range.beg_label_asym_id 
_struct_sheet_range.beg_label_seq_id 
_struct_sheet_range.pdbx_beg_PDB_ins_code 
_struct_sheet_range.end_label_comp_id 
_struct_sheet_range.end_label_asym_id 
_struct_sheet_range.end_label_seq_id 
_struct_sheet_range.pdbx_end_PDB_ins_code 
_struct_sheet_range.beg_auth_comp_id 
_struct_sheet_range.beg_auth_asym_id 
_struct_sheet_range.beg_auth_seq_id 
_struct_sheet_range.end_auth_comp_id 
_struct_sheet_range.end_auth_asym_id 
_struct_sheet_range.end_auth_seq_id 
A 1 TYR A 25 ? ILE A 27 ? TYR A 25 ILE A 27 
A 2 HIS A 31 ? THR A 34 ? HIS A 31 THR A 34 
# 
_pdbx_struct_sheet_hbond.sheet_id                A 
_pdbx_struct_sheet_hbond.range_id_1              1 
_pdbx_struct_sheet_hbond.range_id_2              2 
_pdbx_struct_sheet_hbond.range_1_label_atom_id   O 
_pdbx_struct_sheet_hbond.range_1_label_comp_id   TYR 
_pdbx_struct_sheet_hbond.range_1_label_asym_id   A 
_pdbx_struct_sheet_hbond.range_1_label_seq_id    25 
_pdbx_struct_sheet_hbond.range_1_PDB_ins_code    ? 
_pdbx_struct_sheet_hbond.range_1_auth_atom_id    O 
_pdbx_struct_sheet_hbond.range_1_auth_comp_id    TYR 
_pdbx_struct_sheet_hbond.range_1_auth_asym_id    A 
_pdbx_struct_sheet_hbond.range_1_auth_seq_id     25 
_pdbx_struct_sheet_hbond.range_2_label_atom_id   N 
_pdbx_struct_sheet_hbond.range_2_label_comp_id   THR 
_pdbx_struct_sheet_hbond.range_2_label_asym_id   A 
_pdbx_struct_sheet_hbond.range_2_label_seq_id    34 
_pdbx_struct_sheet_hbond.range_2_PDB_ins_code    ? 
_pdbx_struct_sheet_hbond.range_2_auth_atom_id    N 
_pdbx_struct_sheet_hbond.range_2_auth_comp_id    THR 
_pdbx_struct_sheet_hbond.range_2_auth_asym_id    A 
_pdbx_struct_sheet_hbond.range_2_auth_seq_id     34 
# 
loop_
_struct_site.id 
_struct_site.pdbx_evidence_code 
_struct_site.pdbx_auth_asym_id 
_struct_site.pdbx_auth_comp_id 
_struct_site.pdbx_auth_seq_id 
_struct_site.pdbx_auth_ins_code 
_struct_site.pdbx_num_residues 
_struct_site.details 
99A Unknown  ? ?   ?   ? 17 ?                                    
AC1 Software A CL  173 ? 5  'BINDING SITE FOR RESIDUE CL A 173'  
AC2 Software A CL  178 ? 1  'BINDING SITE FOR RESIDUE CL A 178'  
AC3 Software A HED 170 ? 2  'BINDING SITE FOR RESIDUE HED A 170' 
AC4 Software A DEN 400 ? 6  'BINDING SITE FOR RESIDUE DEN A 400' 
# 
loop_
_struct_site_gen.id 
_struct_site_gen.site_id 
_struct_site_gen.pdbx_num_res 
_struct_site_gen.label_comp_id 
_struct_site_gen.label_asym_id 
_struct_site_gen.label_seq_id 
_struct_site_gen.pdbx_auth_ins_code 
_struct_site_gen.auth_comp_id 
_struct_site_gen.auth_asym_id 
_struct_site_gen.auth_seq_id 
_struct_site_gen.label_atom_id 
_struct_site_gen.label_alt_id 
_struct_site_gen.symmetry 
_struct_site_gen.details 
1  99A 17 ILE A 78  ? ILE A 78  . ? 1_555 ? 
2  99A 17 LEU A 84  ? LEU A 84  . ? 1_555 ? 
3  99A 17 VAL A 87  ? VAL A 87  . ? 1_555 ? 
4  99A 17 TYR A 88  ? TYR A 88  . ? 1_555 ? 
5  99A 17 ALA A 99  ? ALA A 99  . ? 1_555 ? 
6  99A 17 MET A 102 ? MET A 102 . ? 1_555 ? 
7  99A 17 VAL A 103 ? VAL A 103 . ? 1_555 ? 
8  99A 17 THR A 109 ? THR A 109 . ? 1_555 ? 
9  99A 17 GLY A 110 ? GLY A 110 . ? 1_555 ? 
10 99A 17 VAL A 111 ? VAL A 111 . ? 1_555 ? 
11 99A 17 ALA A 112 ? ALA A 112 . ? 1_555 ? 
12 99A 17 GLY A 113 ? GLY A 113 . ? 1_555 ? 
13 99A 17 PHE A 114 ? PHE A 114 . ? 1_555 ? 
14 99A 17 LEU A 118 ? LEU A 118 . ? 1_555 ? 
15 99A 17 LEU A 121 ? LEU A 121 . ? 1_555 ? 
16 99A 17 LEU A 133 ? LEU A 133 . ? 1_555 ? 
17 99A 17 PHE A 153 ? PHE A 153 . ? 1_555 ? 
18 AC1 5  LYS A 124 ? LYS A 124 . ? 4_655 ? 
19 AC1 5  THR A 142 ? THR A 142 . ? 1_555 ? 
20 AC1 5  ASN A 144 ? ASN A 144 . ? 1_555 ? 
21 AC1 5  ARG A 145 ? ARG A 145 . ? 1_555 ? 
22 AC1 5  HOH F .   ? HOH A 209 . ? 1_555 ? 
23 AC2 1  HOH F .   ? HOH A 215 . ? 1_555 ? 
24 AC3 2  ASP A 72  ? ASP A 72  . ? 5_555 ? 
25 AC3 2  ALA A 93  ? ALA A 93  . ? 1_555 ? 
26 AC4 6  LEU A 84  ? LEU A 84  . ? 1_555 ? 
27 AC4 6  VAL A 87  ? VAL A 87  . ? 1_555 ? 
28 AC4 6  TYR A 88  ? TYR A 88  . ? 1_555 ? 
29 AC4 6  ALA A 99  ? ALA A 99  . ? 1_555 ? 
30 AC4 6  VAL A 111 ? VAL A 111 . ? 1_555 ? 
31 AC4 6  LEU A 118 ? LEU A 118 . ? 1_555 ? 
# 
_pdbx_validate_symm_contact.id                1 
_pdbx_validate_symm_contact.PDB_model_num     1 
_pdbx_validate_symm_contact.auth_atom_id_1    O1 
_pdbx_validate_symm_contact.auth_asym_id_1    A 
_pdbx_validate_symm_contact.auth_comp_id_1    HED 
_pdbx_validate_symm_contact.auth_seq_id_1     170 
_pdbx_validate_symm_contact.PDB_ins_code_1    ? 
_pdbx_validate_symm_contact.label_alt_id_1    ? 
_pdbx_validate_symm_contact.site_symmetry_1   1_555 
_pdbx_validate_symm_contact.auth_atom_id_2    O1 
_pdbx_validate_symm_contact.auth_asym_id_2    A 
_pdbx_validate_symm_contact.auth_comp_id_2    HED 
_pdbx_validate_symm_contact.auth_seq_id_2     170 
_pdbx_validate_symm_contact.PDB_ins_code_2    ? 
_pdbx_validate_symm_contact.label_alt_id_2    ? 
_pdbx_validate_symm_contact.site_symmetry_2   5_555 
_pdbx_validate_symm_contact.dist              1.77 
# 
_pdbx_validate_rmsd_bond.id                        1 
_pdbx_validate_rmsd_bond.PDB_model_num             1 
_pdbx_validate_rmsd_bond.auth_atom_id_1            CD 
_pdbx_validate_rmsd_bond.auth_asym_id_1            A 
_pdbx_validate_rmsd_bond.auth_comp_id_1            GLU 
_pdbx_validate_rmsd_bond.auth_seq_id_1             128 
_pdbx_validate_rmsd_bond.PDB_ins_code_1            ? 
_pdbx_validate_rmsd_bond.label_alt_id_1            ? 
_pdbx_validate_rmsd_bond.auth_atom_id_2            OE1 
_pdbx_validate_rmsd_bond.auth_asym_id_2            A 
_pdbx_validate_rmsd_bond.auth_comp_id_2            GLU 
_pdbx_validate_rmsd_bond.auth_seq_id_2             128 
_pdbx_validate_rmsd_bond.PDB_ins_code_2            ? 
_pdbx_validate_rmsd_bond.label_alt_id_2            ? 
_pdbx_validate_rmsd_bond.bond_value                1.319 
_pdbx_validate_rmsd_bond.bond_target_value         1.252 
_pdbx_validate_rmsd_bond.bond_deviation            0.067 
_pdbx_validate_rmsd_bond.bond_standard_deviation   0.011 
_pdbx_validate_rmsd_bond.linker_flag               N 
# 
loop_
_pdbx_validate_rmsd_angle.id 
_pdbx_validate_rmsd_angle.PDB_model_num 
_pdbx_validate_rmsd_angle.auth_atom_id_1 
_pdbx_validate_rmsd_angle.auth_asym_id_1 
_pdbx_validate_rmsd_angle.auth_comp_id_1 
_pdbx_validate_rmsd_angle.auth_seq_id_1 
_pdbx_validate_rmsd_angle.PDB_ins_code_1 
_pdbx_validate_rmsd_angle.label_alt_id_1 
_pdbx_validate_rmsd_angle.auth_atom_id_2 
_pdbx_validate_rmsd_angle.auth_asym_id_2 
_pdbx_validate_rmsd_angle.auth_comp_id_2 
_pdbx_validate_rmsd_angle.auth_seq_id_2 
_pdbx_validate_rmsd_angle.PDB_ins_code_2 
_pdbx_validate_rmsd_angle.label_alt_id_2 
_pdbx_validate_rmsd_angle.auth_atom_id_3 
_pdbx_validate_rmsd_angle.auth_asym_id_3 
_pdbx_validate_rmsd_angle.auth_comp_id_3 
_pdbx_validate_rmsd_angle.auth_seq_id_3 
_pdbx_validate_rmsd_angle.PDB_ins_code_3 
_pdbx_validate_rmsd_angle.label_alt_id_3 
_pdbx_validate_rmsd_angle.angle_value 
_pdbx_validate_rmsd_angle.angle_target_value 
_pdbx_validate_rmsd_angle.angle_deviation 
_pdbx_validate_rmsd_angle.angle_standard_deviation 
_pdbx_validate_rmsd_angle.linker_flag 
1  1 CB A ASP 10  ? ? CG A ASP 10  ? ? OD2 A ASP 10  ? ? 112.52 118.30 -5.78 0.90 N 
2  1 CB A ASP 20  ? ? CG A ASP 20  ? ? OD1 A ASP 20  ? ? 112.50 118.30 -5.80 0.90 N 
3  1 CB A ASP 47  ? ? CG A ASP 47  ? ? OD1 A ASP 47  ? ? 126.46 118.30 8.16  0.90 N 
4  1 CB A ASP 47  ? ? CG A ASP 47  ? ? OD2 A ASP 47  ? ? 111.63 118.30 -6.67 0.90 N 
5  1 CB A ASP 70  ? ? CG A ASP 70  ? ? OD2 A ASP 70  ? ? 111.66 118.30 -6.64 0.90 N 
6  1 CB A ASP 72  ? ? CG A ASP 72  ? ? OD1 A ASP 72  ? ? 109.33 118.30 -8.97 0.90 N 
7  1 CB A ASP 72  ? ? CG A ASP 72  ? ? OD2 A ASP 72  ? ? 123.95 118.30 5.65  0.90 N 
8  1 NE A ARG 76  ? ? CZ A ARG 76  ? ? NH2 A ARG 76  ? ? 117.26 120.30 -3.04 0.50 N 
9  1 NE A ARG 80  ? ? CZ A ARG 80  ? ? NH1 A ARG 80  ? ? 124.76 120.30 4.46  0.50 N 
10 1 CB A ASP 92  ? ? CG A ASP 92  ? ? OD1 A ASP 92  ? ? 112.14 118.30 -6.16 0.90 N 
11 1 NE A ARG 125 ? ? CZ A ARG 125 ? ? NH1 A ARG 125 ? ? 123.89 120.30 3.59  0.50 N 
12 1 CB A ASP 127 ? ? CG A ASP 127 ? ? OD1 A ASP 127 ? ? 126.43 118.30 8.13  0.90 N 
13 1 CB A ASP 127 ? ? CG A ASP 127 ? ? OD2 A ASP 127 ? ? 112.25 118.30 -6.05 0.90 N 
# 
_pdbx_validate_torsion.id              1 
_pdbx_validate_torsion.PDB_model_num   1 
_pdbx_validate_torsion.auth_comp_id    ILE 
_pdbx_validate_torsion.auth_asym_id    A 
_pdbx_validate_torsion.auth_seq_id     29 
_pdbx_validate_torsion.PDB_ins_code    ? 
_pdbx_validate_torsion.label_alt_id    ? 
_pdbx_validate_torsion.phi             -102.57 
_pdbx_validate_torsion.psi             73.16 
# 
loop_
_pdbx_unobs_or_zero_occ_residues.id 
_pdbx_unobs_or_zero_occ_residues.PDB_model_num 
_pdbx_unobs_or_zero_occ_residues.polymer_flag 
_pdbx_unobs_or_zero_occ_residues.occupancy_flag 
_pdbx_unobs_or_zero_occ_residues.auth_asym_id 
_pdbx_unobs_or_zero_occ_residues.auth_comp_id 
_pdbx_unobs_or_zero_occ_residues.auth_seq_id 
_pdbx_unobs_or_zero_occ_residues.PDB_ins_code 
_pdbx_unobs_or_zero_occ_residues.label_asym_id 
_pdbx_unobs_or_zero_occ_residues.label_comp_id 
_pdbx_unobs_or_zero_occ_residues.label_seq_id 
1 1 Y 1 A ASN 163 ? A ASN 163 
2 1 Y 1 A LEU 164 ? A LEU 164 
# 
loop_
_chem_comp_atom.comp_id 
_chem_comp_atom.atom_id 
_chem_comp_atom.type_symbol 
_chem_comp_atom.pdbx_aromatic_flag 
_chem_comp_atom.pdbx_stereo_config 
_chem_comp_atom.pdbx_ordinal 
ALA N    N  N N 1   
ALA CA   C  N S 2   
ALA C    C  N N 3   
ALA O    O  N N 4   
ALA CB   C  N N 5   
ALA OXT  O  N N 6   
ALA H    H  N N 7   
ALA H2   H  N N 8   
ALA HA   H  N N 9   
ALA HB1  H  N N 10  
ALA HB2  H  N N 11  
ALA HB3  H  N N 12  
ALA HXT  H  N N 13  
ARG N    N  N N 14  
ARG CA   C  N S 15  
ARG C    C  N N 16  
ARG O    O  N N 17  
ARG CB   C  N N 18  
ARG CG   C  N N 19  
ARG CD   C  N N 20  
ARG NE   N  N N 21  
ARG CZ   C  N N 22  
ARG NH1  N  N N 23  
ARG NH2  N  N N 24  
ARG OXT  O  N N 25  
ARG H    H  N N 26  
ARG H2   H  N N 27  
ARG HA   H  N N 28  
ARG HB2  H  N N 29  
ARG HB3  H  N N 30  
ARG HG2  H  N N 31  
ARG HG3  H  N N 32  
ARG HD2  H  N N 33  
ARG HD3  H  N N 34  
ARG HE   H  N N 35  
ARG HH11 H  N N 36  
ARG HH12 H  N N 37  
ARG HH21 H  N N 38  
ARG HH22 H  N N 39  
ARG HXT  H  N N 40  
ASN N    N  N N 41  
ASN CA   C  N S 42  
ASN C    C  N N 43  
ASN O    O  N N 44  
ASN CB   C  N N 45  
ASN CG   C  N N 46  
ASN OD1  O  N N 47  
ASN ND2  N  N N 48  
ASN OXT  O  N N 49  
ASN H    H  N N 50  
ASN H2   H  N N 51  
ASN HA   H  N N 52  
ASN HB2  H  N N 53  
ASN HB3  H  N N 54  
ASN HD21 H  N N 55  
ASN HD22 H  N N 56  
ASN HXT  H  N N 57  
ASP N    N  N N 58  
ASP CA   C  N S 59  
ASP C    C  N N 60  
ASP O    O  N N 61  
ASP CB   C  N N 62  
ASP CG   C  N N 63  
ASP OD1  O  N N 64  
ASP OD2  O  N N 65  
ASP OXT  O  N N 66  
ASP H    H  N N 67  
ASP H2   H  N N 68  
ASP HA   H  N N 69  
ASP HB2  H  N N 70  
ASP HB3  H  N N 71  
ASP HD2  H  N N 72  
ASP HXT  H  N N 73  
CL  CL   CL N N 74  
CYS N    N  N N 75  
CYS CA   C  N R 76  
CYS C    C  N N 77  
CYS O    O  N N 78  
CYS CB   C  N N 79  
CYS SG   S  N N 80  
CYS OXT  O  N N 81  
CYS H    H  N N 82  
CYS H2   H  N N 83  
CYS HA   H  N N 84  
CYS HB2  H  N N 85  
CYS HB3  H  N N 86  
CYS HG   H  N N 87  
CYS HXT  H  N N 88  
DEN C1   C  N N 89  
DEN C2   C  N N 90  
DEN C3   C  N N 91  
DEN C4   C  Y N 92  
DEN C5   C  Y N 93  
DEN C6   C  Y N 94  
DEN C7   C  Y N 95  
DEN C8   C  Y N 96  
DEN C9   C  Y N 97  
DEN H11  H  N N 98  
DEN H12  H  N N 99  
DEN H2   H  N N 100 
DEN H3   H  N N 101 
DEN H4   H  N N 102 
DEN H5   H  N N 103 
DEN H6   H  N N 104 
DEN H7   H  N N 105 
GLN N    N  N N 106 
GLN CA   C  N S 107 
GLN C    C  N N 108 
GLN O    O  N N 109 
GLN CB   C  N N 110 
GLN CG   C  N N 111 
GLN CD   C  N N 112 
GLN OE1  O  N N 113 
GLN NE2  N  N N 114 
GLN OXT  O  N N 115 
GLN H    H  N N 116 
GLN H2   H  N N 117 
GLN HA   H  N N 118 
GLN HB2  H  N N 119 
GLN HB3  H  N N 120 
GLN HG2  H  N N 121 
GLN HG3  H  N N 122 
GLN HE21 H  N N 123 
GLN HE22 H  N N 124 
GLN HXT  H  N N 125 
GLU N    N  N N 126 
GLU CA   C  N S 127 
GLU C    C  N N 128 
GLU O    O  N N 129 
GLU CB   C  N N 130 
GLU CG   C  N N 131 
GLU CD   C  N N 132 
GLU OE1  O  N N 133 
GLU OE2  O  N N 134 
GLU OXT  O  N N 135 
GLU H    H  N N 136 
GLU H2   H  N N 137 
GLU HA   H  N N 138 
GLU HB2  H  N N 139 
GLU HB3  H  N N 140 
GLU HG2  H  N N 141 
GLU HG3  H  N N 142 
GLU HE2  H  N N 143 
GLU HXT  H  N N 144 
GLY N    N  N N 145 
GLY CA   C  N N 146 
GLY C    C  N N 147 
GLY O    O  N N 148 
GLY OXT  O  N N 149 
GLY H    H  N N 150 
GLY H2   H  N N 151 
GLY HA2  H  N N 152 
GLY HA3  H  N N 153 
GLY HXT  H  N N 154 
HED C1   C  N N 155 
HED O1   O  N N 156 
HED C2   C  N N 157 
HED S3   S  N N 158 
HED S4   S  N N 159 
HED C5   C  N N 160 
HED C6   C  N N 161 
HED O6   O  N N 162 
HED H11  H  N N 163 
HED H12  H  N N 164 
HED HO1  H  N N 165 
HED H21  H  N N 166 
HED H22  H  N N 167 
HED H51  H  N N 168 
HED H52  H  N N 169 
HED H61  H  N N 170 
HED H62  H  N N 171 
HED HO6  H  N N 172 
HIS N    N  N N 173 
HIS CA   C  N S 174 
HIS C    C  N N 175 
HIS O    O  N N 176 
HIS CB   C  N N 177 
HIS CG   C  Y N 178 
HIS ND1  N  Y N 179 
HIS CD2  C  Y N 180 
HIS CE1  C  Y N 181 
HIS NE2  N  Y N 182 
HIS OXT  O  N N 183 
HIS H    H  N N 184 
HIS H2   H  N N 185 
HIS HA   H  N N 186 
HIS HB2  H  N N 187 
HIS HB3  H  N N 188 
HIS HD1  H  N N 189 
HIS HD2  H  N N 190 
HIS HE1  H  N N 191 
HIS HE2  H  N N 192 
HIS HXT  H  N N 193 
HOH O    O  N N 194 
HOH H1   H  N N 195 
HOH H2   H  N N 196 
ILE N    N  N N 197 
ILE CA   C  N S 198 
ILE C    C  N N 199 
ILE O    O  N N 200 
ILE CB   C  N S 201 
ILE CG1  C  N N 202 
ILE CG2  C  N N 203 
ILE CD1  C  N N 204 
ILE OXT  O  N N 205 
ILE H    H  N N 206 
ILE H2   H  N N 207 
ILE HA   H  N N 208 
ILE HB   H  N N 209 
ILE HG12 H  N N 210 
ILE HG13 H  N N 211 
ILE HG21 H  N N 212 
ILE HG22 H  N N 213 
ILE HG23 H  N N 214 
ILE HD11 H  N N 215 
ILE HD12 H  N N 216 
ILE HD13 H  N N 217 
ILE HXT  H  N N 218 
LEU N    N  N N 219 
LEU CA   C  N S 220 
LEU C    C  N N 221 
LEU O    O  N N 222 
LEU CB   C  N N 223 
LEU CG   C  N N 224 
LEU CD1  C  N N 225 
LEU CD2  C  N N 226 
LEU OXT  O  N N 227 
LEU H    H  N N 228 
LEU H2   H  N N 229 
LEU HA   H  N N 230 
LEU HB2  H  N N 231 
LEU HB3  H  N N 232 
LEU HG   H  N N 233 
LEU HD11 H  N N 234 
LEU HD12 H  N N 235 
LEU HD13 H  N N 236 
LEU HD21 H  N N 237 
LEU HD22 H  N N 238 
LEU HD23 H  N N 239 
LEU HXT  H  N N 240 
LYS N    N  N N 241 
LYS CA   C  N S 242 
LYS C    C  N N 243 
LYS O    O  N N 244 
LYS CB   C  N N 245 
LYS CG   C  N N 246 
LYS CD   C  N N 247 
LYS CE   C  N N 248 
LYS NZ   N  N N 249 
LYS OXT  O  N N 250 
LYS H    H  N N 251 
LYS H2   H  N N 252 
LYS HA   H  N N 253 
LYS HB2  H  N N 254 
LYS HB3  H  N N 255 
LYS HG2  H  N N 256 
LYS HG3  H  N N 257 
LYS HD2  H  N N 258 
LYS HD3  H  N N 259 
LYS HE2  H  N N 260 
LYS HE3  H  N N 261 
LYS HZ1  H  N N 262 
LYS HZ2  H  N N 263 
LYS HZ3  H  N N 264 
LYS HXT  H  N N 265 
MET N    N  N N 266 
MET CA   C  N S 267 
MET C    C  N N 268 
MET O    O  N N 269 
MET CB   C  N N 270 
MET CG   C  N N 271 
MET SD   S  N N 272 
MET CE   C  N N 273 
MET OXT  O  N N 274 
MET H    H  N N 275 
MET H2   H  N N 276 
MET HA   H  N N 277 
MET HB2  H  N N 278 
MET HB3  H  N N 279 
MET HG2  H  N N 280 
MET HG3  H  N N 281 
MET HE1  H  N N 282 
MET HE2  H  N N 283 
MET HE3  H  N N 284 
MET HXT  H  N N 285 
PHE N    N  N N 286 
PHE CA   C  N S 287 
PHE C    C  N N 288 
PHE O    O  N N 289 
PHE CB   C  N N 290 
PHE CG   C  Y N 291 
PHE CD1  C  Y N 292 
PHE CD2  C  Y N 293 
PHE CE1  C  Y N 294 
PHE CE2  C  Y N 295 
PHE CZ   C  Y N 296 
PHE OXT  O  N N 297 
PHE H    H  N N 298 
PHE H2   H  N N 299 
PHE HA   H  N N 300 
PHE HB2  H  N N 301 
PHE HB3  H  N N 302 
PHE HD1  H  N N 303 
PHE HD2  H  N N 304 
PHE HE1  H  N N 305 
PHE HE2  H  N N 306 
PHE HZ   H  N N 307 
PHE HXT  H  N N 308 
PRO N    N  N N 309 
PRO CA   C  N S 310 
PRO C    C  N N 311 
PRO O    O  N N 312 
PRO CB   C  N N 313 
PRO CG   C  N N 314 
PRO CD   C  N N 315 
PRO OXT  O  N N 316 
PRO H    H  N N 317 
PRO HA   H  N N 318 
PRO HB2  H  N N 319 
PRO HB3  H  N N 320 
PRO HG2  H  N N 321 
PRO HG3  H  N N 322 
PRO HD2  H  N N 323 
PRO HD3  H  N N 324 
PRO HXT  H  N N 325 
SER N    N  N N 326 
SER CA   C  N S 327 
SER C    C  N N 328 
SER O    O  N N 329 
SER CB   C  N N 330 
SER OG   O  N N 331 
SER OXT  O  N N 332 
SER H    H  N N 333 
SER H2   H  N N 334 
SER HA   H  N N 335 
SER HB2  H  N N 336 
SER HB3  H  N N 337 
SER HG   H  N N 338 
SER HXT  H  N N 339 
THR N    N  N N 340 
THR CA   C  N S 341 
THR C    C  N N 342 
THR O    O  N N 343 
THR CB   C  N R 344 
THR OG1  O  N N 345 
THR CG2  C  N N 346 
THR OXT  O  N N 347 
THR H    H  N N 348 
THR H2   H  N N 349 
THR HA   H  N N 350 
THR HB   H  N N 351 
THR HG1  H  N N 352 
THR HG21 H  N N 353 
THR HG22 H  N N 354 
THR HG23 H  N N 355 
THR HXT  H  N N 356 
TRP N    N  N N 357 
TRP CA   C  N S 358 
TRP C    C  N N 359 
TRP O    O  N N 360 
TRP CB   C  N N 361 
TRP CG   C  Y N 362 
TRP CD1  C  Y N 363 
TRP CD2  C  Y N 364 
TRP NE1  N  Y N 365 
TRP CE2  C  Y N 366 
TRP CE3  C  Y N 367 
TRP CZ2  C  Y N 368 
TRP CZ3  C  Y N 369 
TRP CH2  C  Y N 370 
TRP OXT  O  N N 371 
TRP H    H  N N 372 
TRP H2   H  N N 373 
TRP HA   H  N N 374 
TRP HB2  H  N N 375 
TRP HB3  H  N N 376 
TRP HD1  H  N N 377 
TRP HE1  H  N N 378 
TRP HE3  H  N N 379 
TRP HZ2  H  N N 380 
TRP HZ3  H  N N 381 
TRP HH2  H  N N 382 
TRP HXT  H  N N 383 
TYR N    N  N N 384 
TYR CA   C  N S 385 
TYR C    C  N N 386 
TYR O    O  N N 387 
TYR CB   C  N N 388 
TYR CG   C  Y N 389 
TYR CD1  C  Y N 390 
TYR CD2  C  Y N 391 
TYR CE1  C  Y N 392 
TYR CE2  C  Y N 393 
TYR CZ   C  Y N 394 
TYR OH   O  N N 395 
TYR OXT  O  N N 396 
TYR H    H  N N 397 
TYR H2   H  N N 398 
TYR HA   H  N N 399 
TYR HB2  H  N N 400 
TYR HB3  H  N N 401 
TYR HD1  H  N N 402 
TYR HD2  H  N N 403 
TYR HE1  H  N N 404 
TYR HE2  H  N N 405 
TYR HH   H  N N 406 
TYR HXT  H  N N 407 
VAL N    N  N N 408 
VAL CA   C  N S 409 
VAL C    C  N N 410 
VAL O    O  N N 411 
VAL CB   C  N N 412 
VAL CG1  C  N N 413 
VAL CG2  C  N N 414 
VAL OXT  O  N N 415 
VAL H    H  N N 416 
VAL H2   H  N N 417 
VAL HA   H  N N 418 
VAL HB   H  N N 419 
VAL HG11 H  N N 420 
VAL HG12 H  N N 421 
VAL HG13 H  N N 422 
VAL HG21 H  N N 423 
VAL HG22 H  N N 424 
VAL HG23 H  N N 425 
VAL HXT  H  N N 426 
# 
loop_
_chem_comp_bond.comp_id 
_chem_comp_bond.atom_id_1 
_chem_comp_bond.atom_id_2 
_chem_comp_bond.value_order 
_chem_comp_bond.pdbx_aromatic_flag 
_chem_comp_bond.pdbx_stereo_config 
_chem_comp_bond.pdbx_ordinal 
ALA N   CA   sing N N 1   
ALA N   H    sing N N 2   
ALA N   H2   sing N N 3   
ALA CA  C    sing N N 4   
ALA CA  CB   sing N N 5   
ALA CA  HA   sing N N 6   
ALA C   O    doub N N 7   
ALA C   OXT  sing N N 8   
ALA CB  HB1  sing N N 9   
ALA CB  HB2  sing N N 10  
ALA CB  HB3  sing N N 11  
ALA OXT HXT  sing N N 12  
ARG N   CA   sing N N 13  
ARG N   H    sing N N 14  
ARG N   H2   sing N N 15  
ARG CA  C    sing N N 16  
ARG CA  CB   sing N N 17  
ARG CA  HA   sing N N 18  
ARG C   O    doub N N 19  
ARG C   OXT  sing N N 20  
ARG CB  CG   sing N N 21  
ARG CB  HB2  sing N N 22  
ARG CB  HB3  sing N N 23  
ARG CG  CD   sing N N 24  
ARG CG  HG2  sing N N 25  
ARG CG  HG3  sing N N 26  
ARG CD  NE   sing N N 27  
ARG CD  HD2  sing N N 28  
ARG CD  HD3  sing N N 29  
ARG NE  CZ   sing N N 30  
ARG NE  HE   sing N N 31  
ARG CZ  NH1  sing N N 32  
ARG CZ  NH2  doub N N 33  
ARG NH1 HH11 sing N N 34  
ARG NH1 HH12 sing N N 35  
ARG NH2 HH21 sing N N 36  
ARG NH2 HH22 sing N N 37  
ARG OXT HXT  sing N N 38  
ASN N   CA   sing N N 39  
ASN N   H    sing N N 40  
ASN N   H2   sing N N 41  
ASN CA  C    sing N N 42  
ASN CA  CB   sing N N 43  
ASN CA  HA   sing N N 44  
ASN C   O    doub N N 45  
ASN C   OXT  sing N N 46  
ASN CB  CG   sing N N 47  
ASN CB  HB2  sing N N 48  
ASN CB  HB3  sing N N 49  
ASN CG  OD1  doub N N 50  
ASN CG  ND2  sing N N 51  
ASN ND2 HD21 sing N N 52  
ASN ND2 HD22 sing N N 53  
ASN OXT HXT  sing N N 54  
ASP N   CA   sing N N 55  
ASP N   H    sing N N 56  
ASP N   H2   sing N N 57  
ASP CA  C    sing N N 58  
ASP CA  CB   sing N N 59  
ASP CA  HA   sing N N 60  
ASP C   O    doub N N 61  
ASP C   OXT  sing N N 62  
ASP CB  CG   sing N N 63  
ASP CB  HB2  sing N N 64  
ASP CB  HB3  sing N N 65  
ASP CG  OD1  doub N N 66  
ASP CG  OD2  sing N N 67  
ASP OD2 HD2  sing N N 68  
ASP OXT HXT  sing N N 69  
CYS N   CA   sing N N 70  
CYS N   H    sing N N 71  
CYS N   H2   sing N N 72  
CYS CA  C    sing N N 73  
CYS CA  CB   sing N N 74  
CYS CA  HA   sing N N 75  
CYS C   O    doub N N 76  
CYS C   OXT  sing N N 77  
CYS CB  SG   sing N N 78  
CYS CB  HB2  sing N N 79  
CYS CB  HB3  sing N N 80  
CYS SG  HG   sing N N 81  
CYS OXT HXT  sing N N 82  
DEN C1  C2   sing N N 83  
DEN C1  C8   sing N N 84  
DEN C1  H11  sing N N 85  
DEN C1  H12  sing N N 86  
DEN C2  C3   doub N N 87  
DEN C2  H2   sing N N 88  
DEN C3  C9   sing N N 89  
DEN C3  H3   sing N N 90  
DEN C4  C5   doub Y N 91  
DEN C4  C9   sing Y N 92  
DEN C4  H4   sing N N 93  
DEN C5  C6   sing Y N 94  
DEN C5  H5   sing N N 95  
DEN C6  C7   doub Y N 96  
DEN C6  H6   sing N N 97  
DEN C7  C8   sing Y N 98  
DEN C7  H7   sing N N 99  
DEN C8  C9   doub Y N 100 
GLN N   CA   sing N N 101 
GLN N   H    sing N N 102 
GLN N   H2   sing N N 103 
GLN CA  C    sing N N 104 
GLN CA  CB   sing N N 105 
GLN CA  HA   sing N N 106 
GLN C   O    doub N N 107 
GLN C   OXT  sing N N 108 
GLN CB  CG   sing N N 109 
GLN CB  HB2  sing N N 110 
GLN CB  HB3  sing N N 111 
GLN CG  CD   sing N N 112 
GLN CG  HG2  sing N N 113 
GLN CG  HG3  sing N N 114 
GLN CD  OE1  doub N N 115 
GLN CD  NE2  sing N N 116 
GLN NE2 HE21 sing N N 117 
GLN NE2 HE22 sing N N 118 
GLN OXT HXT  sing N N 119 
GLU N   CA   sing N N 120 
GLU N   H    sing N N 121 
GLU N   H2   sing N N 122 
GLU CA  C    sing N N 123 
GLU CA  CB   sing N N 124 
GLU CA  HA   sing N N 125 
GLU C   O    doub N N 126 
GLU C   OXT  sing N N 127 
GLU CB  CG   sing N N 128 
GLU CB  HB2  sing N N 129 
GLU CB  HB3  sing N N 130 
GLU CG  CD   sing N N 131 
GLU CG  HG2  sing N N 132 
GLU CG  HG3  sing N N 133 
GLU CD  OE1  doub N N 134 
GLU CD  OE2  sing N N 135 
GLU OE2 HE2  sing N N 136 
GLU OXT HXT  sing N N 137 
GLY N   CA   sing N N 138 
GLY N   H    sing N N 139 
GLY N   H2   sing N N 140 
GLY CA  C    sing N N 141 
GLY CA  HA2  sing N N 142 
GLY CA  HA3  sing N N 143 
GLY C   O    doub N N 144 
GLY C   OXT  sing N N 145 
GLY OXT HXT  sing N N 146 
HED C1  O1   sing N N 147 
HED C1  C2   sing N N 148 
HED C1  H11  sing N N 149 
HED C1  H12  sing N N 150 
HED O1  HO1  sing N N 151 
HED C2  S3   sing N N 152 
HED C2  H21  sing N N 153 
HED C2  H22  sing N N 154 
HED S3  S4   sing N N 155 
HED S4  C5   sing N N 156 
HED C5  C6   sing N N 157 
HED C5  H51  sing N N 158 
HED C5  H52  sing N N 159 
HED C6  O6   sing N N 160 
HED C6  H61  sing N N 161 
HED C6  H62  sing N N 162 
HED O6  HO6  sing N N 163 
HIS N   CA   sing N N 164 
HIS N   H    sing N N 165 
HIS N   H2   sing N N 166 
HIS CA  C    sing N N 167 
HIS CA  CB   sing N N 168 
HIS CA  HA   sing N N 169 
HIS C   O    doub N N 170 
HIS C   OXT  sing N N 171 
HIS CB  CG   sing N N 172 
HIS CB  HB2  sing N N 173 
HIS CB  HB3  sing N N 174 
HIS CG  ND1  sing Y N 175 
HIS CG  CD2  doub Y N 176 
HIS ND1 CE1  doub Y N 177 
HIS ND1 HD1  sing N N 178 
HIS CD2 NE2  sing Y N 179 
HIS CD2 HD2  sing N N 180 
HIS CE1 NE2  sing Y N 181 
HIS CE1 HE1  sing N N 182 
HIS NE2 HE2  sing N N 183 
HIS OXT HXT  sing N N 184 
HOH O   H1   sing N N 185 
HOH O   H2   sing N N 186 
ILE N   CA   sing N N 187 
ILE N   H    sing N N 188 
ILE N   H2   sing N N 189 
ILE CA  C    sing N N 190 
ILE CA  CB   sing N N 191 
ILE CA  HA   sing N N 192 
ILE C   O    doub N N 193 
ILE C   OXT  sing N N 194 
ILE CB  CG1  sing N N 195 
ILE CB  CG2  sing N N 196 
ILE CB  HB   sing N N 197 
ILE CG1 CD1  sing N N 198 
ILE CG1 HG12 sing N N 199 
ILE CG1 HG13 sing N N 200 
ILE CG2 HG21 sing N N 201 
ILE CG2 HG22 sing N N 202 
ILE CG2 HG23 sing N N 203 
ILE CD1 HD11 sing N N 204 
ILE CD1 HD12 sing N N 205 
ILE CD1 HD13 sing N N 206 
ILE OXT HXT  sing N N 207 
LEU N   CA   sing N N 208 
LEU N   H    sing N N 209 
LEU N   H2   sing N N 210 
LEU CA  C    sing N N 211 
LEU CA  CB   sing N N 212 
LEU CA  HA   sing N N 213 
LEU C   O    doub N N 214 
LEU C   OXT  sing N N 215 
LEU CB  CG   sing N N 216 
LEU CB  HB2  sing N N 217 
LEU CB  HB3  sing N N 218 
LEU CG  CD1  sing N N 219 
LEU CG  CD2  sing N N 220 
LEU CG  HG   sing N N 221 
LEU CD1 HD11 sing N N 222 
LEU CD1 HD12 sing N N 223 
LEU CD1 HD13 sing N N 224 
LEU CD2 HD21 sing N N 225 
LEU CD2 HD22 sing N N 226 
LEU CD2 HD23 sing N N 227 
LEU OXT HXT  sing N N 228 
LYS N   CA   sing N N 229 
LYS N   H    sing N N 230 
LYS N   H2   sing N N 231 
LYS CA  C    sing N N 232 
LYS CA  CB   sing N N 233 
LYS CA  HA   sing N N 234 
LYS C   O    doub N N 235 
LYS C   OXT  sing N N 236 
LYS CB  CG   sing N N 237 
LYS CB  HB2  sing N N 238 
LYS CB  HB3  sing N N 239 
LYS CG  CD   sing N N 240 
LYS CG  HG2  sing N N 241 
LYS CG  HG3  sing N N 242 
LYS CD  CE   sing N N 243 
LYS CD  HD2  sing N N 244 
LYS CD  HD3  sing N N 245 
LYS CE  NZ   sing N N 246 
LYS CE  HE2  sing N N 247 
LYS CE  HE3  sing N N 248 
LYS NZ  HZ1  sing N N 249 
LYS NZ  HZ2  sing N N 250 
LYS NZ  HZ3  sing N N 251 
LYS OXT HXT  sing N N 252 
MET N   CA   sing N N 253 
MET N   H    sing N N 254 
MET N   H2   sing N N 255 
MET CA  C    sing N N 256 
MET CA  CB   sing N N 257 
MET CA  HA   sing N N 258 
MET C   O    doub N N 259 
MET C   OXT  sing N N 260 
MET CB  CG   sing N N 261 
MET CB  HB2  sing N N 262 
MET CB  HB3  sing N N 263 
MET CG  SD   sing N N 264 
MET CG  HG2  sing N N 265 
MET CG  HG3  sing N N 266 
MET SD  CE   sing N N 267 
MET CE  HE1  sing N N 268 
MET CE  HE2  sing N N 269 
MET CE  HE3  sing N N 270 
MET OXT HXT  sing N N 271 
PHE N   CA   sing N N 272 
PHE N   H    sing N N 273 
PHE N   H2   sing N N 274 
PHE CA  C    sing N N 275 
PHE CA  CB   sing N N 276 
PHE CA  HA   sing N N 277 
PHE C   O    doub N N 278 
PHE C   OXT  sing N N 279 
PHE CB  CG   sing N N 280 
PHE CB  HB2  sing N N 281 
PHE CB  HB3  sing N N 282 
PHE CG  CD1  doub Y N 283 
PHE CG  CD2  sing Y N 284 
PHE CD1 CE1  sing Y N 285 
PHE CD1 HD1  sing N N 286 
PHE CD2 CE2  doub Y N 287 
PHE CD2 HD2  sing N N 288 
PHE CE1 CZ   doub Y N 289 
PHE CE1 HE1  sing N N 290 
PHE CE2 CZ   sing Y N 291 
PHE CE2 HE2  sing N N 292 
PHE CZ  HZ   sing N N 293 
PHE OXT HXT  sing N N 294 
PRO N   CA   sing N N 295 
PRO N   CD   sing N N 296 
PRO N   H    sing N N 297 
PRO CA  C    sing N N 298 
PRO CA  CB   sing N N 299 
PRO CA  HA   sing N N 300 
PRO C   O    doub N N 301 
PRO C   OXT  sing N N 302 
PRO CB  CG   sing N N 303 
PRO CB  HB2  sing N N 304 
PRO CB  HB3  sing N N 305 
PRO CG  CD   sing N N 306 
PRO CG  HG2  sing N N 307 
PRO CG  HG3  sing N N 308 
PRO CD  HD2  sing N N 309 
PRO CD  HD3  sing N N 310 
PRO OXT HXT  sing N N 311 
SER N   CA   sing N N 312 
SER N   H    sing N N 313 
SER N   H2   sing N N 314 
SER CA  C    sing N N 315 
SER CA  CB   sing N N 316 
SER CA  HA   sing N N 317 
SER C   O    doub N N 318 
SER C   OXT  sing N N 319 
SER CB  OG   sing N N 320 
SER CB  HB2  sing N N 321 
SER CB  HB3  sing N N 322 
SER OG  HG   sing N N 323 
SER OXT HXT  sing N N 324 
THR N   CA   sing N N 325 
THR N   H    sing N N 326 
THR N   H2   sing N N 327 
THR CA  C    sing N N 328 
THR CA  CB   sing N N 329 
THR CA  HA   sing N N 330 
THR C   O    doub N N 331 
THR C   OXT  sing N N 332 
THR CB  OG1  sing N N 333 
THR CB  CG2  sing N N 334 
THR CB  HB   sing N N 335 
THR OG1 HG1  sing N N 336 
THR CG2 HG21 sing N N 337 
THR CG2 HG22 sing N N 338 
THR CG2 HG23 sing N N 339 
THR OXT HXT  sing N N 340 
TRP N   CA   sing N N 341 
TRP N   H    sing N N 342 
TRP N   H2   sing N N 343 
TRP CA  C    sing N N 344 
TRP CA  CB   sing N N 345 
TRP CA  HA   sing N N 346 
TRP C   O    doub N N 347 
TRP C   OXT  sing N N 348 
TRP CB  CG   sing N N 349 
TRP CB  HB2  sing N N 350 
TRP CB  HB3  sing N N 351 
TRP CG  CD1  doub Y N 352 
TRP CG  CD2  sing Y N 353 
TRP CD1 NE1  sing Y N 354 
TRP CD1 HD1  sing N N 355 
TRP CD2 CE2  doub Y N 356 
TRP CD2 CE3  sing Y N 357 
TRP NE1 CE2  sing Y N 358 
TRP NE1 HE1  sing N N 359 
TRP CE2 CZ2  sing Y N 360 
TRP CE3 CZ3  doub Y N 361 
TRP CE3 HE3  sing N N 362 
TRP CZ2 CH2  doub Y N 363 
TRP CZ2 HZ2  sing N N 364 
TRP CZ3 CH2  sing Y N 365 
TRP CZ3 HZ3  sing N N 366 
TRP CH2 HH2  sing N N 367 
TRP OXT HXT  sing N N 368 
TYR N   CA   sing N N 369 
TYR N   H    sing N N 370 
TYR N   H2   sing N N 371 
TYR CA  C    sing N N 372 
TYR CA  CB   sing N N 373 
TYR CA  HA   sing N N 374 
TYR C   O    doub N N 375 
TYR C   OXT  sing N N 376 
TYR CB  CG   sing N N 377 
TYR CB  HB2  sing N N 378 
TYR CB  HB3  sing N N 379 
TYR CG  CD1  doub Y N 380 
TYR CG  CD2  sing Y N 381 
TYR CD1 CE1  sing Y N 382 
TYR CD1 HD1  sing N N 383 
TYR CD2 CE2  doub Y N 384 
TYR CD2 HD2  sing N N 385 
TYR CE1 CZ   doub Y N 386 
TYR CE1 HE1  sing N N 387 
TYR CE2 CZ   sing Y N 388 
TYR CE2 HE2  sing N N 389 
TYR CZ  OH   sing N N 390 
TYR OH  HH   sing N N 391 
TYR OXT HXT  sing N N 392 
VAL N   CA   sing N N 393 
VAL N   H    sing N N 394 
VAL N   H2   sing N N 395 
VAL CA  C    sing N N 396 
VAL CA  CB   sing N N 397 
VAL CA  HA   sing N N 398 
VAL C   O    doub N N 399 
VAL C   OXT  sing N N 400 
VAL CB  CG1  sing N N 401 
VAL CB  CG2  sing N N 402 
VAL CB  HB   sing N N 403 
VAL CG1 HG11 sing N N 404 
VAL CG1 HG12 sing N N 405 
VAL CG1 HG13 sing N N 406 
VAL CG2 HG21 sing N N 407 
VAL CG2 HG22 sing N N 408 
VAL CG2 HG23 sing N N 409 
VAL OXT HXT  sing N N 410 
# 
_atom_sites.entry_id                    183L 
_atom_sites.fract_transf_matrix[1][1]   -0.00970404 
_atom_sites.fract_transf_matrix[1][2]   0.00951652 
_atom_sites.fract_transf_matrix[1][3]   0.01330934 
_atom_sites.fract_transf_matrix[2][1]   0.00375060 
_atom_sites.fract_transf_matrix[2][2]   0.01837442 
_atom_sites.fract_transf_matrix[2][3]   0.00319192 
_atom_sites.fract_transf_matrix[3][1]   -0.00703108 
_atom_sites.fract_transf_matrix[3][2]   0.00265559 
_atom_sites.fract_transf_matrix[3][3]   -0.00702529 
_atom_sites.fract_transf_vector[1]      0.680307 
_atom_sites.fract_transf_vector[2]      0.220759 
_atom_sites.fract_transf_vector[3]      0.100777 
# 
loop_
_atom_type.symbol 
C  
CL 
N  
O  
S  
# 
loop_
_atom_site.group_PDB 
_atom_site.id 
_atom_site.type_symbol 
_atom_site.label_atom_id 
_atom_site.label_alt_id 
_atom_site.label_comp_id 
_atom_site.label_asym_id 
_atom_site.label_entity_id 
_atom_site.label_seq_id 
_atom_site.pdbx_PDB_ins_code 
_atom_site.Cartn_x 
_atom_site.Cartn_y 
_atom_site.Cartn_z 
_atom_site.occupancy 
_atom_site.B_iso_or_equiv 
_atom_site.pdbx_formal_charge 
_atom_site.auth_seq_id 
_atom_site.auth_comp_id 
_atom_site.auth_asym_id 
_atom_site.auth_atom_id 
_atom_site.pdbx_PDB_model_num 
ATOM   1    N  N   . MET A 1 1   ? -9.014  -14.268 4.746   1.00 27.67  ? 1   MET A N   1 
ATOM   2    C  CA  . MET A 1 1   ? -8.325  -13.027 4.478   1.00 15.18  ? 1   MET A CA  1 
ATOM   3    C  C   . MET A 1 1   ? -7.761  -12.905 3.056   1.00 27.14  ? 1   MET A C   1 
ATOM   4    O  O   . MET A 1 1   ? -7.428  -13.869 2.408   1.00 14.83  ? 1   MET A O   1 
ATOM   5    C  CB  . MET A 1 1   ? -7.257  -12.742 5.545   1.00 21.07  ? 1   MET A CB  1 
ATOM   6    C  CG  . MET A 1 1   ? -6.512  -11.456 5.231   1.00 46.22  ? 1   MET A CG  1 
ATOM   7    S  SD  . MET A 1 1   ? -7.308  -10.113 6.111   1.00 32.48  ? 1   MET A SD  1 
ATOM   8    C  CE  . MET A 1 1   ? -7.840  -11.183 7.452   1.00 20.64  ? 1   MET A CE  1 
ATOM   9    N  N   . ASN A 1 2   ? -7.673  -11.686 2.557   1.00 15.99  ? 2   ASN A N   1 
ATOM   10   C  CA  . ASN A 1 2   ? -7.096  -11.453 1.278   1.00 8.42   ? 2   ASN A CA  1 
ATOM   11   C  C   . ASN A 1 2   ? -6.507  -10.043 1.159   1.00 7.45   ? 2   ASN A C   1 
ATOM   12   O  O   . ASN A 1 2   ? -6.637  -9.239  2.076   1.00 15.63  ? 2   ASN A O   1 
ATOM   13   C  CB  . ASN A 1 2   ? -8.043  -11.819 0.128   1.00 19.42  ? 2   ASN A CB  1 
ATOM   14   C  CG  . ASN A 1 2   ? -9.282  -10.973 0.047   1.00 9.26   ? 2   ASN A CG  1 
ATOM   15   O  OD1 . ASN A 1 2   ? -9.208  -9.740  -0.145  1.00 14.74  ? 2   ASN A OD1 1 
ATOM   16   N  ND2 . ASN A 1 2   ? -10.435 -11.653 0.069   1.00 11.27  ? 2   ASN A ND2 1 
ATOM   17   N  N   . ILE A 1 3   ? -5.868  -9.762  0.017   1.00 6.83   ? 3   ILE A N   1 
ATOM   18   C  CA  . ILE A 1 3   ? -5.264  -8.450  -0.191  1.00 18.09  ? 3   ILE A CA  1 
ATOM   19   C  C   . ILE A 1 3   ? -6.270  -7.305  0.003   1.00 8.98   ? 3   ILE A C   1 
ATOM   20   O  O   . ILE A 1 3   ? -5.993  -6.259  0.603   1.00 18.02  ? 3   ILE A O   1 
ATOM   21   C  CB  . ILE A 1 3   ? -4.445  -8.382  -1.516  1.00 10.95  ? 3   ILE A CB  1 
ATOM   22   C  CG1 . ILE A 1 3   ? -3.576  -7.115  -1.674  1.00 12.56  ? 3   ILE A CG1 1 
ATOM   23   C  CG2 . ILE A 1 3   ? -5.339  -8.545  -2.755  1.00 4.39   ? 3   ILE A CG2 1 
ATOM   24   C  CD1 . ILE A 1 3   ? -2.806  -6.641  -0.422  1.00 6.69   ? 3   ILE A CD1 1 
ATOM   25   N  N   . PHE A 1 4   ? -7.461  -7.473  -0.556  1.00 11.59  ? 4   PHE A N   1 
ATOM   26   C  CA  . PHE A 1 4   ? -8.447  -6.420  -0.443  1.00 8.71   ? 4   PHE A CA  1 
ATOM   27   C  C   . PHE A 1 4   ? -8.890  -6.164  0.999   1.00 13.71  ? 4   PHE A C   1 
ATOM   28   O  O   . PHE A 1 4   ? -9.036  -5.045  1.455   1.00 16.01  ? 4   PHE A O   1 
ATOM   29   C  CB  . PHE A 1 4   ? -9.696  -6.704  -1.313  1.00 12.91  ? 4   PHE A CB  1 
ATOM   30   C  CG  . PHE A 1 4   ? -9.349  -6.665  -2.759  1.00 6.03   ? 4   PHE A CG  1 
ATOM   31   C  CD1 . PHE A 1 4   ? -9.339  -5.445  -3.452  1.00 20.25  ? 4   PHE A CD1 1 
ATOM   32   C  CD2 . PHE A 1 4   ? -9.022  -7.830  -3.441  1.00 11.90  ? 4   PHE A CD2 1 
ATOM   33   C  CE1 . PHE A 1 4   ? -9.028  -5.364  -4.812  1.00 14.54  ? 4   PHE A CE1 1 
ATOM   34   C  CE2 . PHE A 1 4   ? -8.655  -7.761  -4.790  1.00 22.28  ? 4   PHE A CE2 1 
ATOM   35   C  CZ  . PHE A 1 4   ? -8.660  -6.538  -5.466  1.00 11.43  ? 4   PHE A CZ  1 
ATOM   36   N  N   . GLU A 1 5   ? -9.096  -7.215  1.727   1.00 10.90  ? 5   GLU A N   1 
ATOM   37   C  CA  . GLU A 1 5   ? -9.519  -7.092  3.100   1.00 22.16  ? 5   GLU A CA  1 
ATOM   38   C  C   . GLU A 1 5   ? -8.390  -6.601  3.936   1.00 14.81  ? 5   GLU A C   1 
ATOM   39   O  O   . GLU A 1 5   ? -8.590  -5.876  4.900   1.00 19.17  ? 5   GLU A O   1 
ATOM   40   C  CB  . GLU A 1 5   ? -9.880  -8.478  3.675   1.00 6.21   ? 5   GLU A CB  1 
ATOM   41   C  CG  . GLU A 1 5   ? -11.044 -9.167  2.977   1.00 12.81  ? 5   GLU A CG  1 
ATOM   42   C  CD  . GLU A 1 5   ? -11.482 -10.433 3.699   1.00 39.63  ? 5   GLU A CD  1 
ATOM   43   O  OE1 . GLU A 1 5   ? -11.378 -10.620 4.909   1.00 100.00 ? 5   GLU A OE1 1 
ATOM   44   O  OE2 . GLU A 1 5   ? -12.049 -11.285 2.904   1.00 48.90  ? 5   GLU A OE2 1 
ATOM   45   N  N   . MET A 1 6   ? -7.196  -7.057  3.572   1.00 15.61  ? 6   MET A N   1 
ATOM   46   C  CA  . MET A 1 6   ? -6.030  -6.659  4.314   1.00 12.39  ? 6   MET A CA  1 
ATOM   47   C  C   . MET A 1 6   ? -5.806  -5.177  4.134   1.00 11.35  ? 6   MET A C   1 
ATOM   48   O  O   . MET A 1 6   ? -5.580  -4.430  5.052   1.00 17.45  ? 6   MET A O   1 
ATOM   49   C  CB  . MET A 1 6   ? -4.841  -7.420  3.802   1.00 7.40   ? 6   MET A CB  1 
ATOM   50   C  CG  . MET A 1 6   ? -3.557  -6.951  4.417   1.00 6.09   ? 6   MET A CG  1 
ATOM   51   S  SD  . MET A 1 6   ? -2.101  -7.469  3.459   1.00 12.36  ? 6   MET A SD  1 
ATOM   52   C  CE  . MET A 1 6   ? -0.792  -7.747  4.675   1.00 14.37  ? 6   MET A CE  1 
ATOM   53   N  N   . LEU A 1 7   ? -5.854  -4.707  2.922   1.00 9.98   ? 7   LEU A N   1 
ATOM   54   C  CA  . LEU A 1 7   ? -5.643  -3.261  2.766   1.00 9.82   ? 7   LEU A CA  1 
ATOM   55   C  C   . LEU A 1 7   ? -6.802  -2.473  3.317   1.00 12.76  ? 7   LEU A C   1 
ATOM   56   O  O   . LEU A 1 7   ? -6.614  -1.380  3.802   1.00 25.55  ? 7   LEU A O   1 
ATOM   57   C  CB  . LEU A 1 7   ? -5.470  -2.888  1.284   1.00 9.06   ? 7   LEU A CB  1 
ATOM   58   C  CG  . LEU A 1 7   ? -4.042  -3.117  0.807   1.00 6.27   ? 7   LEU A CG  1 
ATOM   59   C  CD1 . LEU A 1 7   ? -3.990  -3.326  -0.675  1.00 23.60  ? 7   LEU A CD1 1 
ATOM   60   C  CD2 . LEU A 1 7   ? -3.106  -1.991  1.275   1.00 13.30  ? 7   LEU A CD2 1 
ATOM   61   N  N   . ARG A 1 8   ? -8.035  -2.996  3.209   1.00 5.48   ? 8   ARG A N   1 
ATOM   62   C  CA  . ARG A 1 8   ? -9.127  -2.225  3.746   1.00 4.27   ? 8   ARG A CA  1 
ATOM   63   C  C   . ARG A 1 8   ? -8.945  -1.981  5.230   1.00 21.83  ? 8   ARG A C   1 
ATOM   64   O  O   . ARG A 1 8   ? -9.351  -0.986  5.739   1.00 14.63  ? 8   ARG A O   1 
ATOM   65   C  CB  . ARG A 1 8   ? -10.511 -2.820  3.495   1.00 12.46  ? 8   ARG A CB  1 
ATOM   66   C  CG  . ARG A 1 8   ? -11.570 -2.129  4.354   1.00 47.47  ? 8   ARG A CG  1 
ATOM   67   C  CD  . ARG A 1 8   ? -12.649 -1.425  3.524   1.00 49.11  ? 8   ARG A CD  1 
ATOM   68   N  NE  . ARG A 1 8   ? -13.699 -0.711  4.278   1.00 60.44  ? 8   ARG A NE  1 
ATOM   69   C  CZ  . ARG A 1 8   ? -13.565 -0.144  5.483   1.00 60.36  ? 8   ARG A CZ  1 
ATOM   70   N  NH1 . ARG A 1 8   ? -12.405 -0.159  6.168   1.00 61.76  ? 8   ARG A NH1 1 
ATOM   71   N  NH2 . ARG A 1 8   ? -14.620 0.463   6.034   1.00 100.00 ? 8   ARG A NH2 1 
ATOM   72   N  N   . ILE A 1 9   ? -8.388  -2.924  5.943   1.00 15.52  ? 9   ILE A N   1 
ATOM   73   C  CA  . ILE A 1 9   ? -8.146  -2.734  7.353   1.00 14.44  ? 9   ILE A CA  1 
ATOM   74   C  C   . ILE A 1 9   ? -7.019  -1.739  7.563   1.00 19.48  ? 9   ILE A C   1 
ATOM   75   O  O   . ILE A 1 9   ? -7.063  -0.899  8.463   1.00 22.45  ? 9   ILE A O   1 
ATOM   76   C  CB  . ILE A 1 9   ? -7.672  -4.061  7.979   1.00 14.51  ? 9   ILE A CB  1 
ATOM   77   C  CG1 . ILE A 1 9   ? -8.807  -4.982  8.268   1.00 17.22  ? 9   ILE A CG1 1 
ATOM   78   C  CG2 . ILE A 1 9   ? -6.771  -3.921  9.243   1.00 8.81   ? 9   ILE A CG2 1 
ATOM   79   C  CD1 . ILE A 1 9   ? -8.345  -6.426  8.162   1.00 18.74  ? 9   ILE A CD1 1 
ATOM   80   N  N   . ASP A 1 10  ? -5.940  -1.862  6.805   1.00 5.29   ? 10  ASP A N   1 
ATOM   81   C  CA  . ASP A 1 10  ? -4.826  -0.940  7.018   1.00 11.22  ? 10  ASP A CA  1 
ATOM   82   C  C   . ASP A 1 10  ? -5.128  0.513   6.598   1.00 17.57  ? 10  ASP A C   1 
ATOM   83   O  O   . ASP A 1 10  ? -4.625  1.517   7.145   1.00 15.15  ? 10  ASP A O   1 
ATOM   84   C  CB  . ASP A 1 10  ? -3.644  -1.442  6.203   1.00 11.19  ? 10  ASP A CB  1 
ATOM   85   C  CG  . ASP A 1 10  ? -3.002  -2.528  6.975   1.00 11.13  ? 10  ASP A CG  1 
ATOM   86   O  OD1 . ASP A 1 10  ? -3.060  -2.596  8.190   1.00 14.59  ? 10  ASP A OD1 1 
ATOM   87   O  OD2 . ASP A 1 10  ? -2.443  -3.393  6.227   1.00 15.67  ? 10  ASP A OD2 1 
ATOM   88   N  N   . GLU A 1 11  ? -5.917  0.635   5.567   1.00 13.03  ? 11  GLU A N   1 
ATOM   89   C  CA  . GLU A 1 11  ? -6.226  1.968   5.011   1.00 6.68   ? 11  GLU A CA  1 
ATOM   90   C  C   . GLU A 1 11  ? -7.534  2.596   5.514   1.00 14.46  ? 11  GLU A C   1 
ATOM   91   O  O   . GLU A 1 11  ? -7.648  3.806   5.541   1.00 19.91  ? 11  GLU A O   1 
ATOM   92   C  CB  . GLU A 1 11  ? -6.208  1.928   3.456   1.00 8.13   ? 11  GLU A CB  1 
ATOM   93   C  CG  . GLU A 1 11  ? -4.843  1.471   2.932   1.00 18.62  ? 11  GLU A CG  1 
ATOM   94   C  CD  . GLU A 1 11  ? -3.737  2.516   3.018   1.00 11.93  ? 11  GLU A CD  1 
ATOM   95   O  OE1 . GLU A 1 11  ? -4.123  3.691   3.391   1.00 17.03  ? 11  GLU A OE1 1 
ATOM   96   O  OE2 . GLU A 1 11  ? -2.589  2.289   2.730   1.00 26.54  ? 11  GLU A OE2 1 
ATOM   97   N  N   . GLY A 1 12  ? -8.531  1.808   5.847   1.00 13.19  ? 12  GLY A N   1 
ATOM   98   C  CA  . GLY A 1 12  ? -9.808  2.374   6.285   1.00 12.90  ? 12  GLY A CA  1 
ATOM   99   C  C   . GLY A 1 12  ? -10.577 2.849   5.088   1.00 9.93   ? 12  GLY A C   1 
ATOM   100  O  O   . GLY A 1 12  ? -10.097 2.661   3.971   1.00 23.28  ? 12  GLY A O   1 
ATOM   101  N  N   . LEU A 1 13  ? -11.761 3.460   5.290   1.00 16.04  ? 13  LEU A N   1 
ATOM   102  C  CA  . LEU A 1 13  ? -12.558 3.968   4.174   1.00 19.31  ? 13  LEU A CA  1 
ATOM   103  C  C   . LEU A 1 13  ? -13.189 5.291   4.521   1.00 24.47  ? 13  LEU A C   1 
ATOM   104  O  O   . LEU A 1 13  ? -13.968 5.327   5.470   1.00 24.36  ? 13  LEU A O   1 
ATOM   105  C  CB  . LEU A 1 13  ? -13.721 3.036   3.835   1.00 18.38  ? 13  LEU A CB  1 
ATOM   106  C  CG  . LEU A 1 13  ? -14.762 3.741   2.919   1.00 35.56  ? 13  LEU A CG  1 
ATOM   107  C  CD1 . LEU A 1 13  ? -14.384 3.747   1.425   1.00 17.76  ? 13  LEU A CD1 1 
ATOM   108  C  CD2 . LEU A 1 13  ? -16.133 3.118   3.073   1.00 28.97  ? 13  LEU A CD2 1 
ATOM   109  N  N   . ARG A 1 14  ? -12.882 6.345   3.745   1.00 14.01  ? 14  ARG A N   1 
ATOM   110  C  CA  . ARG A 1 14  ? -13.416 7.698   3.906   1.00 14.66  ? 14  ARG A CA  1 
ATOM   111  C  C   . ARG A 1 14  ? -13.901 8.209   2.609   1.00 24.23  ? 14  ARG A C   1 
ATOM   112  O  O   . ARG A 1 14  ? -13.238 8.034   1.617   1.00 16.22  ? 14  ARG A O   1 
ATOM   113  C  CB  . ARG A 1 14  ? -12.398 8.648   4.474   1.00 16.62  ? 14  ARG A CB  1 
ATOM   114  C  CG  . ARG A 1 14  ? -12.153 8.144   5.902   1.00 30.71  ? 14  ARG A CG  1 
ATOM   115  C  CD  . ARG A 1 14  ? -11.193 8.996   6.712   1.00 28.61  ? 14  ARG A CD  1 
ATOM   116  N  NE  . ARG A 1 14  ? -11.779 10.273  7.106   1.00 100.00 ? 14  ARG A NE  1 
ATOM   117  C  CZ  . ARG A 1 14  ? -11.068 11.257  7.651   1.00 100.00 ? 14  ARG A CZ  1 
ATOM   118  N  NH1 . ARG A 1 14  ? -9.755  11.116  7.876   1.00 58.13  ? 14  ARG A NH1 1 
ATOM   119  N  NH2 . ARG A 1 14  ? -11.680 12.409  7.974   1.00 100.00 ? 14  ARG A NH2 1 
ATOM   120  N  N   . LEU A 1 15  ? -15.101 8.750   2.643   1.00 24.26  ? 15  LEU A N   1 
ATOM   121  C  CA  . LEU A 1 15  ? -15.804 9.240   1.484   1.00 17.16  ? 15  LEU A CA  1 
ATOM   122  C  C   . LEU A 1 15  ? -15.634 10.743  1.193   1.00 16.90  ? 15  LEU A C   1 
ATOM   123  O  O   . LEU A 1 15  ? -16.138 11.274  0.188   1.00 19.98  ? 15  LEU A O   1 
ATOM   124  C  CB  . LEU A 1 15  ? -17.289 8.791   1.447   1.00 27.78  ? 15  LEU A CB  1 
ATOM   125  C  CG  . LEU A 1 15  ? -17.510 7.267   1.509   1.00 14.09  ? 15  LEU A CG  1 
ATOM   126  C  CD1 . LEU A 1 15  ? -18.999 6.979   1.366   1.00 35.67  ? 15  LEU A CD1 1 
ATOM   127  C  CD2 . LEU A 1 15  ? -16.753 6.546   0.383   1.00 30.00  ? 15  LEU A CD2 1 
ATOM   128  N  N   . LYS A 1 16  ? -14.899 11.427  2.044   1.00 21.72  ? 16  LYS A N   1 
ATOM   129  C  CA  . LYS A 1 16  ? -14.679 12.833  1.838   1.00 14.78  ? 16  LYS A CA  1 
ATOM   130  C  C   . LYS A 1 16  ? -13.183 13.033  1.872   1.00 17.81  ? 16  LYS A C   1 
ATOM   131  O  O   . LYS A 1 16  ? -12.507 12.315  2.629   1.00 19.32  ? 16  LYS A O   1 
ATOM   132  C  CB  . LYS A 1 16  ? -15.428 13.571  2.946   1.00 34.24  ? 16  LYS A CB  1 
ATOM   133  C  CG  . LYS A 1 16  ? -14.925 14.955  3.242   1.00 54.23  ? 16  LYS A CG  1 
ATOM   134  C  CD  . LYS A 1 16  ? -15.312 15.944  2.153   1.00 100.00 ? 16  LYS A CD  1 
ATOM   135  C  CE  . LYS A 1 16  ? -14.106 16.624  1.504   1.00 100.00 ? 16  LYS A CE  1 
ATOM   136  N  NZ  . LYS A 1 16  ? -14.429 17.354  0.270   1.00 100.00 ? 16  LYS A NZ  1 
ATOM   137  N  N   . ILE A 1 17  ? -12.646 13.955  1.021   1.00 20.21  ? 17  ILE A N   1 
ATOM   138  C  CA  . ILE A 1 17  ? -11.186 14.209  0.962   1.00 9.45   ? 17  ILE A CA  1 
ATOM   139  C  C   . ILE A 1 17  ? -10.606 14.316  2.349   1.00 30.29  ? 17  ILE A C   1 
ATOM   140  O  O   . ILE A 1 17  ? -11.138 15.003  3.215   1.00 18.86  ? 17  ILE A O   1 
ATOM   141  C  CB  . ILE A 1 17  ? -10.746 15.454  0.097   1.00 15.54  ? 17  ILE A CB  1 
ATOM   142  C  CG1 . ILE A 1 17  ? -11.041 15.211  -1.367  1.00 26.22  ? 17  ILE A CG1 1 
ATOM   143  C  CG2 . ILE A 1 17  ? -9.240  15.730  0.209   1.00 13.17  ? 17  ILE A CG2 1 
ATOM   144  C  CD1 . ILE A 1 17  ? -11.005 16.446  -2.247  1.00 14.07  ? 17  ILE A CD1 1 
ATOM   145  N  N   . TYR A 1 18  ? -9.489  13.685  2.575   1.00 17.45  ? 18  TYR A N   1 
ATOM   146  C  CA  . TYR A 1 18  ? -8.889  13.842  3.887   1.00 7.96   ? 18  TYR A CA  1 
ATOM   147  C  C   . TYR A 1 18  ? -7.367  13.922  3.753   1.00 12.86  ? 18  TYR A C   1 
ATOM   148  O  O   . TYR A 1 18  ? -6.800  13.704  2.679   1.00 20.49  ? 18  TYR A O   1 
ATOM   149  C  CB  . TYR A 1 18  ? -9.377  12.689  4.847   1.00 16.20  ? 18  TYR A CB  1 
ATOM   150  C  CG  . TYR A 1 18  ? -8.911  11.286  4.449   1.00 32.40  ? 18  TYR A CG  1 
ATOM   151  C  CD1 . TYR A 1 18  ? -9.600  10.535  3.496   1.00 23.74  ? 18  TYR A CD1 1 
ATOM   152  C  CD2 . TYR A 1 18  ? -7.760  10.723  5.004   1.00 23.87  ? 18  TYR A CD2 1 
ATOM   153  C  CE1 . TYR A 1 18  ? -9.153  9.266   3.125   1.00 19.50  ? 18  TYR A CE1 1 
ATOM   154  C  CE2 . TYR A 1 18  ? -7.274  9.468   4.621   1.00 15.10  ? 18  TYR A CE2 1 
ATOM   155  C  CZ  . TYR A 1 18  ? -7.973  8.737   3.660   1.00 39.83  ? 18  TYR A CZ  1 
ATOM   156  O  OH  . TYR A 1 18  ? -7.530  7.454   3.280   1.00 22.77  ? 18  TYR A OH  1 
ATOM   157  N  N   . LYS A 1 19  ? -6.674  14.066  4.869   1.00 18.38  ? 19  LYS A N   1 
ATOM   158  C  CA  . LYS A 1 19  ? -5.230  14.052  4.778   1.00 10.67  ? 19  LYS A CA  1 
ATOM   159  C  C   . LYS A 1 19  ? -4.646  12.770  5.316   1.00 21.01  ? 19  LYS A C   1 
ATOM   160  O  O   . LYS A 1 19  ? -4.973  12.285  6.400   1.00 28.23  ? 19  LYS A O   1 
ATOM   161  C  CB  . LYS A 1 19  ? -4.529  15.199  5.429   1.00 18.77  ? 19  LYS A CB  1 
ATOM   162  C  CG  . LYS A 1 19  ? -4.811  16.490  4.771   1.00 14.53  ? 19  LYS A CG  1 
ATOM   163  C  CD  . LYS A 1 19  ? -3.729  17.490  5.134   1.00 41.27  ? 19  LYS A CD  1 
ATOM   164  C  CE  . LYS A 1 19  ? -4.270  18.903  5.262   1.00 25.48  ? 19  LYS A CE  1 
ATOM   165  N  NZ  . LYS A 1 19  ? -3.220  19.922  5.354   1.00 52.99  ? 19  LYS A NZ  1 
ATOM   166  N  N   . ASP A 1 20  ? -3.752  12.216  4.556   1.00 16.33  ? 20  ASP A N   1 
ATOM   167  C  CA  . ASP A 1 20  ? -3.152  10.993  5.010   1.00 10.67  ? 20  ASP A CA  1 
ATOM   168  C  C   . ASP A 1 20  ? -2.165  11.208  6.170   1.00 24.61  ? 20  ASP A C   1 
ATOM   169  O  O   . ASP A 1 20  ? -1.979  12.331  6.645   1.00 13.82  ? 20  ASP A O   1 
ATOM   170  C  CB  . ASP A 1 20  ? -2.688  10.045  3.869   1.00 13.07  ? 20  ASP A CB  1 
ATOM   171  C  CG  . ASP A 1 20  ? -1.353  10.449  3.306   1.00 13.14  ? 20  ASP A CG  1 
ATOM   172  O  OD1 . ASP A 1 20  ? -0.952  11.581  3.759   1.00 21.26  ? 20  ASP A OD1 1 
ATOM   173  O  OD2 . ASP A 1 20  ? -0.771  9.828   2.448   1.00 35.05  ? 20  ASP A OD2 1 
ATOM   174  N  N   . THR A 1 21  ? -1.454  10.131  6.548   1.00 22.51  ? 21  THR A N   1 
ATOM   175  C  CA  . THR A 1 21  ? -0.515  10.205  7.665   1.00 34.33  ? 21  THR A CA  1 
ATOM   176  C  C   . THR A 1 21  ? 0.663   11.093  7.383   1.00 14.04  ? 21  THR A C   1 
ATOM   177  O  O   . THR A 1 21  ? 1.467   11.421  8.303   1.00 16.90  ? 21  THR A O   1 
ATOM   178  C  CB  . THR A 1 21  ? -0.022  8.826   8.084   1.00 34.56  ? 21  THR A CB  1 
ATOM   179  O  OG1 . THR A 1 21  ? 0.863   8.385   7.081   1.00 21.85  ? 21  THR A OG1 1 
ATOM   180  C  CG2 . THR A 1 21  ? -1.211  7.854   8.196   1.00 27.51  ? 21  THR A CG2 1 
ATOM   181  N  N   . GLU A 1 22  ? 0.822   11.421  6.109   1.00 18.10  ? 22  GLU A N   1 
ATOM   182  C  CA  . GLU A 1 22  ? 1.954   12.282  5.679   1.00 15.96  ? 22  GLU A CA  1 
ATOM   183  C  C   . GLU A 1 22  ? 1.431   13.675  5.358   1.00 21.81  ? 22  GLU A C   1 
ATOM   184  O  O   . GLU A 1 22  ? 2.196   14.550  4.996   1.00 26.36  ? 22  GLU A O   1 
ATOM   185  C  CB  . GLU A 1 22  ? 2.707   11.712  4.444   1.00 17.45  ? 22  GLU A CB  1 
ATOM   186  C  CG  . GLU A 1 22  ? 3.236   10.271  4.552   1.00 29.71  ? 22  GLU A CG  1 
ATOM   187  C  CD  . GLU A 1 22  ? 4.611   10.134  5.182   1.00 25.63  ? 22  GLU A CD  1 
ATOM   188  O  OE1 . GLU A 1 22  ? 5.351   11.211  5.052   1.00 64.51  ? 22  GLU A OE1 1 
ATOM   189  O  OE2 . GLU A 1 22  ? 4.977   9.121   5.759   1.00 100.00 ? 22  GLU A OE2 1 
ATOM   190  N  N   . GLY A 1 23  ? 0.092   13.841  5.492   1.00 19.48  ? 23  GLY A N   1 
ATOM   191  C  CA  . GLY A 1 23  ? -0.597  15.120  5.234   1.00 9.80   ? 23  GLY A CA  1 
ATOM   192  C  C   . GLY A 1 23  ? -1.021  15.354  3.790   1.00 30.25  ? 23  GLY A C   1 
ATOM   193  O  O   . GLY A 1 23  ? -1.299  16.468  3.426   1.00 21.26  ? 23  GLY A O   1 
ATOM   194  N  N   . TYR A 1 24  ? -1.083  14.307  2.974   1.00 18.48  ? 24  TYR A N   1 
ATOM   195  C  CA  . TYR A 1 24  ? -1.445  14.442  1.575   1.00 19.98  ? 24  TYR A CA  1 
ATOM   196  C  C   . TYR A 1 24  ? -2.889  14.147  1.381   1.00 6.97   ? 24  TYR A C   1 
ATOM   197  O  O   . TYR A 1 24  ? -3.435  13.270  2.055   1.00 19.42  ? 24  TYR A O   1 
ATOM   198  C  CB  . TYR A 1 24  ? -0.679  13.466  0.733   1.00 22.17  ? 24  TYR A CB  1 
ATOM   199  C  CG  . TYR A 1 24  ? 0.809   13.693  0.772   1.00 15.39  ? 24  TYR A CG  1 
ATOM   200  C  CD1 . TYR A 1 24  ? 1.330   14.950  0.473   1.00 34.93  ? 24  TYR A CD1 1 
ATOM   201  C  CD2 . TYR A 1 24  ? 1.699   12.636  1.009   1.00 21.14  ? 24  TYR A CD2 1 
ATOM   202  C  CE1 . TYR A 1 24  ? 2.707   15.158  0.456   1.00 46.11  ? 24  TYR A CE1 1 
ATOM   203  C  CE2 . TYR A 1 24  ? 3.082   12.829  1.001   1.00 35.89  ? 24  TYR A CE2 1 
ATOM   204  C  CZ  . TYR A 1 24  ? 3.593   14.099  0.707   1.00 26.42  ? 24  TYR A CZ  1 
ATOM   205  O  OH  . TYR A 1 24  ? 4.961   14.325  0.674   1.00 49.93  ? 24  TYR A OH  1 
ATOM   206  N  N   . TYR A 1 25  ? -3.479  14.908  0.458   1.00 14.05  ? 25  TYR A N   1 
ATOM   207  C  CA  . TYR A 1 25  ? -4.891  14.740  0.193   1.00 6.98   ? 25  TYR A CA  1 
ATOM   208  C  C   . TYR A 1 25  ? -5.153  13.367  -0.415  1.00 2.95   ? 25  TYR A C   1 
ATOM   209  O  O   . TYR A 1 25  ? -4.553  13.035  -1.459  1.00 9.05   ? 25  TYR A O   1 
ATOM   210  C  CB  . TYR A 1 25  ? -5.401  15.855  -0.722  1.00 14.35  ? 25  TYR A CB  1 
ATOM   211  C  CG  . TYR A 1 25  ? -5.503  17.138  0.005   1.00 25.32  ? 25  TYR A CG  1 
ATOM   212  C  CD1 . TYR A 1 25  ? -6.336  17.278  1.111   1.00 23.76  ? 25  TYR A CD1 1 
ATOM   213  C  CD2 . TYR A 1 25  ? -4.741  18.223  -0.420  1.00 22.60  ? 25  TYR A CD2 1 
ATOM   214  C  CE1 . TYR A 1 25  ? -6.422  18.504  1.776   1.00 30.86  ? 25  TYR A CE1 1 
ATOM   215  C  CE2 . TYR A 1 25  ? -4.803  19.445  0.246   1.00 23.64  ? 25  TYR A CE2 1 
ATOM   216  C  CZ  . TYR A 1 25  ? -5.678  19.603  1.311   1.00 52.75  ? 25  TYR A CZ  1 
ATOM   217  O  OH  . TYR A 1 25  ? -5.729  20.839  1.933   1.00 42.95  ? 25  TYR A OH  1 
ATOM   218  N  N   . THR A 1 26  ? -6.041  12.653  0.248   1.00 11.56  ? 26  THR A N   1 
ATOM   219  C  CA  . THR A 1 26  ? -6.418  11.318  -0.077  1.00 12.95  ? 26  THR A CA  1 
ATOM   220  C  C   . THR A 1 26  ? -7.881  11.266  0.029   1.00 20.57  ? 26  THR A C   1 
ATOM   221  O  O   . THR A 1 26  ? -8.428  12.201  0.588   1.00 20.23  ? 26  THR A O   1 
ATOM   222  C  CB  . THR A 1 26  ? -5.832  10.397  1.039   1.00 16.51  ? 26  THR A CB  1 
ATOM   223  O  OG1 . THR A 1 26  ? -4.439  10.519  1.080   1.00 22.08  ? 26  THR A OG1 1 
ATOM   224  C  CG2 . THR A 1 26  ? -6.163  8.909   0.903   1.00 1.23   ? 26  THR A CG2 1 
ATOM   225  N  N   . ILE A 1 27  ? -8.465  10.159  -0.468  1.00 11.02  ? 27  ILE A N   1 
ATOM   226  C  CA  . ILE A 1 27  ? -9.896  9.842   -0.342  1.00 11.99  ? 27  ILE A CA  1 
ATOM   227  C  C   . ILE A 1 27  ? -10.073 8.294   -0.495  1.00 14.25  ? 27  ILE A C   1 
ATOM   228  O  O   . ILE A 1 27  ? -9.209  7.612   -0.962  1.00 11.87  ? 27  ILE A O   1 
ATOM   229  C  CB  . ILE A 1 27  ? -10.733 10.587  -1.410  1.00 18.57  ? 27  ILE A CB  1 
ATOM   230  C  CG1 . ILE A 1 27  ? -12.261 10.462  -1.173  1.00 14.79  ? 27  ILE A CG1 1 
ATOM   231  C  CG2 . ILE A 1 27  ? -10.390 9.984   -2.791  1.00 10.85  ? 27  ILE A CG2 1 
ATOM   232  C  CD1 . ILE A 1 27  ? -13.118 11.688  -1.503  1.00 7.71   ? 27  ILE A CD1 1 
ATOM   233  N  N   . GLY A 1 28  ? -11.217 7.760   -0.158  1.00 10.37  ? 28  GLY A N   1 
ATOM   234  C  CA  . GLY A 1 28  ? -11.551 6.342   -0.350  1.00 14.20  ? 28  GLY A CA  1 
ATOM   235  C  C   . GLY A 1 28  ? -10.770 5.438   0.559   1.00 37.89  ? 28  GLY A C   1 
ATOM   236  O  O   . GLY A 1 28  ? -10.646 5.657   1.764   1.00 15.87  ? 28  GLY A O   1 
ATOM   237  N  N   . ILE A 1 29  ? -10.246 4.419   -0.062  1.00 13.36  ? 29  ILE A N   1 
ATOM   238  C  CA  . ILE A 1 29  ? -9.397  3.439   0.615   1.00 13.85  ? 29  ILE A CA  1 
ATOM   239  C  C   . ILE A 1 29  ? -7.926  3.691   0.289   1.00 14.67  ? 29  ILE A C   1 
ATOM   240  O  O   . ILE A 1 29  ? -7.271  2.980   -0.471  1.00 16.61  ? 29  ILE A O   1 
ATOM   241  C  CB  . ILE A 1 29  ? -9.864  2.008   0.275   1.00 11.86  ? 29  ILE A CB  1 
ATOM   242  C  CG1 . ILE A 1 29  ? -11.361 1.940   0.643   1.00 20.30  ? 29  ILE A CG1 1 
ATOM   243  C  CG2 . ILE A 1 29  ? -9.046  0.982   1.058   1.00 17.81  ? 29  ILE A CG2 1 
ATOM   244  C  CD1 . ILE A 1 29  ? -12.155 0.798   0.040   1.00 11.58  ? 29  ILE A CD1 1 
ATOM   245  N  N   . GLY A 1 30  ? -7.409  4.742   0.876   1.00 10.65  ? 30  GLY A N   1 
ATOM   246  C  CA  . GLY A 1 30  ? -5.993  5.080   0.633   1.00 6.79   ? 30  GLY A CA  1 
ATOM   247  C  C   . GLY A 1 30  ? -5.619  5.585   -0.727  1.00 12.29  ? 30  GLY A C   1 
ATOM   248  O  O   . GLY A 1 30  ? -4.454  5.525   -1.099  1.00 16.55  ? 30  GLY A O   1 
ATOM   249  N  N   . HIS A 1 31  ? -6.573  6.115   -1.492  1.00 8.51   ? 31  HIS A N   1 
ATOM   250  C  CA  . HIS A 1 31  ? -6.184  6.598   -2.780  1.00 4.87   ? 31  HIS A CA  1 
ATOM   251  C  C   . HIS A 1 31  ? -5.626  8.050   -2.720  1.00 8.31   ? 31  HIS A C   1 
ATOM   252  O  O   . HIS A 1 31  ? -6.342  9.039   -2.480  1.00 12.63  ? 31  HIS A O   1 
ATOM   253  C  CB  . HIS A 1 31  ? -7.470  6.554   -3.651  1.00 2.28   ? 31  HIS A CB  1 
ATOM   254  C  CG  . HIS A 1 31  ? -7.189  7.095   -4.998  1.00 14.20  ? 31  HIS A CG  1 
ATOM   255  N  ND1 . HIS A 1 31  ? -6.756  6.282   -6.020  1.00 8.03   ? 31  HIS A ND1 1 
ATOM   256  C  CD2 . HIS A 1 31  ? -7.300  8.367   -5.486  1.00 19.85  ? 31  HIS A CD2 1 
ATOM   257  C  CE1 . HIS A 1 31  ? -6.485  7.048   -7.049  1.00 7.95   ? 31  HIS A CE1 1 
ATOM   258  N  NE2 . HIS A 1 31  ? -6.828  8.311   -6.775  1.00 16.74  ? 31  HIS A NE2 1 
ATOM   259  N  N   . LEU A 1 32  ? -4.272  8.170   -2.894  1.00 11.16  ? 32  LEU A N   1 
ATOM   260  C  CA  . LEU A 1 32  ? -3.611  9.440   -2.835  1.00 12.05  ? 32  LEU A CA  1 
ATOM   261  C  C   . LEU A 1 32  ? -4.023  10.286  -3.962  1.00 10.62  ? 32  LEU A C   1 
ATOM   262  O  O   . LEU A 1 32  ? -4.007  9.869   -5.108  1.00 16.56  ? 32  LEU A O   1 
ATOM   263  C  CB  . LEU A 1 32  ? -2.093  9.282   -2.895  1.00 15.84  ? 32  LEU A CB  1 
ATOM   264  C  CG  . LEU A 1 32  ? -1.390  10.617  -3.099  1.00 40.53  ? 32  LEU A CG  1 
ATOM   265  C  CD1 . LEU A 1 32  ? -1.425  11.343  -1.778  1.00 14.25  ? 32  LEU A CD1 1 
ATOM   266  C  CD2 . LEU A 1 32  ? 0.060   10.343  -3.420  1.00 17.92  ? 32  LEU A CD2 1 
ATOM   267  N  N   . LEU A 1 33  ? -4.457  11.476  -3.695  1.00 11.16  ? 33  LEU A N   1 
ATOM   268  C  CA  . LEU A 1 33  ? -4.871  12.208  -4.858  1.00 14.48  ? 33  LEU A CA  1 
ATOM   269  C  C   . LEU A 1 33  ? -3.739  13.095  -5.376  1.00 14.67  ? 33  LEU A C   1 
ATOM   270  O  O   . LEU A 1 33  ? -3.611  13.350  -6.572  1.00 16.81  ? 33  LEU A O   1 
ATOM   271  C  CB  . LEU A 1 33  ? -6.014  13.139  -4.503  1.00 16.63  ? 33  LEU A CB  1 
ATOM   272  C  CG  . LEU A 1 33  ? -7.312  12.441  -4.272  1.00 23.48  ? 33  LEU A CG  1 
ATOM   273  C  CD1 . LEU A 1 33  ? -8.134  13.429  -3.524  1.00 10.87  ? 33  LEU A CD1 1 
ATOM   274  C  CD2 . LEU A 1 33  ? -7.970  12.176  -5.615  1.00 3.53   ? 33  LEU A CD2 1 
ATOM   275  N  N   . THR A 1 34  ? -3.003  13.664  -4.433  1.00 23.64  ? 34  THR A N   1 
ATOM   276  C  CA  . THR A 1 34  ? -1.958  14.604  -4.732  1.00 39.56  ? 34  THR A CA  1 
ATOM   277  C  C   . THR A 1 34  ? -1.152  14.938  -3.523  1.00 27.00  ? 34  THR A C   1 
ATOM   278  O  O   . THR A 1 34  ? -1.664  14.949  -2.390  1.00 26.69  ? 34  THR A O   1 
ATOM   279  C  CB  . THR A 1 34  ? -2.450  15.964  -5.346  1.00 34.33  ? 34  THR A CB  1 
ATOM   280  O  OG1 . THR A 1 34  ? -1.309  16.712  -5.692  1.00 31.23  ? 34  THR A OG1 1 
ATOM   281  C  CG2 . THR A 1 34  ? -3.284  16.847  -4.410  1.00 17.30  ? 34  THR A CG2 1 
ATOM   282  N  N   . LYS A 1 35  ? 0.093   15.286  -3.855  1.00 19.26  ? 35  LYS A N   1 
ATOM   283  C  CA  . LYS A 1 35  ? 1.073   15.735  -2.913  1.00 24.52  ? 35  LYS A CA  1 
ATOM   284  C  C   . LYS A 1 35  ? 1.051   17.223  -2.675  1.00 40.22  ? 35  LYS A C   1 
ATOM   285  O  O   . LYS A 1 35  ? 1.512   17.722  -1.654  1.00 42.02  ? 35  LYS A O   1 
ATOM   286  C  CB  . LYS A 1 35  ? 2.425   15.245  -3.263  1.00 31.17  ? 35  LYS A CB  1 
ATOM   287  C  CG  . LYS A 1 35  ? 2.518   13.792  -2.844  1.00 43.63  ? 35  LYS A CG  1 
ATOM   288  C  CD  . LYS A 1 35  ? 3.653   13.024  -3.476  1.00 32.46  ? 35  LYS A CD  1 
ATOM   289  C  CE  . LYS A 1 35  ? 3.963   11.731  -2.709  1.00 29.41  ? 35  LYS A CE  1 
ATOM   290  N  NZ  . LYS A 1 35  ? 5.146   11.008  -3.238  1.00 100.00 ? 35  LYS A NZ  1 
ATOM   291  N  N   . SER A 1 36  ? 0.456   17.912  -3.605  1.00 33.10  ? 36  SER A N   1 
ATOM   292  C  CA  . SER A 1 36  ? 0.370   19.325  -3.498  1.00 31.12  ? 36  SER A CA  1 
ATOM   293  C  C   . SER A 1 36  ? -0.555  19.714  -2.367  1.00 29.87  ? 36  SER A C   1 
ATOM   294  O  O   . SER A 1 36  ? -1.528  18.996  -2.036  1.00 28.34  ? 36  SER A O   1 
ATOM   295  C  CB  . SER A 1 36  ? 0.022   19.953  -4.838  1.00 63.78  ? 36  SER A CB  1 
ATOM   296  O  OG  . SER A 1 36  ? -0.993  20.917  -4.681  1.00 29.33  ? 36  SER A OG  1 
ATOM   297  N  N   . PRO A 1 37  ? -0.237  20.882  -1.787  1.00 32.69  ? 37  PRO A N   1 
ATOM   298  C  CA  . PRO A 1 37  ? -0.958  21.442  -0.650  1.00 22.03  ? 37  PRO A CA  1 
ATOM   299  C  C   . PRO A 1 37  ? -2.343  22.049  -0.932  1.00 33.79  ? 37  PRO A C   1 
ATOM   300  O  O   . PRO A 1 37  ? -3.122  22.330  -0.005  1.00 76.98  ? 37  PRO A O   1 
ATOM   301  C  CB  . PRO A 1 37  ? -0.002  22.447  -0.011  1.00 29.17  ? 37  PRO A CB  1 
ATOM   302  C  CG  . PRO A 1 37  ? 1.210   22.570  -0.912  1.00 24.00  ? 37  PRO A CG  1 
ATOM   303  C  CD  . PRO A 1 37  ? 1.121   21.463  -1.948  1.00 27.75  ? 37  PRO A CD  1 
ATOM   304  N  N   . SER A 1 38  ? -2.655  22.207  -2.230  1.00 38.37  ? 38  SER A N   1 
ATOM   305  C  CA  . SER A 1 38  ? -3.896  22.795  -2.756  1.00 61.41  ? 38  SER A CA  1 
ATOM   306  C  C   . SER A 1 38  ? -5.055  21.830  -2.726  1.00 46.34  ? 38  SER A C   1 
ATOM   307  O  O   . SER A 1 38  ? -5.027  20.802  -3.419  1.00 33.96  ? 38  SER A O   1 
ATOM   308  C  CB  . SER A 1 38  ? -3.749  23.394  -4.201  1.00 23.50  ? 38  SER A CB  1 
ATOM   309  O  OG  . SER A 1 38  ? -4.782  24.329  -4.489  1.00 100.00 ? 38  SER A OG  1 
ATOM   310  N  N   . LEU A 1 39  ? -6.077  22.179  -1.939  1.00 18.85  ? 39  LEU A N   1 
ATOM   311  C  CA  . LEU A 1 39  ? -7.273  21.364  -1.860  1.00 29.54  ? 39  LEU A CA  1 
ATOM   312  C  C   . LEU A 1 39  ? -7.984  21.396  -3.196  1.00 27.57  ? 39  LEU A C   1 
ATOM   313  O  O   . LEU A 1 39  ? -8.796  20.528  -3.518  1.00 25.12  ? 39  LEU A O   1 
ATOM   314  C  CB  . LEU A 1 39  ? -8.230  21.903  -0.767  1.00 27.49  ? 39  LEU A CB  1 
ATOM   315  C  CG  . LEU A 1 39  ? -9.574  21.170  -0.656  1.00 54.59  ? 39  LEU A CG  1 
ATOM   316  C  CD1 . LEU A 1 39  ? -9.362  19.665  -0.458  1.00 25.39  ? 39  LEU A CD1 1 
ATOM   317  C  CD2 . LEU A 1 39  ? -10.392 21.721  0.513   1.00 28.12  ? 39  LEU A CD2 1 
ATOM   318  N  N   . ASN A 1 40  ? -7.712  22.459  -3.956  1.00 19.92  ? 40  ASN A N   1 
ATOM   319  C  CA  . ASN A 1 40  ? -8.428  22.611  -5.199  1.00 16.52  ? 40  ASN A CA  1 
ATOM   320  C  C   . ASN A 1 40  ? -7.854  21.692  -6.210  1.00 18.48  ? 40  ASN A C   1 
ATOM   321  O  O   . ASN A 1 40  ? -8.579  21.133  -6.996  1.00 26.45  ? 40  ASN A O   1 
ATOM   322  C  CB  . ASN A 1 40  ? -8.469  24.064  -5.669  1.00 33.88  ? 40  ASN A CB  1 
ATOM   323  C  CG  . ASN A 1 40  ? -9.343  24.910  -4.751  1.00 100.00 ? 40  ASN A CG  1 
ATOM   324  O  OD1 . ASN A 1 40  ? -10.454 24.495  -4.356  1.00 53.36  ? 40  ASN A OD1 1 
ATOM   325  N  ND2 . ASN A 1 40  ? -8.830  26.084  -4.376  1.00 100.00 ? 40  ASN A ND2 1 
ATOM   326  N  N   . ALA A 1 41  ? -6.523  21.585  -6.157  1.00 9.84   ? 41  ALA A N   1 
ATOM   327  C  CA  . ALA A 1 41  ? -5.770  20.684  -7.001  1.00 27.48  ? 41  ALA A CA  1 
ATOM   328  C  C   . ALA A 1 41  ? -6.234  19.269  -6.698  1.00 29.84  ? 41  ALA A C   1 
ATOM   329  O  O   . ALA A 1 41  ? -6.361  18.436  -7.569  1.00 29.94  ? 41  ALA A O   1 
ATOM   330  C  CB  . ALA A 1 41  ? -4.298  20.782  -6.647  1.00 19.73  ? 41  ALA A CB  1 
ATOM   331  N  N   . ALA A 1 42  ? -6.468  19.021  -5.432  1.00 22.34  ? 42  ALA A N   1 
ATOM   332  C  CA  . ALA A 1 42  ? -6.951  17.768  -4.939  1.00 19.05  ? 42  ALA A CA  1 
ATOM   333  C  C   . ALA A 1 42  ? -8.376  17.555  -5.393  1.00 19.58  ? 42  ALA A C   1 
ATOM   334  O  O   . ALA A 1 42  ? -8.696  16.473  -5.867  1.00 17.45  ? 42  ALA A O   1 
ATOM   335  C  CB  . ALA A 1 42  ? -6.839  17.720  -3.438  1.00 31.16  ? 42  ALA A CB  1 
ATOM   336  N  N   . LYS A 1 43  ? -9.232  18.575  -5.336  1.00 18.40  ? 43  LYS A N   1 
ATOM   337  C  CA  . LYS A 1 43  ? -10.581 18.361  -5.832  1.00 9.30   ? 43  LYS A CA  1 
ATOM   338  C  C   . LYS A 1 43  ? -10.623 18.140  -7.354  1.00 19.69  ? 43  LYS A C   1 
ATOM   339  O  O   . LYS A 1 43  ? -11.457 17.420  -7.843  1.00 25.19  ? 43  LYS A O   1 
ATOM   340  C  CB  . LYS A 1 43  ? -11.503 19.486  -5.517  1.00 19.71  ? 43  LYS A CB  1 
ATOM   341  C  CG  . LYS A 1 43  ? -12.121 19.351  -4.156  1.00 33.20  ? 43  LYS A CG  1 
ATOM   342  C  CD  . LYS A 1 43  ? -12.376 20.714  -3.533  1.00 41.07  ? 43  LYS A CD  1 
ATOM   343  C  CE  . LYS A 1 43  ? -13.539 20.747  -2.544  1.00 66.13  ? 43  LYS A CE  1 
ATOM   344  N  NZ  . LYS A 1 43  ? -14.587 21.718  -2.916  1.00 100.00 ? 43  LYS A NZ  1 
ATOM   345  N  N   . SER A 1 44  ? -9.700  18.746  -8.103  1.00 17.79  ? 44  SER A N   1 
ATOM   346  C  CA  . SER A 1 44  ? -9.663  18.598  -9.560  1.00 30.09  ? 44  SER A CA  1 
ATOM   347  C  C   . SER A 1 44  ? -9.204  17.172  -9.938  1.00 17.00  ? 44  SER A C   1 
ATOM   348  O  O   . SER A 1 44  ? -9.753  16.486  -10.836 1.00 23.68  ? 44  SER A O   1 
ATOM   349  C  CB  . SER A 1 44  ? -8.879  19.786  -10.215 1.00 18.41  ? 44  SER A CB  1 
ATOM   350  O  OG  . SER A 1 44  ? -8.070  19.372  -11.305 1.00 63.71  ? 44  SER A OG  1 
ATOM   351  N  N   . GLU A 1 45  ? -8.195  16.699  -9.185  1.00 17.67  ? 45  GLU A N   1 
ATOM   352  C  CA  . GLU A 1 45  ? -7.655  15.347  -9.342  1.00 10.35  ? 45  GLU A CA  1 
ATOM   353  C  C   . GLU A 1 45  ? -8.808  14.403  -9.064  1.00 17.15  ? 45  GLU A C   1 
ATOM   354  O  O   . GLU A 1 45  ? -9.108  13.490  -9.820  1.00 16.12  ? 45  GLU A O   1 
ATOM   355  C  CB  . GLU A 1 45  ? -6.598  15.129  -8.252  1.00 8.38   ? 45  GLU A CB  1 
ATOM   356  C  CG  . GLU A 1 45  ? -5.177  15.523  -8.641  1.00 14.12  ? 45  GLU A CG  1 
ATOM   357  C  CD  . GLU A 1 45  ? -4.811  15.114  -10.029 1.00 18.87  ? 45  GLU A CD  1 
ATOM   358  O  OE1 . GLU A 1 45  ? -4.715  13.951  -10.410 1.00 18.82  ? 45  GLU A OE1 1 
ATOM   359  O  OE2 . GLU A 1 45  ? -4.522  16.140  -10.760 1.00 28.07  ? 45  GLU A OE2 1 
ATOM   360  N  N   . LEU A 1 46  ? -9.497  14.650  -7.973  1.00 14.12  ? 46  LEU A N   1 
ATOM   361  C  CA  . LEU A 1 46  ? -10.666 13.851  -7.662  1.00 8.63   ? 46  LEU A CA  1 
ATOM   362  C  C   . LEU A 1 46  ? -11.695 13.728  -8.815  1.00 29.68  ? 46  LEU A C   1 
ATOM   363  O  O   . LEU A 1 46  ? -12.165 12.633  -9.172  1.00 17.38  ? 46  LEU A O   1 
ATOM   364  C  CB  . LEU A 1 46  ? -11.371 14.336  -6.362  1.00 12.40  ? 46  LEU A CB  1 
ATOM   365  C  CG  . LEU A 1 46  ? -12.501 13.372  -5.940  1.00 29.75  ? 46  LEU A CG  1 
ATOM   366  C  CD1 . LEU A 1 46  ? -12.000 11.908  -5.850  1.00 5.19   ? 46  LEU A CD1 1 
ATOM   367  C  CD2 . LEU A 1 46  ? -13.104 13.806  -4.601  1.00 12.16  ? 46  LEU A CD2 1 
ATOM   368  N  N   . ASP A 1 47  ? -12.070 14.851  -9.412  1.00 16.08  ? 47  ASP A N   1 
ATOM   369  C  CA  . ASP A 1 47  ? -13.074 14.816  -10.470 1.00 25.93  ? 47  ASP A CA  1 
ATOM   370  C  C   . ASP A 1 47  ? -12.580 14.111  -11.689 1.00 18.04  ? 47  ASP A C   1 
ATOM   371  O  O   . ASP A 1 47  ? -13.320 13.425  -12.408 1.00 19.73  ? 47  ASP A O   1 
ATOM   372  C  CB  . ASP A 1 47  ? -13.523 16.214  -10.850 1.00 16.22  ? 47  ASP A CB  1 
ATOM   373  C  CG  . ASP A 1 47  ? -14.154 17.073  -9.764  1.00 50.28  ? 47  ASP A CG  1 
ATOM   374  O  OD1 . ASP A 1 47  ? -14.858 16.683  -8.850  1.00 25.13  ? 47  ASP A OD1 1 
ATOM   375  O  OD2 . ASP A 1 47  ? -13.889 18.335  -9.937  1.00 39.29  ? 47  ASP A OD2 1 
ATOM   376  N  N   . LYS A 1 48  ? -11.306 14.325  -11.951 1.00 19.94  ? 48  LYS A N   1 
ATOM   377  C  CA  . LYS A 1 48  ? -10.665 13.675  -13.074 1.00 13.54  ? 48  LYS A CA  1 
ATOM   378  C  C   . LYS A 1 48  ? -10.668 12.126  -12.876 1.00 20.60  ? 48  LYS A C   1 
ATOM   379  O  O   . LYS A 1 48  ? -10.921 11.328  -13.767 1.00 13.13  ? 48  LYS A O   1 
ATOM   380  C  CB  . LYS A 1 48  ? -9.254  14.210  -13.145 1.00 17.23  ? 48  LYS A CB  1 
ATOM   381  C  CG  . LYS A 1 48  ? -8.372  13.486  -14.160 1.00 11.62  ? 48  LYS A CG  1 
ATOM   382  C  CD  . LYS A 1 48  ? -7.202  14.351  -14.614 1.00 11.77  ? 48  LYS A CD  1 
ATOM   383  C  CE  . LYS A 1 48  ? -6.210  14.698  -13.551 1.00 16.43  ? 48  LYS A CE  1 
ATOM   384  N  NZ  . LYS A 1 48  ? -5.458  13.505  -13.153 1.00 23.88  ? 48  LYS A NZ  1 
ATOM   385  N  N   . ALA A 1 49  ? -10.424 11.676  -11.661 1.00 13.71  ? 49  ALA A N   1 
ATOM   386  C  CA  . ALA A 1 49  ? -10.403 10.237  -11.370 1.00 21.66  ? 49  ALA A CA  1 
ATOM   387  C  C   . ALA A 1 49  ? -11.782 9.568   -11.459 1.00 21.89  ? 49  ALA A C   1 
ATOM   388  O  O   . ALA A 1 49  ? -11.927 8.489   -12.008 1.00 16.51  ? 49  ALA A O   1 
ATOM   389  C  CB  . ALA A 1 49  ? -9.705  9.998   -10.024 1.00 20.01  ? 49  ALA A CB  1 
ATOM   390  N  N   . ILE A 1 50  ? -12.778 10.240  -10.920 1.00 16.99  ? 50  ILE A N   1 
ATOM   391  C  CA  . ILE A 1 50  ? -14.141 9.791   -10.868 1.00 24.01  ? 50  ILE A CA  1 
ATOM   392  C  C   . ILE A 1 50  ? -14.903 10.011  -12.148 1.00 21.53  ? 50  ILE A C   1 
ATOM   393  O  O   . ILE A 1 50  ? -15.895 9.318   -12.439 1.00 39.86  ? 50  ILE A O   1 
ATOM   394  C  CB  . ILE A 1 50  ? -14.894 10.521  -9.744  1.00 15.55  ? 50  ILE A CB  1 
ATOM   395  C  CG1 . ILE A 1 50  ? -14.203 10.197  -8.423  1.00 8.33   ? 50  ILE A CG1 1 
ATOM   396  C  CG2 . ILE A 1 50  ? -16.300 9.953   -9.696  1.00 14.34  ? 50  ILE A CG2 1 
ATOM   397  C  CD1 . ILE A 1 50  ? -14.059 8.705   -8.239  1.00 10.31  ? 50  ILE A CD1 1 
ATOM   398  N  N   . GLY A 1 51  ? -14.489 11.004  -12.883 1.00 24.13  ? 51  GLY A N   1 
ATOM   399  C  CA  . GLY A 1 51  ? -15.206 11.318  -14.097 1.00 14.19  ? 51  GLY A CA  1 
ATOM   400  C  C   . GLY A 1 51  ? -16.486 12.179  -13.837 1.00 25.69  ? 51  GLY A C   1 
ATOM   401  O  O   . GLY A 1 51  ? -17.462 12.131  -14.581 1.00 26.91  ? 51  GLY A O   1 
ATOM   402  N  N   . ARG A 1 52  ? -16.494 12.993  -12.793 1.00 48.94  ? 52  ARG A N   1 
ATOM   403  C  CA  . ARG A 1 52  ? -17.649 13.840  -12.539 1.00 15.95  ? 52  ARG A CA  1 
ATOM   404  C  C   . ARG A 1 52  ? -17.275 14.938  -11.575 1.00 34.68  ? 52  ARG A C   1 
ATOM   405  O  O   . ARG A 1 52  ? -16.194 14.898  -10.988 1.00 25.16  ? 52  ARG A O   1 
ATOM   406  C  CB  . ARG A 1 52  ? -18.922 13.061  -12.125 1.00 9.99   ? 52  ARG A CB  1 
ATOM   407  C  CG  . ARG A 1 52  ? -19.118 12.890  -10.644 1.00 15.96  ? 52  ARG A CG  1 
ATOM   408  C  CD  . ARG A 1 52  ? -19.887 11.603  -10.304 1.00 27.45  ? 52  ARG A CD  1 
ATOM   409  N  NE  . ARG A 1 52  ? -19.675 11.158  -8.941  1.00 20.77  ? 52  ARG A NE  1 
ATOM   410  C  CZ  . ARG A 1 52  ? -19.922 11.956  -7.882  1.00 39.05  ? 52  ARG A CZ  1 
ATOM   411  N  NH1 . ARG A 1 52  ? -20.419 13.162  -8.048  1.00 43.69  ? 52  ARG A NH1 1 
ATOM   412  N  NH2 . ARG A 1 52  ? -19.720 11.558  -6.629  1.00 38.71  ? 52  ARG A NH2 1 
ATOM   413  N  N   . ASN A 1 53  ? -18.136 15.931  -11.492 1.00 21.24  ? 53  ASN A N   1 
ATOM   414  C  CA  . ASN A 1 53  ? -17.959 17.007  -10.550 1.00 43.50  ? 53  ASN A CA  1 
ATOM   415  C  C   . ASN A 1 53  ? -18.430 16.444  -9.213  1.00 17.39  ? 53  ASN A C   1 
ATOM   416  O  O   . ASN A 1 53  ? -19.622 16.293  -9.013  1.00 33.41  ? 53  ASN A O   1 
ATOM   417  C  CB  . ASN A 1 53  ? -18.845 18.185  -10.957 1.00 58.33  ? 53  ASN A CB  1 
ATOM   418  C  CG  . ASN A 1 53  ? -18.071 19.470  -10.975 1.00 47.69  ? 53  ASN A CG  1 
ATOM   419  O  OD1 . ASN A 1 53  ? -17.535 19.880  -12.026 1.00 100.00 ? 53  ASN A OD1 1 
ATOM   420  N  ND2 . ASN A 1 53  ? -17.941 20.074  -9.788  1.00 39.86  ? 53  ASN A ND2 1 
ATOM   421  N  N   . THR A 1 54  ? -17.469 16.033  -8.361  1.00 16.85  ? 54  THR A N   1 
ATOM   422  C  CA  . THR A 1 54  ? -17.715 15.373  -7.109  1.00 14.32  ? 54  THR A CA  1 
ATOM   423  C  C   . THR A 1 54  ? -17.885 16.314  -5.961  1.00 16.55  ? 54  THR A C   1 
ATOM   424  O  O   . THR A 1 54  ? -18.542 15.999  -4.968  1.00 44.08  ? 54  THR A O   1 
ATOM   425  C  CB  . THR A 1 54  ? -16.557 14.429  -6.786  1.00 23.23  ? 54  THR A CB  1 
ATOM   426  O  OG1 . THR A 1 54  ? -15.413 15.176  -6.390  1.00 16.70  ? 54  THR A OG1 1 
ATOM   427  C  CG2 . THR A 1 54  ? -16.235 13.587  -8.012  1.00 22.61  ? 54  THR A CG2 1 
ATOM   428  N  N   . ASN A 1 55  ? -17.218 17.432  -6.077  1.00 21.26  ? 55  ASN A N   1 
ATOM   429  C  CA  . ASN A 1 55  ? -17.255 18.374  -4.992  1.00 47.06  ? 55  ASN A CA  1 
ATOM   430  C  C   . ASN A 1 55  ? -16.501 17.841  -3.759  1.00 43.55  ? 55  ASN A C   1 
ATOM   431  O  O   . ASN A 1 55  ? -16.755 18.259  -2.643  1.00 42.32  ? 55  ASN A O   1 
ATOM   432  C  CB  . ASN A 1 55  ? -18.716 18.754  -4.672  1.00 31.68  ? 55  ASN A CB  1 
ATOM   433  C  CG  . ASN A 1 55  ? -18.933 19.997  -3.820  1.00 100.00 ? 55  ASN A CG  1 
ATOM   434  O  OD1 . ASN A 1 55  ? -18.203 21.020  -3.902  1.00 42.61  ? 55  ASN A OD1 1 
ATOM   435  N  ND2 . ASN A 1 55  ? -20.004 19.918  -3.028  1.00 46.31  ? 55  ASN A ND2 1 
ATOM   436  N  N   . GLY A 1 56  ? -15.552 16.930  -3.942  1.00 33.19  ? 56  GLY A N   1 
ATOM   437  C  CA  . GLY A 1 56  ? -14.789 16.431  -2.799  1.00 31.59  ? 56  GLY A CA  1 
ATOM   438  C  C   . GLY A 1 56  ? -15.449 15.285  -2.064  1.00 12.62  ? 56  GLY A C   1 
ATOM   439  O  O   . GLY A 1 56  ? -14.965 14.804  -1.041  1.00 16.27  ? 56  GLY A O   1 
ATOM   440  N  N   . VAL A 1 57  ? -16.550 14.807  -2.600  1.00 20.00  ? 57  VAL A N   1 
ATOM   441  C  CA  . VAL A 1 57  ? -17.265 13.691  -1.983  1.00 16.43  ? 57  VAL A CA  1 
ATOM   442  C  C   . VAL A 1 57  ? -17.608 12.566  -2.991  1.00 46.48  ? 57  VAL A C   1 
ATOM   443  O  O   . VAL A 1 57  ? -18.031 12.866  -4.087  1.00 18.08  ? 57  VAL A O   1 
ATOM   444  C  CB  . VAL A 1 57  ? -18.524 14.295  -1.414  1.00 26.28  ? 57  VAL A CB  1 
ATOM   445  C  CG1 . VAL A 1 57  ? -19.392 13.222  -0.766  1.00 24.68  ? 57  VAL A CG1 1 
ATOM   446  C  CG2 . VAL A 1 57  ? -18.072 15.371  -0.441  1.00 53.35  ? 57  VAL A CG2 1 
ATOM   447  N  N   . ILE A 1 58  ? -17.450 11.273  -2.640  1.00 11.59  ? 58  ILE A N   1 
ATOM   448  C  CA  . ILE A 1 58  ? -17.747 10.197  -3.567  1.00 26.69  ? 58  ILE A CA  1 
ATOM   449  C  C   . ILE A 1 58  ? -18.591 9.174   -2.895  1.00 30.04  ? 58  ILE A C   1 
ATOM   450  O  O   . ILE A 1 58  ? -18.712 9.235   -1.683  1.00 21.06  ? 58  ILE A O   1 
ATOM   451  C  CB  . ILE A 1 58  ? -16.465 9.519   -4.076  1.00 12.37  ? 58  ILE A CB  1 
ATOM   452  C  CG1 . ILE A 1 58  ? -15.637 9.070   -2.874  1.00 6.40   ? 58  ILE A CG1 1 
ATOM   453  C  CG2 . ILE A 1 58  ? -15.628 10.530  -4.862  1.00 16.66  ? 58  ILE A CG2 1 
ATOM   454  C  CD1 . ILE A 1 58  ? -14.634 7.996   -3.241  1.00 11.77  ? 58  ILE A CD1 1 
ATOM   455  N  N   . THR A 1 59  ? -19.118 8.222   -3.666  1.00 16.05  ? 59  THR A N   1 
ATOM   456  C  CA  . THR A 1 59  ? -19.898 7.174   -3.054  1.00 13.54  ? 59  THR A CA  1 
ATOM   457  C  C   . THR A 1 59  ? -19.021 5.978   -2.712  1.00 24.06  ? 59  THR A C   1 
ATOM   458  O  O   . THR A 1 59  ? -17.900 5.819   -3.180  1.00 21.77  ? 59  THR A O   1 
ATOM   459  C  CB  . THR A 1 59  ? -20.925 6.636   -4.052  1.00 22.37  ? 59  THR A CB  1 
ATOM   460  O  OG1 . THR A 1 59  ? -20.147 6.140   -5.091  1.00 27.76  ? 59  THR A OG1 1 
ATOM   461  C  CG2 . THR A 1 59  ? -21.853 7.735   -4.591  1.00 19.00  ? 59  THR A CG2 1 
ATOM   462  N  N   . LYS A 1 60  ? -19.590 5.097   -1.916  1.00 20.82  ? 60  LYS A N   1 
ATOM   463  C  CA  . LYS A 1 60  ? -18.935 3.884   -1.510  1.00 12.37  ? 60  LYS A CA  1 
ATOM   464  C  C   . LYS A 1 60  ? -18.482 3.094   -2.718  1.00 17.61  ? 60  LYS A C   1 
ATOM   465  O  O   . LYS A 1 60  ? -17.336 2.630   -2.782  1.00 14.26  ? 60  LYS A O   1 
ATOM   466  C  CB  . LYS A 1 60  ? -19.839 3.051   -0.612  1.00 26.67  ? 60  LYS A CB  1 
ATOM   467  C  CG  . LYS A 1 60  ? -19.128 1.781   -0.135  1.00 35.75  ? 60  LYS A CG  1 
ATOM   468  C  CD  . LYS A 1 60  ? -19.218 1.554   1.366   1.00 52.59  ? 60  LYS A CD  1 
ATOM   469  C  CE  . LYS A 1 60  ? -19.160 0.079   1.761   1.00 100.00 ? 60  LYS A CE  1 
ATOM   470  N  NZ  . LYS A 1 60  ? -18.753 -0.161  3.162   1.00 100.00 ? 60  LYS A NZ  1 
ATOM   471  N  N   . ASP A 1 61  ? -19.407 3.004   -3.684  1.00 19.93  ? 61  ASP A N   1 
ATOM   472  C  CA  . ASP A 1 61  ? -19.167 2.316   -4.949  1.00 20.44  ? 61  ASP A CA  1 
ATOM   473  C  C   . ASP A 1 61  ? -17.979 2.919   -5.662  1.00 30.00  ? 61  ASP A C   1 
ATOM   474  O  O   . ASP A 1 61  ? -17.191 2.204   -6.209  1.00 16.10  ? 61  ASP A O   1 
ATOM   475  C  CB  . ASP A 1 61  ? -20.357 2.366   -5.949  1.00 19.95  ? 61  ASP A CB  1 
ATOM   476  C  CG  . ASP A 1 61  ? -21.574 1.644   -5.468  1.00 63.41  ? 61  ASP A CG  1 
ATOM   477  O  OD1 . ASP A 1 61  ? -21.303 0.596   -4.720  1.00 73.20  ? 61  ASP A OD1 1 
ATOM   478  O  OD2 . ASP A 1 61  ? -22.697 2.024   -5.729  1.00 100.00 ? 61  ASP A OD2 1 
ATOM   479  N  N   . GLU A 1 62  ? -17.921 4.245   -5.712  1.00 17.74  ? 62  GLU A N   1 
ATOM   480  C  CA  . GLU A 1 62  ? -16.882 4.936   -6.364  1.00 8.39   ? 62  GLU A CA  1 
ATOM   481  C  C   . GLU A 1 62  ? -15.596 4.655   -5.638  1.00 23.10  ? 62  GLU A C   1 
ATOM   482  O  O   . GLU A 1 62  ? -14.628 4.363   -6.311  1.00 14.91  ? 62  GLU A O   1 
ATOM   483  C  CB  . GLU A 1 62  ? -17.172 6.415   -6.323  1.00 11.38  ? 62  GLU A CB  1 
ATOM   484  C  CG  . GLU A 1 62  ? -18.215 6.786   -7.351  1.00 28.31  ? 62  GLU A CG  1 
ATOM   485  C  CD  . GLU A 1 62  ? -18.682 8.209   -7.221  1.00 30.07  ? 62  GLU A CD  1 
ATOM   486  O  OE1 . GLU A 1 62  ? -18.621 8.869   -6.200  1.00 20.02  ? 62  GLU A OE1 1 
ATOM   487  O  OE2 . GLU A 1 62  ? -19.216 8.629   -8.315  1.00 20.77  ? 62  GLU A OE2 1 
ATOM   488  N  N   . ALA A 1 63  ? -15.607 4.704   -4.273  1.00 14.07  ? 63  ALA A N   1 
ATOM   489  C  CA  . ALA A 1 63  ? -14.410 4.398   -3.499  1.00 18.69  ? 63  ALA A CA  1 
ATOM   490  C  C   . ALA A 1 63  ? -13.887 3.010   -3.856  1.00 13.95  ? 63  ALA A C   1 
ATOM   491  O  O   . ALA A 1 63  ? -12.690 2.770   -4.008  1.00 15.33  ? 63  ALA A O   1 
ATOM   492  C  CB  . ALA A 1 63  ? -14.600 4.522   -1.960  1.00 4.30   ? 63  ALA A CB  1 
ATOM   493  N  N   . GLU A 1 64  ? -14.780 2.051   -3.926  1.00 11.65  ? 64  GLU A N   1 
ATOM   494  C  CA  . GLU A 1 64  ? -14.379 0.712   -4.216  1.00 3.02   ? 64  GLU A CA  1 
ATOM   495  C  C   . GLU A 1 64  ? -13.888 0.569   -5.626  1.00 15.71  ? 64  GLU A C   1 
ATOM   496  O  O   . GLU A 1 64  ? -13.083 -0.278  -5.900  1.00 18.89  ? 64  GLU A O   1 
ATOM   497  C  CB  . GLU A 1 64  ? -15.505 -0.264  -3.997  1.00 13.97  ? 64  GLU A CB  1 
ATOM   498  C  CG  . GLU A 1 64  ? -15.457 -0.617  -2.527  1.00 43.64  ? 64  GLU A CG  1 
ATOM   499  C  CD  . GLU A 1 64  ? -16.735 -1.168  -2.080  1.00 62.09  ? 64  GLU A CD  1 
ATOM   500  O  OE1 . GLU A 1 64  ? -17.732 -1.265  -2.801  1.00 78.58  ? 64  GLU A OE1 1 
ATOM   501  O  OE2 . GLU A 1 64  ? -16.627 -1.543  -0.836  1.00 61.90  ? 64  GLU A OE2 1 
ATOM   502  N  N   . LYS A 1 65  ? -14.367 1.384   -6.514  1.00 15.02  ? 65  LYS A N   1 
ATOM   503  C  CA  . LYS A 1 65  ? -13.890 1.250   -7.879  1.00 8.77   ? 65  LYS A CA  1 
ATOM   504  C  C   . LYS A 1 65  ? -12.437 1.687   -7.963  1.00 11.98  ? 65  LYS A C   1 
ATOM   505  O  O   . LYS A 1 65  ? -11.569 1.000   -8.530  1.00 27.64  ? 65  LYS A O   1 
ATOM   506  C  CB  . LYS A 1 65  ? -14.739 1.973   -8.886  1.00 8.73   ? 65  LYS A CB  1 
ATOM   507  C  CG  . LYS A 1 65  ? -14.130 1.800   -10.264 1.00 29.13  ? 65  LYS A CG  1 
ATOM   508  C  CD  . LYS A 1 65  ? -14.885 2.534   -11.355 1.00 100.00 ? 65  LYS A CD  1 
ATOM   509  C  CE  . LYS A 1 65  ? -14.680 1.877   -12.710 1.00 100.00 ? 65  LYS A CE  1 
ATOM   510  N  NZ  . LYS A 1 65  ? -15.913 1.809   -13.499 1.00 86.92  ? 65  LYS A NZ  1 
ATOM   511  N  N   . LEU A 1 66  ? -12.132 2.810   -7.305  1.00 23.65  ? 66  LEU A N   1 
ATOM   512  C  CA  . LEU A 1 66  ? -10.759 3.290   -7.198  1.00 6.89   ? 66  LEU A CA  1 
ATOM   513  C  C   . LEU A 1 66  ? -9.870  2.251   -6.539  1.00 15.73  ? 66  LEU A C   1 
ATOM   514  O  O   . LEU A 1 66  ? -8.734  2.113   -6.927  1.00 8.28   ? 66  LEU A O   1 
ATOM   515  C  CB  . LEU A 1 66  ? -10.607 4.569   -6.346  1.00 13.30  ? 66  LEU A CB  1 
ATOM   516  C  CG  . LEU A 1 66  ? -11.363 5.756   -6.950  1.00 21.16  ? 66  LEU A CG  1 
ATOM   517  C  CD1 . LEU A 1 66  ? -11.134 7.022   -6.142  1.00 8.66   ? 66  LEU A CD1 1 
ATOM   518  C  CD2 . LEU A 1 66  ? -10.876 5.980   -8.375  1.00 13.78  ? 66  LEU A CD2 1 
ATOM   519  N  N   . PHE A 1 67  ? -10.382 1.566   -5.527  1.00 13.05  ? 67  PHE A N   1 
ATOM   520  C  CA  . PHE A 1 67  ? -9.573  0.591   -4.769  1.00 14.02  ? 67  PHE A CA  1 
ATOM   521  C  C   . PHE A 1 67  ? -9.100  -0.534  -5.708  1.00 10.58  ? 67  PHE A C   1 
ATOM   522  O  O   . PHE A 1 67  ? -7.913  -0.832  -5.804  1.00 16.75  ? 67  PHE A O   1 
ATOM   523  C  CB  . PHE A 1 67  ? -10.447 0.017   -3.673  1.00 4.08   ? 67  PHE A CB  1 
ATOM   524  C  CG  . PHE A 1 67  ? -9.759  -0.831  -2.623  1.00 11.57  ? 67  PHE A CG  1 
ATOM   525  C  CD1 . PHE A 1 67  ? -8.423  -0.628  -2.276  1.00 10.18  ? 67  PHE A CD1 1 
ATOM   526  C  CD2 . PHE A 1 67  ? -10.493 -1.826  -1.979  1.00 7.84   ? 67  PHE A CD2 1 
ATOM   527  C  CE1 . PHE A 1 67  ? -7.804  -1.436  -1.323  1.00 14.36  ? 67  PHE A CE1 1 
ATOM   528  C  CE2 . PHE A 1 67  ? -9.904  -2.621  -0.999  1.00 11.51  ? 67  PHE A CE2 1 
ATOM   529  C  CZ  . PHE A 1 67  ? -8.564  -2.411  -0.675  1.00 13.53  ? 67  PHE A CZ  1 
ATOM   530  N  N   . ASN A 1 68  ? -10.055 -1.111  -6.414  1.00 11.94  ? 68  ASN A N   1 
ATOM   531  C  CA  . ASN A 1 68  ? -9.799  -2.140  -7.453  1.00 8.64   ? 68  ASN A CA  1 
ATOM   532  C  C   . ASN A 1 68  ? -8.771  -1.656  -8.465  1.00 22.07  ? 68  ASN A C   1 
ATOM   533  O  O   . ASN A 1 68  ? -7.777  -2.354  -8.809  1.00 12.78  ? 68  ASN A O   1 
ATOM   534  C  CB  . ASN A 1 68  ? -11.128 -2.466  -8.143  1.00 16.81  ? 68  ASN A CB  1 
ATOM   535  C  CG  . ASN A 1 68  ? -11.970 -3.419  -7.302  1.00 26.67  ? 68  ASN A CG  1 
ATOM   536  O  OD1 . ASN A 1 68  ? -11.494 -4.511  -6.963  1.00 59.84  ? 68  ASN A OD1 1 
ATOM   537  N  ND2 . ASN A 1 68  ? -13.193 -3.010  -6.933  1.00 37.54  ? 68  ASN A ND2 1 
ATOM   538  N  N   . GLN A 1 69  ? -8.936  -0.404  -8.897  1.00 10.09  ? 69  GLN A N   1 
ATOM   539  C  CA  . GLN A 1 69  ? -7.978  0.025   -9.886  1.00 10.19  ? 69  GLN A CA  1 
ATOM   540  C  C   . GLN A 1 69  ? -6.617  0.116   -9.285  1.00 3.87   ? 69  GLN A C   1 
ATOM   541  O  O   . GLN A 1 69  ? -5.637  -0.124  -9.943  1.00 18.36  ? 69  GLN A O   1 
ATOM   542  C  CB  . GLN A 1 69  ? -8.375  1.390   -10.504 1.00 15.40  ? 69  GLN A CB  1 
ATOM   543  C  CG  . GLN A 1 69  ? -9.756  1.338   -11.197 1.00 19.67  ? 69  GLN A CG  1 
ATOM   544  C  CD  . GLN A 1 69  ? -10.238 2.714   -11.686 1.00 22.47  ? 69  GLN A CD  1 
ATOM   545  O  OE1 . GLN A 1 69  ? -11.100 2.796   -12.548 1.00 19.88  ? 69  GLN A OE1 1 
ATOM   546  N  NE2 . GLN A 1 69  ? -9.705  3.795   -11.121 1.00 12.75  ? 69  GLN A NE2 1 
ATOM   547  N  N   . ASP A 1 70  ? -6.550  0.574   -8.038  1.00 17.61  ? 70  ASP A N   1 
ATOM   548  C  CA  . ASP A 1 70  ? -5.282  0.725   -7.383  1.00 10.67  ? 70  ASP A CA  1 
ATOM   549  C  C   . ASP A 1 70  ? -4.684  -0.637  -7.046  1.00 9.75   ? 70  ASP A C   1 
ATOM   550  O  O   . ASP A 1 70  ? -3.497  -0.786  -7.064  1.00 11.96  ? 70  ASP A O   1 
ATOM   551  C  CB  . ASP A 1 70  ? -5.402  1.608   -6.082  1.00 6.50   ? 70  ASP A CB  1 
ATOM   552  C  CG  . ASP A 1 70  ? -5.661  3.035   -6.442  1.00 16.65  ? 70  ASP A CG  1 
ATOM   553  O  OD1 . ASP A 1 70  ? -5.427  3.491   -7.554  1.00 17.78  ? 70  ASP A OD1 1 
ATOM   554  O  OD2 . ASP A 1 70  ? -6.238  3.681   -5.464  1.00 16.85  ? 70  ASP A OD2 1 
ATOM   555  N  N   . VAL A 1 71  ? -5.514  -1.652  -6.710  1.00 7.75   ? 71  VAL A N   1 
ATOM   556  C  CA  . VAL A 1 71  ? -4.929  -2.923  -6.370  1.00 7.32   ? 71  VAL A CA  1 
ATOM   557  C  C   . VAL A 1 71  ? -4.268  -3.505  -7.608  1.00 12.94  ? 71  VAL A C   1 
ATOM   558  O  O   . VAL A 1 71  ? -3.106  -3.874  -7.617  1.00 15.70  ? 71  VAL A O   1 
ATOM   559  C  CB  . VAL A 1 71  ? -5.843  -3.851  -5.560  1.00 18.16  ? 71  VAL A CB  1 
ATOM   560  C  CG1 . VAL A 1 71  ? -5.300  -5.275  -5.461  1.00 16.20  ? 71  VAL A CG1 1 
ATOM   561  C  CG2 . VAL A 1 71  ? -6.080  -3.344  -4.138  1.00 9.27   ? 71  VAL A CG2 1 
ATOM   562  N  N   . ASP A 1 72  ? -5.010  -3.488  -8.690  1.00 9.54   ? 72  ASP A N   1 
ATOM   563  C  CA  . ASP A 1 72  ? -4.521  -3.954  -9.967  1.00 18.08  ? 72  ASP A CA  1 
ATOM   564  C  C   . ASP A 1 72  ? -3.222  -3.253  -10.395 1.00 11.32  ? 72  ASP A C   1 
ATOM   565  O  O   . ASP A 1 72  ? -2.235  -3.852  -10.780 1.00 13.90  ? 72  ASP A O   1 
ATOM   566  C  CB  . ASP A 1 72  ? -5.620  -3.620  -10.974 1.00 22.41  ? 72  ASP A CB  1 
ATOM   567  C  CG  . ASP A 1 72  ? -5.458  -4.468  -12.160 1.00 18.55  ? 72  ASP A CG  1 
ATOM   568  O  OD1 . ASP A 1 72  ? -4.626  -5.421  -11.894 1.00 74.18  ? 72  ASP A OD1 1 
ATOM   569  O  OD2 . ASP A 1 72  ? -6.031  -4.284  -13.201 1.00 33.02  ? 72  ASP A OD2 1 
ATOM   570  N  N   . ALA A 1 73  ? -3.227  -1.949  -10.326 1.00 11.09  ? 73  ALA A N   1 
ATOM   571  C  CA  . ALA A 1 73  ? -2.085  -1.170  -10.712 1.00 8.98   ? 73  ALA A CA  1 
ATOM   572  C  C   . ALA A 1 73  ? -0.831  -1.571  -9.974  1.00 19.20  ? 73  ALA A C   1 
ATOM   573  O  O   . ALA A 1 73  ? 0.284   -1.593  -10.490 1.00 27.65  ? 73  ALA A O   1 
ATOM   574  C  CB  . ALA A 1 73  ? -2.337  0.328   -10.461 1.00 13.68  ? 73  ALA A CB  1 
ATOM   575  N  N   . ALA A 1 74  ? -0.993  -1.820  -8.717  1.00 12.67  ? 74  ALA A N   1 
ATOM   576  C  CA  . ALA A 1 74  ? 0.152   -2.178  -7.873  1.00 32.27  ? 74  ALA A CA  1 
ATOM   577  C  C   . ALA A 1 74  ? 0.808   -3.481  -8.275  1.00 16.12  ? 74  ALA A C   1 
ATOM   578  O  O   . ALA A 1 74  ? 2.034   -3.535  -8.428  1.00 27.23  ? 74  ALA A O   1 
ATOM   579  C  CB  . ALA A 1 74  ? -0.205  -2.201  -6.403  1.00 13.15  ? 74  ALA A CB  1 
ATOM   580  N  N   . VAL A 1 75  ? -0.031  -4.511  -8.452  1.00 27.26  ? 75  VAL A N   1 
ATOM   581  C  CA  . VAL A 1 75  ? 0.426   -5.822  -8.842  1.00 26.42  ? 75  VAL A CA  1 
ATOM   582  C  C   . VAL A 1 75  ? 1.112   -5.681  -10.182 1.00 24.45  ? 75  VAL A C   1 
ATOM   583  O  O   . VAL A 1 75  ? 2.272   -6.110  -10.388 1.00 33.34  ? 75  VAL A O   1 
ATOM   584  C  CB  . VAL A 1 75  ? -0.768  -6.759  -9.003  1.00 23.38  ? 75  VAL A CB  1 
ATOM   585  C  CG1 . VAL A 1 75  ? -0.280  -8.153  -9.390  1.00 29.07  ? 75  VAL A CG1 1 
ATOM   586  C  CG2 . VAL A 1 75  ? -1.535  -6.826  -7.672  1.00 14.54  ? 75  VAL A CG2 1 
ATOM   587  N  N   . ARG A 1 76  ? 0.367   -5.064  -11.090 1.00 17.98  ? 76  ARG A N   1 
ATOM   588  C  CA  . ARG A 1 76  ? 0.908   -4.862  -12.392 1.00 16.07  ? 76  ARG A CA  1 
ATOM   589  C  C   . ARG A 1 76  ? 2.255   -4.126  -12.321 1.00 20.86  ? 76  ARG A C   1 
ATOM   590  O  O   . ARG A 1 76  ? 3.221   -4.524  -12.956 1.00 50.15  ? 76  ARG A O   1 
ATOM   591  C  CB  . ARG A 1 76  ? -0.126  -4.342  -13.366 1.00 16.43  ? 76  ARG A CB  1 
ATOM   592  C  CG  . ARG A 1 76  ? -0.750  -5.492  -14.153 1.00 39.03  ? 76  ARG A CG  1 
ATOM   593  C  CD  . ARG A 1 76  ? -2.027  -5.087  -14.875 1.00 46.62  ? 76  ARG A CD  1 
ATOM   594  N  NE  . ARG A 1 76  ? -2.833  -4.218  -14.029 1.00 100.00 ? 76  ARG A NE  1 
ATOM   595  C  CZ  . ARG A 1 76  ? -3.118  -2.928  -14.263 1.00 100.00 ? 76  ARG A CZ  1 
ATOM   596  N  NH1 . ARG A 1 76  ? -2.705  -2.273  -15.345 1.00 100.00 ? 76  ARG A NH1 1 
ATOM   597  N  NH2 . ARG A 1 76  ? -3.853  -2.289  -13.351 1.00 100.00 ? 76  ARG A NH2 1 
ATOM   598  N  N   . GLY A 1 77  ? 2.378   -3.133  -11.443 1.00 21.94  ? 77  GLY A N   1 
ATOM   599  C  CA  . GLY A 1 77  ? 3.668   -2.444  -11.247 1.00 18.60  ? 77  GLY A CA  1 
ATOM   600  C  C   . GLY A 1 77  ? 4.822   -3.345  -10.764 1.00 27.95  ? 77  GLY A C   1 
ATOM   601  O  O   . GLY A 1 77  ? 5.941   -3.284  -11.252 1.00 31.75  ? 77  GLY A O   1 
ATOM   602  N  N   . ILE A 1 78  ? 4.565   -4.139  -9.741  1.00 18.89  ? 78  ILE A N   1 
ATOM   603  C  CA  . ILE A 1 78  ? 5.520   -5.106  -9.211  1.00 16.11  ? 78  ILE A CA  1 
ATOM   604  C  C   . ILE A 1 78  ? 5.987   -6.014  -10.364 1.00 39.87  ? 78  ILE A C   1 
ATOM   605  O  O   . ILE A 1 78  ? 7.182   -6.277  -10.583 1.00 24.07  ? 78  ILE A O   1 
ATOM   606  C  CB  . ILE A 1 78  ? 4.831   -5.980  -8.105  1.00 12.82  ? 78  ILE A CB  1 
ATOM   607  C  CG1 . ILE A 1 78  ? 4.684   -5.230  -6.762  1.00 13.77  ? 78  ILE A CG1 1 
ATOM   608  C  CG2 . ILE A 1 78  ? 5.643   -7.268  -7.863  1.00 15.30  ? 78  ILE A CG2 1 
ATOM   609  C  CD1 . ILE A 1 78  ? 3.806   -5.978  -5.704  1.00 13.55  ? 78  ILE A CD1 1 
ATOM   610  N  N   . LEU A 1 79  ? 5.018   -6.490  -11.148 1.00 17.78  ? 79  LEU A N   1 
ATOM   611  C  CA  . LEU A 1 79  ? 5.340   -7.396  -12.241 1.00 11.64  ? 79  LEU A CA  1 
ATOM   612  C  C   . LEU A 1 79  ? 6.176   -6.842  -13.343 1.00 30.01  ? 79  LEU A C   1 
ATOM   613  O  O   . LEU A 1 79  ? 6.780   -7.595  -14.075 1.00 31.56  ? 79  LEU A O   1 
ATOM   614  C  CB  . LEU A 1 79  ? 4.106   -8.031  -12.844 1.00 14.08  ? 79  LEU A CB  1 
ATOM   615  C  CG  . LEU A 1 79  ? 3.420   -8.897  -11.822 1.00 29.46  ? 79  LEU A CG  1 
ATOM   616  C  CD1 . LEU A 1 79  ? 2.241   -9.516  -12.496 1.00 13.12  ? 79  LEU A CD1 1 
ATOM   617  C  CD2 . LEU A 1 79  ? 4.331   -9.977  -11.280 1.00 15.34  ? 79  LEU A CD2 1 
ATOM   618  N  N   . ARG A 1 80  ? 6.181   -5.537  -13.481 1.00 37.13  ? 80  ARG A N   1 
ATOM   619  C  CA  . ARG A 1 80  ? 6.957   -4.828  -14.513 1.00 29.52  ? 80  ARG A CA  1 
ATOM   620  C  C   . ARG A 1 80  ? 8.269   -4.326  -13.932 1.00 37.24  ? 80  ARG A C   1 
ATOM   621  O  O   . ARG A 1 80  ? 9.148   -3.794  -14.599 1.00 55.15  ? 80  ARG A O   1 
ATOM   622  C  CB  . ARG A 1 80  ? 6.245   -3.578  -15.032 1.00 40.98  ? 80  ARG A CB  1 
ATOM   623  C  CG  . ARG A 1 80  ? 4.793   -3.696  -15.504 1.00 100.00 ? 80  ARG A CG  1 
ATOM   624  C  CD  . ARG A 1 80  ? 4.363   -2.444  -16.287 1.00 100.00 ? 80  ARG A CD  1 
ATOM   625  N  NE  . ARG A 1 80  ? 3.333   -1.589  -15.656 1.00 100.00 ? 80  ARG A NE  1 
ATOM   626  C  CZ  . ARG A 1 80  ? 3.514   -0.560  -14.778 1.00 100.00 ? 80  ARG A CZ  1 
ATOM   627  N  NH1 . ARG A 1 80  ? 4.711   -0.158  -14.298 1.00 100.00 ? 80  ARG A NH1 1 
ATOM   628  N  NH2 . ARG A 1 80  ? 2.433   0.092   -14.357 1.00 100.00 ? 80  ARG A NH2 1 
ATOM   629  N  N   . ASN A 1 81  ? 8.362   -4.421  -12.647 1.00 23.90  ? 81  ASN A N   1 
ATOM   630  C  CA  . ASN A 1 81  ? 9.560   -3.998  -12.070 1.00 15.70  ? 81  ASN A CA  1 
ATOM   631  C  C   . ASN A 1 81  ? 10.556  -5.157  -12.024 1.00 40.33  ? 81  ASN A C   1 
ATOM   632  O  O   . ASN A 1 81  ? 10.320  -6.243  -11.491 1.00 47.23  ? 81  ASN A O   1 
ATOM   633  C  CB  . ASN A 1 81  ? 9.314   -3.257  -10.770 1.00 24.47  ? 81  ASN A CB  1 
ATOM   634  C  CG  . ASN A 1 81  ? 10.547  -2.561  -10.287 1.00 28.06  ? 81  ASN A CG  1 
ATOM   635  O  OD1 . ASN A 1 81  ? 11.662  -3.077  -10.403 1.00 41.24  ? 81  ASN A OD1 1 
ATOM   636  N  ND2 . ASN A 1 81  ? 10.359  -1.387  -9.723  1.00 33.15  ? 81  ASN A ND2 1 
ATOM   637  N  N   . ALA A 1 82  ? 11.676  -4.934  -12.674 1.00 23.95  ? 82  ALA A N   1 
ATOM   638  C  CA  . ALA A 1 82  ? 12.710  -5.960  -12.742 1.00 47.05  ? 82  ALA A CA  1 
ATOM   639  C  C   . ALA A 1 82  ? 13.379  -6.275  -11.410 1.00 38.67  ? 82  ALA A C   1 
ATOM   640  O  O   . ALA A 1 82  ? 13.933  -7.356  -11.187 1.00 42.65  ? 82  ALA A O   1 
ATOM   641  C  CB  . ALA A 1 82  ? 13.737  -5.588  -13.785 1.00 29.69  ? 82  ALA A CB  1 
ATOM   642  N  N   . LYS A 1 83  ? 13.369  -5.297  -10.536 1.00 24.85  ? 83  LYS A N   1 
ATOM   643  C  CA  . LYS A 1 83  ? 13.946  -5.471  -9.217  1.00 31.94  ? 83  LYS A CA  1 
ATOM   644  C  C   . LYS A 1 83  ? 12.938  -6.146  -8.305  1.00 27.41  ? 83  LYS A C   1 
ATOM   645  O  O   . LYS A 1 83  ? 13.280  -6.775  -7.315  1.00 35.48  ? 83  LYS A O   1 
ATOM   646  C  CB  . LYS A 1 83  ? 14.357  -4.126  -8.616  1.00 48.35  ? 83  LYS A CB  1 
ATOM   647  C  CG  . LYS A 1 83  ? 15.861  -3.943  -8.400  1.00 100.00 ? 83  LYS A CG  1 
ATOM   648  C  CD  . LYS A 1 83  ? 16.631  -3.590  -9.680  1.00 100.00 ? 83  LYS A CD  1 
ATOM   649  C  CE  . LYS A 1 83  ? 18.160  -3.688  -9.561  1.00 100.00 ? 83  LYS A CE  1 
ATOM   650  N  NZ  . LYS A 1 83  ? 18.753  -4.906  -10.163 1.00 100.00 ? 83  LYS A NZ  1 
ATOM   651  N  N   . LEU A 1 84  ? 11.688  -6.005  -8.647  1.00 24.01  ? 84  LEU A N   1 
ATOM   652  C  CA  . LEU A 1 84  ? 10.645  -6.512  -7.796  1.00 8.39   ? 84  LEU A CA  1 
ATOM   653  C  C   . LEU A 1 84  ? 10.083  -7.855  -8.155  1.00 15.37  ? 84  LEU A C   1 
ATOM   654  O  O   . LEU A 1 84  ? 9.842   -8.697  -7.334  1.00 12.71  ? 84  LEU A O   1 
ATOM   655  C  CB  . LEU A 1 84  ? 9.552   -5.431  -7.760  1.00 24.62  ? 84  LEU A CB  1 
ATOM   656  C  CG  . LEU A 1 84  ? 10.004  -4.170  -6.991  1.00 27.10  ? 84  LEU A CG  1 
ATOM   657  C  CD1 . LEU A 1 84  ? 8.865   -3.176  -6.756  1.00 29.51  ? 84  LEU A CD1 1 
ATOM   658  C  CD2 . LEU A 1 84  ? 10.712  -4.511  -5.677  1.00 25.45  ? 84  LEU A CD2 1 
ATOM   659  N  N   . LYS A 1 85  ? 9.852   -8.003  -9.423  1.00 17.39  ? 85  LYS A N   1 
ATOM   660  C  CA  . LYS A 1 85  ? 9.268   -9.170  -9.973  1.00 18.61  ? 85  LYS A CA  1 
ATOM   661  C  C   . LYS A 1 85  ? 9.868   -10.456 -9.500  1.00 8.49   ? 85  LYS A C   1 
ATOM   662  O  O   . LYS A 1 85  ? 9.197   -11.402 -9.120  1.00 12.88  ? 85  LYS A O   1 
ATOM   663  C  CB  . LYS A 1 85  ? 9.365   -9.121  -11.476 1.00 9.50   ? 85  LYS A CB  1 
ATOM   664  C  CG  . LYS A 1 85  ? 8.351   -10.088 -12.009 1.00 20.68  ? 85  LYS A CG  1 
ATOM   665  C  CD  . LYS A 1 85  ? 8.489   -10.282 -13.486 1.00 33.71  ? 85  LYS A CD  1 
ATOM   666  C  CE  . LYS A 1 85  ? 7.515   -11.335 -13.974 1.00 31.15  ? 85  LYS A CE  1 
ATOM   667  N  NZ  . LYS A 1 85  ? 8.193   -12.594 -14.221 1.00 37.10  ? 85  LYS A NZ  1 
ATOM   668  N  N   . PRO A 1 86  ? 11.154  -10.528 -9.571  1.00 15.06  ? 86  PRO A N   1 
ATOM   669  C  CA  . PRO A 1 86  ? 11.763  -11.742 -9.157  1.00 34.50  ? 86  PRO A CA  1 
ATOM   670  C  C   . PRO A 1 86  ? 11.531  -11.999 -7.683  1.00 22.20  ? 86  PRO A C   1 
ATOM   671  O  O   . PRO A 1 86  ? 11.455  -13.134 -7.236  1.00 14.86  ? 86  PRO A O   1 
ATOM   672  C  CB  . PRO A 1 86  ? 13.254  -11.592 -9.432  1.00 24.12  ? 86  PRO A CB  1 
ATOM   673  C  CG  . PRO A 1 86  ? 13.497  -10.165 -9.891  1.00 31.65  ? 86  PRO A CG  1 
ATOM   674  C  CD  . PRO A 1 86  ? 12.138  -9.506  -10.001 1.00 24.30  ? 86  PRO A CD  1 
ATOM   675  N  N   . VAL A 1 87  ? 11.495  -10.976 -6.872  1.00 18.97  ? 87  VAL A N   1 
ATOM   676  C  CA  . VAL A 1 87  ? 11.302  -11.292 -5.482  1.00 11.03  ? 87  VAL A CA  1 
ATOM   677  C  C   . VAL A 1 87  ? 9.911   -11.791 -5.249  1.00 13.20  ? 87  VAL A C   1 
ATOM   678  O  O   . VAL A 1 87  ? 9.644   -12.772 -4.573  1.00 19.99  ? 87  VAL A O   1 
ATOM   679  C  CB  . VAL A 1 87  ? 11.636  -10.132 -4.533  1.00 16.89  ? 87  VAL A CB  1 
ATOM   680  C  CG1 . VAL A 1 87  ? 11.457  -10.615 -3.065  1.00 16.34  ? 87  VAL A CG1 1 
ATOM   681  C  CG2 . VAL A 1 87  ? 13.096  -9.686  -4.746  1.00 10.91  ? 87  VAL A CG2 1 
ATOM   682  N  N   . TYR A 1 88  ? 9.012   -11.081 -5.830  1.00 13.62  ? 88  TYR A N   1 
ATOM   683  C  CA  . TYR A 1 88  ? 7.611   -11.355 -5.692  1.00 12.67  ? 88  TYR A CA  1 
ATOM   684  C  C   . TYR A 1 88  ? 7.261   -12.747 -6.181  1.00 9.73   ? 88  TYR A C   1 
ATOM   685  O  O   . TYR A 1 88  ? 6.430   -13.470 -5.628  1.00 14.51  ? 88  TYR A O   1 
ATOM   686  C  CB  . TYR A 1 88  ? 6.943   -10.233 -6.500  1.00 5.50   ? 88  TYR A CB  1 
ATOM   687  C  CG  . TYR A 1 88  ? 5.466   -10.373 -6.487  1.00 21.43  ? 88  TYR A CG  1 
ATOM   688  C  CD1 . TYR A 1 88  ? 4.705   -9.843  -5.444  1.00 12.07  ? 88  TYR A CD1 1 
ATOM   689  C  CD2 . TYR A 1 88  ? 4.828   -11.077 -7.503  1.00 19.20  ? 88  TYR A CD2 1 
ATOM   690  C  CE1 . TYR A 1 88  ? 3.315   -9.982  -5.395  1.00 14.86  ? 88  TYR A CE1 1 
ATOM   691  C  CE2 . TYR A 1 88  ? 3.439   -11.196 -7.491  1.00 14.19  ? 88  TYR A CE2 1 
ATOM   692  C  CZ  . TYR A 1 88  ? 2.687   -10.631 -6.453  1.00 17.71  ? 88  TYR A CZ  1 
ATOM   693  O  OH  . TYR A 1 88  ? 1.342   -10.784 -6.437  1.00 23.07  ? 88  TYR A OH  1 
ATOM   694  N  N   . ASP A 1 89  ? 7.901   -13.156 -7.259  1.00 19.32  ? 89  ASP A N   1 
ATOM   695  C  CA  . ASP A 1 89  ? 7.636   -14.485 -7.828  1.00 6.50   ? 89  ASP A CA  1 
ATOM   696  C  C   . ASP A 1 89  ? 8.125   -15.598 -6.930  1.00 10.70  ? 89  ASP A C   1 
ATOM   697  O  O   . ASP A 1 89  ? 7.579   -16.664 -6.979  1.00 23.31  ? 89  ASP A O   1 
ATOM   698  C  CB  . ASP A 1 89  ? 8.254   -14.685 -9.203  1.00 14.01  ? 89  ASP A CB  1 
ATOM   699  C  CG  . ASP A 1 89  ? 7.562   -14.044 -10.363 1.00 34.54  ? 89  ASP A CG  1 
ATOM   700  O  OD1 . ASP A 1 89  ? 6.342   -13.684 -10.155 1.00 13.95  ? 89  ASP A OD1 1 
ATOM   701  O  OD2 . ASP A 1 89  ? 8.097   -13.948 -11.416 1.00 18.64  ? 89  ASP A OD2 1 
ATOM   702  N  N   . SER A 1 90  ? 9.171   -15.335 -6.122  1.00 11.27  ? 90  SER A N   1 
ATOM   703  C  CA  . SER A 1 90  ? 9.676   -16.345 -5.192  1.00 5.47   ? 90  SER A CA  1 
ATOM   704  C  C   . SER A 1 90  ? 8.787   -16.596 -4.005  1.00 10.03  ? 90  SER A C   1 
ATOM   705  O  O   . SER A 1 90  ? 8.916   -17.624 -3.345  1.00 24.35  ? 90  SER A O   1 
ATOM   706  C  CB  . SER A 1 90  ? 11.066  -16.065 -4.643  1.00 11.79  ? 90  SER A CB  1 
ATOM   707  O  OG  . SER A 1 90  ? 11.090  -14.800 -4.027  1.00 10.07  ? 90  SER A OG  1 
ATOM   708  N  N   . LEU A 1 91  ? 7.934   -15.629 -3.696  1.00 12.49  ? 91  LEU A N   1 
ATOM   709  C  CA  . LEU A 1 91  ? 7.083   -15.702 -2.510  1.00 13.46  ? 91  LEU A CA  1 
ATOM   710  C  C   . LEU A 1 91  ? 5.831   -16.568 -2.643  1.00 23.33  ? 91  LEU A C   1 
ATOM   711  O  O   . LEU A 1 91  ? 5.311   -16.769 -3.749  1.00 14.38  ? 91  LEU A O   1 
ATOM   712  C  CB  . LEU A 1 91  ? 6.665   -14.277 -2.076  1.00 14.32  ? 91  LEU A CB  1 
ATOM   713  C  CG  . LEU A 1 91  ? 7.822   -13.279 -1.916  1.00 17.18  ? 91  LEU A CG  1 
ATOM   714  C  CD1 . LEU A 1 91  ? 7.286   -11.841 -1.809  1.00 14.70  ? 91  LEU A CD1 1 
ATOM   715  C  CD2 . LEU A 1 91  ? 8.627   -13.599 -0.673  1.00 16.71  ? 91  LEU A CD2 1 
ATOM   716  N  N   . ASP A 1 92  ? 5.326   -17.001 -1.477  1.00 8.52   ? 92  ASP A N   1 
ATOM   717  C  CA  . ASP A 1 92  ? 4.078   -17.759 -1.347  1.00 10.11  ? 92  ASP A CA  1 
ATOM   718  C  C   . ASP A 1 92  ? 2.933   -16.725 -1.366  1.00 20.71  ? 92  ASP A C   1 
ATOM   719  O  O   . ASP A 1 92  ? 3.169   -15.509 -1.280  1.00 12.14  ? 92  ASP A O   1 
ATOM   720  C  CB  . ASP A 1 92  ? 4.056   -18.530 -0.044  1.00 16.16  ? 92  ASP A CB  1 
ATOM   721  C  CG  . ASP A 1 92  ? 4.217   -17.566 1.090   1.00 24.28  ? 92  ASP A CG  1 
ATOM   722  O  OD1 . ASP A 1 92  ? 5.480   -17.347 1.377   1.00 27.02  ? 92  ASP A OD1 1 
ATOM   723  O  OD2 . ASP A 1 92  ? 3.276   -17.023 1.649   1.00 13.99  ? 92  ASP A OD2 1 
ATOM   724  N  N   . ALA A 1 93  ? 1.703   -17.168 -1.500  1.00 19.74  ? 93  ALA A N   1 
ATOM   725  C  CA  . ALA A 1 93  ? 0.593   -16.280 -1.636  1.00 12.13  ? 93  ALA A CA  1 
ATOM   726  C  C   . ALA A 1 93  ? 0.358   -15.274 -0.476  1.00 21.17  ? 93  ALA A C   1 
ATOM   727  O  O   . ALA A 1 93  ? -0.001  -14.105 -0.691  1.00 12.74  ? 93  ALA A O   1 
ATOM   728  C  CB  . ALA A 1 93  ? -0.646  -17.015 -2.143  1.00 18.02  ? 93  ALA A CB  1 
ATOM   729  N  N   . VAL A 1 94  ? 0.572   -15.694 0.760   1.00 23.92  ? 94  VAL A N   1 
ATOM   730  C  CA  . VAL A 1 94  ? 0.381   -14.763 1.846   1.00 6.02   ? 94  VAL A CA  1 
ATOM   731  C  C   . VAL A 1 94  ? 1.416   -13.663 1.781   1.00 3.50   ? 94  VAL A C   1 
ATOM   732  O  O   . VAL A 1 94  ? 1.134   -12.462 1.867   1.00 12.80  ? 94  VAL A O   1 
ATOM   733  C  CB  . VAL A 1 94  ? 0.396   -15.470 3.185   1.00 15.72  ? 94  VAL A CB  1 
ATOM   734  C  CG1 . VAL A 1 94  ? 0.076   -14.508 4.314   1.00 16.18  ? 94  VAL A CG1 1 
ATOM   735  C  CG2 . VAL A 1 94  ? -0.739  -16.478 3.138   1.00 29.32  ? 94  VAL A CG2 1 
ATOM   736  N  N   . ARG A 1 95  ? 2.665   -14.053 1.640   1.00 8.30   ? 95  ARG A N   1 
ATOM   737  C  CA  . ARG A 1 95  ? 3.662   -12.984 1.599   1.00 8.63   ? 95  ARG A CA  1 
ATOM   738  C  C   . ARG A 1 95  ? 3.510   -12.031 0.450   1.00 6.95   ? 95  ARG A C   1 
ATOM   739  O  O   . ARG A 1 95  ? 3.889   -10.910 0.567   1.00 15.54  ? 95  ARG A O   1 
ATOM   740  C  CB  . ARG A 1 95  ? 5.088   -13.439 1.791   1.00 6.29   ? 95  ARG A CB  1 
ATOM   741  C  CG  . ARG A 1 95  ? 5.256   -14.362 3.016   1.00 6.33   ? 95  ARG A CG  1 
ATOM   742  C  CD  . ARG A 1 95  ? 6.677   -14.857 3.158   1.00 14.76  ? 95  ARG A CD  1 
ATOM   743  N  NE  . ARG A 1 95  ? 7.028   -15.288 4.518   1.00 10.28  ? 95  ARG A NE  1 
ATOM   744  C  CZ  . ARG A 1 95  ? 6.855   -16.528 4.972   1.00 25.13  ? 95  ARG A CZ  1 
ATOM   745  N  NH1 . ARG A 1 95  ? 6.290   -17.442 4.217   1.00 11.78  ? 95  ARG A NH1 1 
ATOM   746  N  NH2 . ARG A 1 95  ? 7.207   -16.838 6.223   1.00 12.78  ? 95  ARG A NH2 1 
ATOM   747  N  N   . ARG A 1 96  ? 3.027   -12.498 -0.729  1.00 11.98  ? 96  ARG A N   1 
ATOM   748  C  CA  . ARG A 1 96  ? 2.790   -11.649 -1.864  1.00 14.98  ? 96  ARG A CA  1 
ATOM   749  C  C   . ARG A 1 96  ? 1.813   -10.547 -1.477  1.00 5.90   ? 96  ARG A C   1 
ATOM   750  O  O   . ARG A 1 96  ? 1.999   -9.440  -1.880  1.00 15.30  ? 96  ARG A O   1 
ATOM   751  C  CB  . ARG A 1 96  ? 2.208   -12.389 -3.036  1.00 10.21  ? 96  ARG A CB  1 
ATOM   752  C  CG  . ARG A 1 96  ? 3.249   -13.270 -3.642  1.00 9.14   ? 96  ARG A CG  1 
ATOM   753  C  CD  . ARG A 1 96  ? 2.685   -13.902 -4.899  1.00 14.25  ? 96  ARG A CD  1 
ATOM   754  N  NE  . ARG A 1 96  ? 3.742   -14.728 -5.486  1.00 18.88  ? 96  ARG A NE  1 
ATOM   755  C  CZ  . ARG A 1 96  ? 3.544   -15.663 -6.383  1.00 46.05  ? 96  ARG A CZ  1 
ATOM   756  N  NH1 . ARG A 1 96  ? 2.320   -15.890 -6.830  1.00 44.71  ? 96  ARG A NH1 1 
ATOM   757  N  NH2 . ARG A 1 96  ? 4.590   -16.376 -6.839  1.00 13.22  ? 96  ARG A NH2 1 
ATOM   758  N  N   . ALA A 1 97  ? 0.774   -10.901 -0.668  1.00 9.56   ? 97  ALA A N   1 
ATOM   759  C  CA  . ALA A 1 97  ? -0.139  -9.926  -0.215  1.00 8.61   ? 97  ALA A CA  1 
ATOM   760  C  C   . ALA A 1 97  ? 0.618   -8.860  0.544   1.00 19.84  ? 97  ALA A C   1 
ATOM   761  O  O   . ALA A 1 97  ? 0.377   -7.696  0.310   1.00 13.23  ? 97  ALA A O   1 
ATOM   762  C  CB  . ALA A 1 97  ? -1.301  -10.446 0.631   1.00 8.10   ? 97  ALA A CB  1 
ATOM   763  N  N   . ALA A 1 98  ? 1.555   -9.260  1.406   1.00 18.63  ? 98  ALA A N   1 
ATOM   764  C  CA  . ALA A 1 98  ? 2.332   -8.303  2.141   1.00 8.79   ? 98  ALA A CA  1 
ATOM   765  C  C   . ALA A 1 98  ? 3.142   -7.385  1.252   1.00 19.01  ? 98  ALA A C   1 
ATOM   766  O  O   . ALA A 1 98  ? 3.278   -6.203  1.532   1.00 11.61  ? 98  ALA A O   1 
ATOM   767  C  CB  . ALA A 1 98  ? 3.214   -8.889  3.220   1.00 1.89   ? 98  ALA A CB  1 
ATOM   768  N  N   . ALA A 1 99  ? 3.734   -7.936  0.210   1.00 9.84   ? 99  ALA A N   1 
ATOM   769  C  CA  . ALA A 1 99  ? 4.510   -7.147  -0.743  1.00 9.84   ? 99  ALA A CA  1 
ATOM   770  C  C   . ALA A 1 99  ? 3.611   -6.149  -1.491  1.00 18.78  ? 99  ALA A C   1 
ATOM   771  O  O   . ALA A 1 99  ? 4.065   -5.118  -1.839  1.00 8.07   ? 99  ALA A O   1 
ATOM   772  C  CB  . ALA A 1 99  ? 5.179   -8.099  -1.777  1.00 7.94   ? 99  ALA A CB  1 
ATOM   773  N  N   . ILE A 1 100 ? 2.332   -6.451  -1.762  1.00 16.27  ? 100 ILE A N   1 
ATOM   774  C  CA  . ILE A 1 100 ? 1.465   -5.513  -2.467  1.00 9.28   ? 100 ILE A CA  1 
ATOM   775  C  C   . ILE A 1 100 ? 1.055   -4.346  -1.529  1.00 16.00  ? 100 ILE A C   1 
ATOM   776  O  O   . ILE A 1 100 ? 0.993   -3.149  -1.908  1.00 20.88  ? 100 ILE A O   1 
ATOM   777  C  CB  . ILE A 1 100 ? 0.221   -6.188  -3.030  1.00 18.18  ? 100 ILE A CB  1 
ATOM   778  C  CG1 . ILE A 1 100 ? 0.555   -7.322  -4.031  1.00 14.76  ? 100 ILE A CG1 1 
ATOM   779  C  CG2 . ILE A 1 100 ? -0.692  -5.133  -3.672  1.00 6.47   ? 100 ILE A CG2 1 
ATOM   780  C  CD1 . ILE A 1 100 ? -0.595  -8.317  -4.153  1.00 5.76   ? 100 ILE A CD1 1 
ATOM   781  N  N   . ASN A 1 101 ? 0.804   -4.706  -0.275  1.00 16.93  ? 101 ASN A N   1 
ATOM   782  C  CA  . ASN A 1 101 ? 0.471   -3.712  0.751   1.00 3.30   ? 101 ASN A CA  1 
ATOM   783  C  C   . ASN A 1 101 ? 1.537   -2.613  0.798   1.00 17.09  ? 101 ASN A C   1 
ATOM   784  O  O   . ASN A 1 101 ? 1.245   -1.438  0.758   1.00 13.20  ? 101 ASN A O   1 
ATOM   785  C  CB  . ASN A 1 101 ? 0.457   -4.399  2.104   1.00 8.48   ? 101 ASN A CB  1 
ATOM   786  C  CG  . ASN A 1 101 ? -0.173  -3.548  3.149   1.00 10.88  ? 101 ASN A CG  1 
ATOM   787  O  OD1 . ASN A 1 101 ? 0.179   -2.366  3.229   1.00 19.23  ? 101 ASN A OD1 1 
ATOM   788  N  ND2 . ASN A 1 101 ? -1.166  -4.100  3.861   1.00 13.11  ? 101 ASN A ND2 1 
ATOM   789  N  N   . MET A 1 102 ? 2.799   -3.020  0.835   1.00 5.74   ? 102 MET A N   1 
ATOM   790  C  CA  . MET A 1 102 ? 3.919   -2.077  0.856   1.00 9.49   ? 102 MET A CA  1 
ATOM   791  C  C   . MET A 1 102 ? 3.931   -1.179  -0.348  1.00 16.26  ? 102 MET A C   1 
ATOM   792  O  O   . MET A 1 102 ? 4.065   -0.007  -0.183  1.00 14.36  ? 102 MET A O   1 
ATOM   793  C  CB  . MET A 1 102 ? 5.298   -2.758  1.015   1.00 12.93  ? 102 MET A CB  1 
ATOM   794  C  CG  . MET A 1 102 ? 5.516   -3.394  2.403   1.00 11.27  ? 102 MET A CG  1 
ATOM   795  S  SD  . MET A 1 102 ? 7.186   -3.935  2.836   1.00 17.26  ? 102 MET A SD  1 
ATOM   796  C  CE  . MET A 1 102 ? 8.144   -2.418  2.616   1.00 10.86  ? 102 MET A CE  1 
ATOM   797  N  N   . VAL A 1 103 ? 3.827   -1.747  -1.568  1.00 13.41  ? 103 VAL A N   1 
ATOM   798  C  CA  . VAL A 1 103 ? 3.834   -0.960  -2.795  1.00 21.12  ? 103 VAL A CA  1 
ATOM   799  C  C   . VAL A 1 103 ? 2.653   -0.016  -2.864  1.00 12.92  ? 103 VAL A C   1 
ATOM   800  O  O   . VAL A 1 103 ? 2.781   1.112   -3.351  1.00 26.78  ? 103 VAL A O   1 
ATOM   801  C  CB  . VAL A 1 103 ? 3.906   -1.807  -4.061  1.00 3.66   ? 103 VAL A CB  1 
ATOM   802  C  CG1 . VAL A 1 103 ? 3.610   -0.947  -5.285  1.00 19.26  ? 103 VAL A CG1 1 
ATOM   803  C  CG2 . VAL A 1 103 ? 5.353   -2.195  -4.193  1.00 15.87  ? 103 VAL A CG2 1 
ATOM   804  N  N   . PHE A 1 104 ? 1.503   -0.506  -2.374  1.00 10.71  ? 104 PHE A N   1 
ATOM   805  C  CA  . PHE A 1 104 ? 0.300   0.252   -2.369  1.00 14.05  ? 104 PHE A CA  1 
ATOM   806  C  C   . PHE A 1 104 ? 0.496   1.463   -1.498  1.00 21.71  ? 104 PHE A C   1 
ATOM   807  O  O   . PHE A 1 104 ? 0.159   2.546   -1.883  1.00 16.28  ? 104 PHE A O   1 
ATOM   808  C  CB  . PHE A 1 104 ? -0.866  -0.604  -1.843  1.00 18.66  ? 104 PHE A CB  1 
ATOM   809  C  CG  . PHE A 1 104 ? -2.229  0.041   -1.891  1.00 14.04  ? 104 PHE A CG  1 
ATOM   810  C  CD1 . PHE A 1 104 ? -2.639  0.914   -0.881  1.00 10.03  ? 104 PHE A CD1 1 
ATOM   811  C  CD2 . PHE A 1 104 ? -3.151  -0.289  -2.885  1.00 9.72   ? 104 PHE A CD2 1 
ATOM   812  C  CE1 . PHE A 1 104 ? -3.903  1.504   -0.903  1.00 16.01  ? 104 PHE A CE1 1 
ATOM   813  C  CE2 . PHE A 1 104 ? -4.439  0.246   -2.896  1.00 10.86  ? 104 PHE A CE2 1 
ATOM   814  C  CZ  . PHE A 1 104 ? -4.806  1.169   -1.907  1.00 6.88   ? 104 PHE A CZ  1 
ATOM   815  N  N   . GLN A 1 105 ? 1.142   1.277   -0.359  1.00 14.73  ? 105 GLN A N   1 
ATOM   816  C  CA  . GLN A 1 105 ? 1.342   2.353   0.567   1.00 14.19  ? 105 GLN A CA  1 
ATOM   817  C  C   . GLN A 1 105 ? 2.437   3.333   0.173   1.00 19.02  ? 105 GLN A C   1 
ATOM   818  O  O   . GLN A 1 105 ? 2.368   4.546   0.427   1.00 26.89  ? 105 GLN A O   1 
ATOM   819  C  CB  . GLN A 1 105 ? 1.642   1.760   1.982   1.00 19.90  ? 105 GLN A CB  1 
ATOM   820  C  CG  . GLN A 1 105 ? 1.804   2.875   3.055   1.00 14.25  ? 105 GLN A CG  1 
ATOM   821  C  CD  . GLN A 1 105 ? 2.363   2.435   4.404   1.00 17.64  ? 105 GLN A CD  1 
ATOM   822  O  OE1 . GLN A 1 105 ? 2.679   1.243   4.636   1.00 25.81  ? 105 GLN A OE1 1 
ATOM   823  N  NE2 . GLN A 1 105 ? 2.545   3.414   5.283   1.00 17.25  ? 105 GLN A NE2 1 
ATOM   824  N  N   . MET A 1 106 ? 3.527   2.800   -0.337  1.00 16.38  ? 106 MET A N   1 
ATOM   825  C  CA  . MET A 1 106 ? 4.631   3.658   -0.621  1.00 4.61   ? 106 MET A CA  1 
ATOM   826  C  C   . MET A 1 106 ? 5.109   3.748   -2.055  1.00 21.67  ? 106 MET A C   1 
ATOM   827  O  O   . MET A 1 106 ? 6.082   4.411   -2.321  1.00 25.34  ? 106 MET A O   1 
ATOM   828  C  CB  . MET A 1 106 ? 5.770   3.317   0.376   1.00 8.33   ? 106 MET A CB  1 
ATOM   829  C  CG  . MET A 1 106 ? 6.405   1.962   0.335   1.00 58.37  ? 106 MET A CG  1 
ATOM   830  S  SD  . MET A 1 106 ? 7.501   1.922   1.773   1.00 44.66  ? 106 MET A SD  1 
ATOM   831  C  CE  . MET A 1 106 ? 6.649   0.789   2.882   1.00 36.29  ? 106 MET A CE  1 
ATOM   832  N  N   . GLY A 1 107 ? 4.479   3.060   -2.972  1.00 19.88  ? 107 GLY A N   1 
ATOM   833  C  CA  . GLY A 1 107 ? 4.937   3.136   -4.329  1.00 19.13  ? 107 GLY A CA  1 
ATOM   834  C  C   . GLY A 1 107 ? 6.178   2.290   -4.578  1.00 11.75  ? 107 GLY A C   1 
ATOM   835  O  O   . GLY A 1 107 ? 6.913   1.892   -3.688  1.00 24.13  ? 107 GLY A O   1 
ATOM   836  N  N   . GLU A 1 108 ? 6.392   2.043   -5.847  1.00 21.06  ? 108 GLU A N   1 
ATOM   837  C  CA  . GLU A 1 108 ? 7.523   1.260   -6.336  1.00 40.80  ? 108 GLU A CA  1 
ATOM   838  C  C   . GLU A 1 108 ? 8.832   1.866   -5.908  1.00 40.85  ? 108 GLU A C   1 
ATOM   839  O  O   . GLU A 1 108 ? 9.827   1.182   -5.642  1.00 41.17  ? 108 GLU A O   1 
ATOM   840  C  CB  . GLU A 1 108 ? 7.542   1.293   -7.886  1.00 42.85  ? 108 GLU A CB  1 
ATOM   841  C  CG  . GLU A 1 108 ? 6.861   0.082   -8.551  1.00 64.26  ? 108 GLU A CG  1 
ATOM   842  C  CD  . GLU A 1 108 ? 6.589   0.277   -10.013 1.00 57.92  ? 108 GLU A CD  1 
ATOM   843  O  OE1 . GLU A 1 108 ? 7.605   -0.058  -10.774 1.00 78.07  ? 108 GLU A OE1 1 
ATOM   844  O  OE2 . GLU A 1 108 ? 5.534   0.715   -10.444 1.00 100.00 ? 108 GLU A OE2 1 
ATOM   845  N  N   . THR A 1 109 ? 8.789   3.184   -5.949  1.00 29.04  ? 109 THR A N   1 
ATOM   846  C  CA  . THR A 1 109 ? 9.880   4.073   -5.623  1.00 87.18  ? 109 THR A CA  1 
ATOM   847  C  C   . THR A 1 109 ? 10.160  4.146   -4.133  1.00 64.32  ? 109 THR A C   1 
ATOM   848  O  O   . THR A 1 109 ? 11.288  4.401   -3.692  1.00 88.30  ? 109 THR A O   1 
ATOM   849  C  CB  . THR A 1 109 ? 9.533   5.471   -6.164  1.00 100.00 ? 109 THR A CB  1 
ATOM   850  O  OG1 . THR A 1 109 ? 10.241  5.704   -7.356  1.00 100.00 ? 109 THR A OG1 1 
ATOM   851  C  CG2 . THR A 1 109 ? 9.818   6.561   -5.134  1.00 100.00 ? 109 THR A CG2 1 
ATOM   852  N  N   . GLY A 1 110 ? 9.108   3.943   -3.348  1.00 43.28  ? 110 GLY A N   1 
ATOM   853  C  CA  . GLY A 1 110 ? 9.244   3.999   -1.916  1.00 37.46  ? 110 GLY A CA  1 
ATOM   854  C  C   . GLY A 1 110 ? 9.924   2.768   -1.443  1.00 35.83  ? 110 GLY A C   1 
ATOM   855  O  O   . GLY A 1 110 ? 10.735  2.811   -0.529  1.00 35.34  ? 110 GLY A O   1 
ATOM   856  N  N   . VAL A 1 111 ? 9.602   1.672   -2.132  1.00 40.49  ? 111 VAL A N   1 
ATOM   857  C  CA  . VAL A 1 111 ? 10.089  0.326   -1.846  1.00 51.53  ? 111 VAL A CA  1 
ATOM   858  C  C   . VAL A 1 111 ? 11.477  0.074   -2.437  1.00 78.97  ? 111 VAL A C   1 
ATOM   859  O  O   . VAL A 1 111 ? 12.039  -1.015  -2.324  1.00 53.10  ? 111 VAL A O   1 
ATOM   860  C  CB  . VAL A 1 111 ? 9.042   -0.620  -2.358  1.00 35.88  ? 111 VAL A CB  1 
ATOM   861  C  CG1 . VAL A 1 111 ? 9.504   -2.052  -2.316  1.00 74.64  ? 111 VAL A CG1 1 
ATOM   862  C  CG2 . VAL A 1 111 ? 7.841   -0.438  -1.443  1.00 45.54  ? 111 VAL A CG2 1 
ATOM   863  N  N   . ALA A 1 112 ? 12.051  1.122   -2.996  1.00 66.28  ? 112 ALA A N   1 
ATOM   864  C  CA  . ALA A 1 112 ? 13.376  1.076   -3.607  1.00 100.00 ? 112 ALA A CA  1 
ATOM   865  C  C   . ALA A 1 112 ? 14.556  0.812   -2.649  1.00 100.00 ? 112 ALA A C   1 
ATOM   866  O  O   . ALA A 1 112 ? 15.372  -0.085  -2.910  1.00 99.82  ? 112 ALA A O   1 
ATOM   867  C  CB  . ALA A 1 112 ? 13.627  2.309   -4.479  1.00 100.00 ? 112 ALA A CB  1 
ATOM   868  N  N   . GLY A 1 113 ? 14.640  1.596   -1.554  1.00 100.00 ? 113 GLY A N   1 
ATOM   869  C  CA  . GLY A 1 113 ? 15.706  1.521   -0.543  1.00 35.53  ? 113 GLY A CA  1 
ATOM   870  C  C   . GLY A 1 113 ? 15.655  0.282   0.336   1.00 43.03  ? 113 GLY A C   1 
ATOM   871  O  O   . GLY A 1 113 ? 16.384  0.143   1.327   1.00 50.72  ? 113 GLY A O   1 
ATOM   872  N  N   . PHE A 1 114 ? 14.804  -0.637  -0.088  1.00 31.86  ? 114 PHE A N   1 
ATOM   873  C  CA  . PHE A 1 114 ? 14.631  -1.857  0.593   1.00 23.98  ? 114 PHE A CA  1 
ATOM   874  C  C   . PHE A 1 114 ? 15.435  -2.977  0.011   1.00 20.59  ? 114 PHE A C   1 
ATOM   875  O  O   . PHE A 1 114 ? 15.179  -4.114  0.345   1.00 23.98  ? 114 PHE A O   1 
ATOM   876  C  CB  . PHE A 1 114 ? 13.159  -2.221  0.666   1.00 19.10  ? 114 PHE A CB  1 
ATOM   877  C  CG  . PHE A 1 114 ? 12.455  -1.388  1.699   1.00 29.64  ? 114 PHE A CG  1 
ATOM   878  C  CD1 . PHE A 1 114 ? 12.010  -0.103  1.422   1.00 48.58  ? 114 PHE A CD1 1 
ATOM   879  C  CD2 . PHE A 1 114 ? 12.291  -1.872  2.995   1.00 26.48  ? 114 PHE A CD2 1 
ATOM   880  C  CE1 . PHE A 1 114 ? 11.371  0.673   2.388   1.00 28.60  ? 114 PHE A CE1 1 
ATOM   881  C  CE2 . PHE A 1 114 ? 11.634  -1.125  3.972   1.00 31.78  ? 114 PHE A CE2 1 
ATOM   882  C  CZ  . PHE A 1 114 ? 11.184  0.151   3.673   1.00 23.06  ? 114 PHE A CZ  1 
ATOM   883  N  N   . THR A 1 115 ? 16.391  -2.672  -0.823  1.00 13.36  ? 115 THR A N   1 
ATOM   884  C  CA  . THR A 1 115 ? 17.254  -3.714  -1.408  1.00 6.88   ? 115 THR A CA  1 
ATOM   885  C  C   . THR A 1 115 ? 17.759  -4.805  -0.509  1.00 13.59  ? 115 THR A C   1 
ATOM   886  O  O   . THR A 1 115 ? 17.776  -5.995  -0.823  1.00 20.28  ? 115 THR A O   1 
ATOM   887  C  CB  . THR A 1 115 ? 18.509  -3.071  -1.894  1.00 22.40  ? 115 THR A CB  1 
ATOM   888  O  OG1 . THR A 1 115 ? 18.121  -1.964  -2.617  1.00 45.54  ? 115 THR A OG1 1 
ATOM   889  C  CG2 . THR A 1 115 ? 19.285  -4.064  -2.733  1.00 77.82  ? 115 THR A CG2 1 
ATOM   890  N  N   . ASN A 1 116 ? 18.293  -4.423  0.596   1.00 20.71  ? 116 ASN A N   1 
ATOM   891  C  CA  . ASN A 1 116 ? 18.792  -5.466  1.472   1.00 18.03  ? 116 ASN A CA  1 
ATOM   892  C  C   . ASN A 1 116 ? 17.675  -6.318  2.046   1.00 19.01  ? 116 ASN A C   1 
ATOM   893  O  O   . ASN A 1 116 ? 17.859  -7.468  2.284   1.00 24.23  ? 116 ASN A O   1 
ATOM   894  C  CB  . ASN A 1 116 ? 19.710  -4.933  2.614   1.00 17.58  ? 116 ASN A CB  1 
ATOM   895  C  CG  . ASN A 1 116 ? 20.847  -4.042  2.117   1.00 30.24  ? 116 ASN A CG  1 
ATOM   896  O  OD1 . ASN A 1 116 ? 21.476  -4.346  1.089   1.00 35.66  ? 116 ASN A OD1 1 
ATOM   897  N  ND2 . ASN A 1 116 ? 21.145  -2.957  2.850   1.00 16.36  ? 116 ASN A ND2 1 
ATOM   898  N  N   . SER A 1 117 ? 16.509  -5.752  2.306   1.00 18.68  ? 117 SER A N   1 
ATOM   899  C  CA  . SER A 1 117 ? 15.436  -6.574  2.814   1.00 22.55  ? 117 SER A CA  1 
ATOM   900  C  C   . SER A 1 117 ? 14.925  -7.501  1.695   1.00 12.87  ? 117 SER A C   1 
ATOM   901  O  O   . SER A 1 117 ? 14.576  -8.648  1.897   1.00 16.94  ? 117 SER A O   1 
ATOM   902  C  CB  . SER A 1 117 ? 14.303  -5.690  3.267   1.00 8.13   ? 117 SER A CB  1 
ATOM   903  O  OG  . SER A 1 117 ? 14.753  -4.686  4.161   1.00 43.58  ? 117 SER A OG  1 
ATOM   904  N  N   . LEU A 1 118 ? 14.880  -6.975  0.492   1.00 19.30  ? 118 LEU A N   1 
ATOM   905  C  CA  . LEU A 1 118 ? 14.448  -7.727  -0.678  1.00 15.13  ? 118 LEU A CA  1 
ATOM   906  C  C   . LEU A 1 118 ? 15.276  -8.951  -0.820  1.00 14.60  ? 118 LEU A C   1 
ATOM   907  O  O   . LEU A 1 118 ? 14.809  -10.047 -1.047  1.00 17.09  ? 118 LEU A O   1 
ATOM   908  C  CB  . LEU A 1 118 ? 14.520  -6.938  -2.008  1.00 22.74  ? 118 LEU A CB  1 
ATOM   909  C  CG  . LEU A 1 118 ? 13.530  -5.751  -2.136  1.00 15.05  ? 118 LEU A CG  1 
ATOM   910  C  CD1 . LEU A 1 118 ? 13.674  -5.118  -3.504  1.00 27.86  ? 118 LEU A CD1 1 
ATOM   911  C  CD2 . LEU A 1 118 ? 12.062  -6.112  -1.888  1.00 19.27  ? 118 LEU A CD2 1 
ATOM   912  N  N   . ARG A 1 119 ? 16.552  -8.758  -0.746  1.00 14.00  ? 119 ARG A N   1 
ATOM   913  C  CA  . ARG A 1 119 ? 17.424  -9.876  -0.891  1.00 16.71  ? 119 ARG A CA  1 
ATOM   914  C  C   . ARG A 1 119 ? 17.216  -10.945 0.185   1.00 15.64  ? 119 ARG A C   1 
ATOM   915  O  O   . ARG A 1 119 ? 17.236  -12.168 -0.075  1.00 22.59  ? 119 ARG A O   1 
ATOM   916  C  CB  . ARG A 1 119 ? 18.817  -9.334  -0.930  1.00 13.46  ? 119 ARG A CB  1 
ATOM   917  C  CG  . ARG A 1 119 ? 19.881  -10.419 -0.865  1.00 22.64  ? 119 ARG A CG  1 
ATOM   918  C  CD  . ARG A 1 119 ? 21.304  -9.826  -0.813  1.00 100.00 ? 119 ARG A CD  1 
ATOM   919  N  NE  . ARG A 1 119 ? 21.882  -9.688  0.542   1.00 100.00 ? 119 ARG A NE  1 
ATOM   920  C  CZ  . ARG A 1 119 ? 22.266  -8.521  1.108   1.00 100.00 ? 119 ARG A CZ  1 
ATOM   921  N  NH1 . ARG A 1 119 ? 22.163  -7.349  0.462   1.00 100.00 ? 119 ARG A NH1 1 
ATOM   922  N  NH2 . ARG A 1 119 ? 22.777  -8.528  2.355   1.00 100.00 ? 119 ARG A NH2 1 
ATOM   923  N  N   . MET A 1 120 ? 17.015  -10.513 1.434   1.00 23.01  ? 120 MET A N   1 
ATOM   924  C  CA  . MET A 1 120 ? 16.782  -11.472 2.491   1.00 5.78   ? 120 MET A CA  1 
ATOM   925  C  C   . MET A 1 120 ? 15.468  -12.163 2.264   1.00 15.66  ? 120 MET A C   1 
ATOM   926  O  O   . MET A 1 120 ? 15.259  -13.289 2.600   1.00 12.72  ? 120 MET A O   1 
ATOM   927  C  CB  . MET A 1 120 ? 16.672  -10.798 3.880   1.00 14.98  ? 120 MET A CB  1 
ATOM   928  C  CG  . MET A 1 120 ? 18.044  -10.510 4.451   1.00 24.99  ? 120 MET A CG  1 
ATOM   929  S  SD  . MET A 1 120 ? 17.948  -9.339  5.806   1.00 26.91  ? 120 MET A SD  1 
ATOM   930  C  CE  . MET A 1 120 ? 19.594  -8.590  5.802   1.00 37.39  ? 120 MET A CE  1 
ATOM   931  N  N   . LEU A 1 121 ? 14.513  -11.453 1.774   1.00 8.80   ? 121 LEU A N   1 
ATOM   932  C  CA  . LEU A 1 121 ? 13.247  -12.107 1.561   1.00 20.72  ? 121 LEU A CA  1 
ATOM   933  C  C   . LEU A 1 121 ? 13.406  -13.212 0.478   1.00 16.09  ? 121 LEU A C   1 
ATOM   934  O  O   . LEU A 1 121 ? 12.908  -14.344 0.567   1.00 16.40  ? 121 LEU A O   1 
ATOM   935  C  CB  . LEU A 1 121 ? 12.230  -11.041 1.131   1.00 27.08  ? 121 LEU A CB  1 
ATOM   936  C  CG  . LEU A 1 121 ? 11.624  -10.284 2.305   1.00 10.96  ? 121 LEU A CG  1 
ATOM   937  C  CD1 . LEU A 1 121 ? 10.738  -9.159  1.764   1.00 24.92  ? 121 LEU A CD1 1 
ATOM   938  C  CD2 . LEU A 1 121 ? 10.765  -11.237 3.124   1.00 13.89  ? 121 LEU A CD2 1 
ATOM   939  N  N   . GLN A 1 122 ? 14.032  -12.820 -0.598  1.00 12.82  ? 122 GLN A N   1 
ATOM   940  C  CA  . GLN A 1 122 ? 14.244  -13.720 -1.669  1.00 16.26  ? 122 GLN A CA  1 
ATOM   941  C  C   . GLN A 1 122 ? 14.968  -14.949 -1.158  1.00 29.26  ? 122 GLN A C   1 
ATOM   942  O  O   . GLN A 1 122 ? 14.698  -16.066 -1.577  1.00 22.01  ? 122 GLN A O   1 
ATOM   943  C  CB  . GLN A 1 122 ? 15.031  -13.032 -2.793  1.00 10.85  ? 122 GLN A CB  1 
ATOM   944  C  CG  . GLN A 1 122 ? 15.259  -13.995 -3.941  1.00 22.17  ? 122 GLN A CG  1 
ATOM   945  C  CD  . GLN A 1 122 ? 15.694  -13.271 -5.180  1.00 95.82  ? 122 GLN A CD  1 
ATOM   946  O  OE1 . GLN A 1 122 ? 15.965  -12.065 -5.107  1.00 100.00 ? 122 GLN A OE1 1 
ATOM   947  N  NE2 . GLN A 1 122 ? 15.750  -13.982 -6.313  1.00 50.65  ? 122 GLN A NE2 1 
ATOM   948  N  N   . GLN A 1 123 ? 15.870  -14.736 -0.205  1.00 15.19  ? 123 GLN A N   1 
ATOM   949  C  CA  . GLN A 1 123 ? 16.620  -15.848 0.325   1.00 15.58  ? 123 GLN A CA  1 
ATOM   950  C  C   . GLN A 1 123 ? 15.845  -16.680 1.289   1.00 19.98  ? 123 GLN A C   1 
ATOM   951  O  O   . GLN A 1 123 ? 16.388  -17.699 1.721   1.00 24.36  ? 123 GLN A O   1 
ATOM   952  C  CB  . GLN A 1 123 ? 17.874  -15.343 1.070   1.00 12.71  ? 123 GLN A CB  1 
ATOM   953  C  CG  . GLN A 1 123 ? 18.913  -14.966 0.022   1.00 17.84  ? 123 GLN A CG  1 
ATOM   954  C  CD  . GLN A 1 123 ? 20.274  -14.821 0.668   1.00 35.97  ? 123 GLN A CD  1 
ATOM   955  O  OE1 . GLN A 1 123 ? 21.009  -15.814 0.844   1.00 100.00 ? 123 GLN A OE1 1 
ATOM   956  N  NE2 . GLN A 1 123 ? 20.574  -13.591 1.070   1.00 52.05  ? 123 GLN A NE2 1 
ATOM   957  N  N   . LYS A 1 124 ? 14.603  -16.235 1.616   1.00 12.18  ? 124 LYS A N   1 
ATOM   958  C  CA  . LYS A 1 124 ? 13.704  -16.881 2.583   1.00 7.15   ? 124 LYS A CA  1 
ATOM   959  C  C   . LYS A 1 124 ? 14.217  -16.794 4.037   1.00 13.67  ? 124 LYS A C   1 
ATOM   960  O  O   . LYS A 1 124 ? 13.939  -17.632 4.916   1.00 16.16  ? 124 LYS A O   1 
ATOM   961  C  CB  . LYS A 1 124 ? 13.185  -18.279 2.206   1.00 24.21  ? 124 LYS A CB  1 
ATOM   962  C  CG  . LYS A 1 124 ? 12.538  -18.265 0.826   1.00 15.17  ? 124 LYS A CG  1 
ATOM   963  C  CD  . LYS A 1 124 ? 11.567  -19.395 0.545   1.00 12.89  ? 124 LYS A CD  1 
ATOM   964  C  CE  . LYS A 1 124 ? 10.908  -19.193 -0.825  1.00 8.20   ? 124 LYS A CE  1 
ATOM   965  N  NZ  . LYS A 1 124 ? 10.057  -18.023 -0.854  1.00 25.39  ? 124 LYS A NZ  1 
ATOM   966  N  N   . ARG A 1 125 ? 15.034  -15.788 4.289   1.00 15.82  ? 125 ARG A N   1 
ATOM   967  C  CA  . ARG A 1 125 ? 15.539  -15.619 5.651   1.00 14.27  ? 125 ARG A CA  1 
ATOM   968  C  C   . ARG A 1 125 ? 14.559  -14.678 6.379   1.00 12.28  ? 125 ARG A C   1 
ATOM   969  O  O   . ARG A 1 125 ? 14.812  -13.471 6.528   1.00 12.45  ? 125 ARG A O   1 
ATOM   970  C  CB  . ARG A 1 125 ? 16.939  -15.012 5.627   1.00 12.57  ? 125 ARG A CB  1 
ATOM   971  C  CG  . ARG A 1 125 ? 17.961  -15.782 4.804   1.00 15.92  ? 125 ARG A CG  1 
ATOM   972  C  CD  . ARG A 1 125 ? 19.174  -14.918 4.481   1.00 36.07  ? 125 ARG A CD  1 
ATOM   973  N  NE  . ARG A 1 125 ? 20.495  -15.557 4.668   1.00 100.00 ? 125 ARG A NE  1 
ATOM   974  C  CZ  . ARG A 1 125 ? 21.010  -16.603 3.956   1.00 100.00 ? 125 ARG A CZ  1 
ATOM   975  N  NH1 . ARG A 1 125 ? 20.364  -17.219 2.976   1.00 100.00 ? 125 ARG A NH1 1 
ATOM   976  N  NH2 . ARG A 1 125 ? 22.240  -17.031 4.248   1.00 100.00 ? 125 ARG A NH2 1 
ATOM   977  N  N   . TRP A 1 126 ? 13.439  -15.252 6.801   1.00 20.71  ? 126 TRP A N   1 
ATOM   978  C  CA  . TRP A 1 126 ? 12.356  -14.516 7.441   1.00 18.66  ? 126 TRP A CA  1 
ATOM   979  C  C   . TRP A 1 126 ? 12.652  -13.695 8.666   1.00 25.31  ? 126 TRP A C   1 
ATOM   980  O  O   . TRP A 1 126 ? 12.278  -12.521 8.753   1.00 16.57  ? 126 TRP A O   1 
ATOM   981  C  CB  . TRP A 1 126 ? 11.087  -15.344 7.615   1.00 9.64   ? 126 TRP A CB  1 
ATOM   982  C  CG  . TRP A 1 126 ? 10.788  -16.267 6.455   1.00 9.20   ? 126 TRP A CG  1 
ATOM   983  C  CD1 . TRP A 1 126 ? 10.689  -17.624 6.538   1.00 10.38  ? 126 TRP A CD1 1 
ATOM   984  C  CD2 . TRP A 1 126 ? 10.521  -15.920 5.103   1.00 19.33  ? 126 TRP A CD2 1 
ATOM   985  N  NE1 . TRP A 1 126 ? 10.379  -18.153 5.327   1.00 14.75  ? 126 TRP A NE1 1 
ATOM   986  C  CE2 . TRP A 1 126 ? 10.292  -17.137 4.402   1.00 8.41   ? 126 TRP A CE2 1 
ATOM   987  C  CE3 . TRP A 1 126 ? 10.523  -14.718 4.402   1.00 12.36  ? 126 TRP A CE3 1 
ATOM   988  C  CZ2 . TRP A 1 126 ? 10.004  -17.156 3.029   1.00 12.48  ? 126 TRP A CZ2 1 
ATOM   989  C  CZ3 . TRP A 1 126 ? 10.202  -14.729 3.067   1.00 11.43  ? 126 TRP A CZ3 1 
ATOM   990  C  CH2 . TRP A 1 126 ? 9.950   -15.938 2.375   1.00 21.05  ? 126 TRP A CH2 1 
ATOM   991  N  N   . ASP A 1 127 ? 13.246  -14.308 9.653   1.00 24.05  ? 127 ASP A N   1 
ATOM   992  C  CA  . ASP A 1 127 ? 13.499  -13.549 10.848  1.00 13.02  ? 127 ASP A CA  1 
ATOM   993  C  C   . ASP A 1 127 ? 14.451  -12.379 10.608  1.00 7.42   ? 127 ASP A C   1 
ATOM   994  O  O   . ASP A 1 127 ? 14.228  -11.231 11.030  1.00 16.16  ? 127 ASP A O   1 
ATOM   995  C  CB  . ASP A 1 127 ? 13.904  -14.456 12.000  1.00 22.02  ? 127 ASP A CB  1 
ATOM   996  C  CG  . ASP A 1 127 ? 12.756  -15.258 12.621  1.00 32.34  ? 127 ASP A CG  1 
ATOM   997  O  OD1 . ASP A 1 127 ? 11.708  -15.563 12.075  1.00 31.22  ? 127 ASP A OD1 1 
ATOM   998  O  OD2 . ASP A 1 127 ? 13.013  -15.621 13.839  1.00 38.30  ? 127 ASP A OD2 1 
ATOM   999  N  N   . GLU A 1 128 ? 15.522  -12.648 9.853   1.00 13.90  ? 128 GLU A N   1 
ATOM   1000 C  CA  . GLU A 1 128 ? 16.455  -11.568 9.537   1.00 12.11  ? 128 GLU A CA  1 
ATOM   1001 C  C   . GLU A 1 128 ? 15.800  -10.466 8.725   1.00 16.75  ? 128 GLU A C   1 
ATOM   1002 O  O   . GLU A 1 128 ? 16.070  -9.299  8.900   1.00 18.80  ? 128 GLU A O   1 
ATOM   1003 C  CB  . GLU A 1 128 ? 17.666  -12.051 8.727   1.00 17.23  ? 128 GLU A CB  1 
ATOM   1004 C  CG  . GLU A 1 128 ? 18.580  -12.938 9.571   1.00 35.14  ? 128 GLU A CG  1 
ATOM   1005 C  CD  . GLU A 1 128 ? 19.145  -14.109 8.802   1.00 100.00 ? 128 GLU A CD  1 
ATOM   1006 O  OE1 . GLU A 1 128 ? 20.280  -13.834 8.189   1.00 100.00 ? 128 GLU A OE1 1 
ATOM   1007 O  OE2 . GLU A 1 128 ? 18.600  -15.202 8.747   1.00 87.24  ? 128 GLU A OE2 1 
ATOM   1008 N  N   . ALA A 1 129 ? 14.955  -10.839 7.788   1.00 13.84  ? 129 ALA A N   1 
ATOM   1009 C  CA  . ALA A 1 129 ? 14.315  -9.805  6.990   1.00 1.94   ? 129 ALA A CA  1 
ATOM   1010 C  C   . ALA A 1 129 ? 13.415  -8.935  7.869   1.00 8.36   ? 129 ALA A C   1 
ATOM   1011 O  O   . ALA A 1 129 ? 13.301  -7.727  7.694   1.00 14.44  ? 129 ALA A O   1 
ATOM   1012 C  CB  . ALA A 1 129 ? 13.485  -10.467 5.935   1.00 11.57  ? 129 ALA A CB  1 
ATOM   1013 N  N   . ALA A 1 130 ? 12.744  -9.595  8.804   1.00 10.48  ? 130 ALA A N   1 
ATOM   1014 C  CA  . ALA A 1 130 ? 11.803  -8.958  9.717   1.00 14.06  ? 130 ALA A CA  1 
ATOM   1015 C  C   . ALA A 1 130 ? 12.515  -7.891  10.475  1.00 29.19  ? 130 ALA A C   1 
ATOM   1016 O  O   . ALA A 1 130 ? 12.075  -6.780  10.597  1.00 27.27  ? 130 ALA A O   1 
ATOM   1017 C  CB  . ALA A 1 130 ? 11.073  -9.962  10.587  1.00 8.05   ? 130 ALA A CB  1 
ATOM   1018 N  N   . VAL A 1 131 ? 13.690  -8.234  10.905  1.00 10.46  ? 131 VAL A N   1 
ATOM   1019 C  CA  . VAL A 1 131 ? 14.487  -7.277  11.581  1.00 12.81  ? 131 VAL A CA  1 
ATOM   1020 C  C   . VAL A 1 131 ? 14.927  -6.137  10.663  1.00 23.30  ? 131 VAL A C   1 
ATOM   1021 O  O   . VAL A 1 131 ? 14.890  -4.990  11.009  1.00 18.78  ? 131 VAL A O   1 
ATOM   1022 C  CB  . VAL A 1 131 ? 15.692  -8.036  12.131  1.00 22.55  ? 131 VAL A CB  1 
ATOM   1023 C  CG1 . VAL A 1 131 ? 16.808  -7.073  12.414  1.00 17.63  ? 131 VAL A CG1 1 
ATOM   1024 C  CG2 . VAL A 1 131 ? 15.318  -8.720  13.434  1.00 20.38  ? 131 VAL A CG2 1 
ATOM   1025 N  N   . ASN A 1 132 ? 15.429  -6.452  9.500   1.00 20.90  ? 132 ASN A N   1 
ATOM   1026 C  CA  . ASN A 1 132 ? 15.869  -5.432  8.587   1.00 10.22  ? 132 ASN A CA  1 
ATOM   1027 C  C   . ASN A 1 132 ? 14.750  -4.476  8.151   1.00 15.41  ? 132 ASN A C   1 
ATOM   1028 O  O   . ASN A 1 132 ? 14.928  -3.289  7.871   1.00 18.32  ? 132 ASN A O   1 
ATOM   1029 C  CB  . ASN A 1 132 ? 16.445  -6.132  7.342   1.00 13.95  ? 132 ASN A CB  1 
ATOM   1030 C  CG  . ASN A 1 132 ? 17.217  -5.144  6.485   1.00 14.38  ? 132 ASN A CG  1 
ATOM   1031 O  OD1 . ASN A 1 132 ? 16.699  -4.518  5.521   1.00 23.75  ? 132 ASN A OD1 1 
ATOM   1032 N  ND2 . ASN A 1 132 ? 18.409  -4.859  6.971   1.00 18.30  ? 132 ASN A ND2 1 
ATOM   1033 N  N   . LEU A 1 133 ? 13.562  -5.006  7.993   1.00 10.01  ? 133 LEU A N   1 
ATOM   1034 C  CA  . LEU A 1 133 ? 12.468  -4.136  7.521   1.00 11.34  ? 133 LEU A CA  1 
ATOM   1035 C  C   . LEU A 1 133 ? 12.112  -3.053  8.527   1.00 8.05   ? 133 LEU A C   1 
ATOM   1036 O  O   . LEU A 1 133 ? 11.703  -1.924  8.151   1.00 13.59  ? 133 LEU A O   1 
ATOM   1037 C  CB  . LEU A 1 133 ? 11.203  -4.988  7.234   1.00 17.52  ? 133 LEU A CB  1 
ATOM   1038 C  CG  . LEU A 1 133 ? 11.270  -5.841  5.947   1.00 15.24  ? 133 LEU A CG  1 
ATOM   1039 C  CD1 . LEU A 1 133 ? 10.119  -6.879  5.940   1.00 2.61   ? 133 LEU A CD1 1 
ATOM   1040 C  CD2 . LEU A 1 133 ? 11.125  -4.954  4.730   1.00 13.59  ? 133 LEU A CD2 1 
ATOM   1041 N  N   . ALA A 1 134 ? 12.316  -3.399  9.803   1.00 9.43   ? 134 ALA A N   1 
ATOM   1042 C  CA  . ALA A 1 134 ? 11.979  -2.517  10.944  1.00 10.29  ? 134 ALA A CA  1 
ATOM   1043 C  C   . ALA A 1 134 ? 12.904  -1.331  11.086  1.00 17.20  ? 134 ALA A C   1 
ATOM   1044 O  O   . ALA A 1 134 ? 12.592  -0.358  11.746  1.00 24.68  ? 134 ALA A O   1 
ATOM   1045 C  CB  . ALA A 1 134 ? 11.951  -3.322  12.215  1.00 9.74   ? 134 ALA A CB  1 
ATOM   1046 N  N   . LYS A 1 135 ? 14.067  -1.434  10.461  1.00 15.19  ? 135 LYS A N   1 
ATOM   1047 C  CA  . LYS A 1 135 ? 15.010  -0.374  10.504  1.00 10.20  ? 135 LYS A CA  1 
ATOM   1048 C  C   . LYS A 1 135 ? 14.731  0.557   9.399   1.00 16.97  ? 135 LYS A C   1 
ATOM   1049 O  O   . LYS A 1 135 ? 15.501  0.620   8.444   1.00 13.41  ? 135 LYS A O   1 
ATOM   1050 C  CB  . LYS A 1 135 ? 16.414  -0.882  10.282  1.00 20.06  ? 135 LYS A CB  1 
ATOM   1051 C  CG  . LYS A 1 135 ? 16.862  -1.788  11.402  1.00 20.61  ? 135 LYS A CG  1 
ATOM   1052 C  CD  . LYS A 1 135 ? 18.353  -1.913  11.383  1.00 48.50  ? 135 LYS A CD  1 
ATOM   1053 C  CE  . LYS A 1 135 ? 18.879  -3.158  12.070  1.00 40.48  ? 135 LYS A CE  1 
ATOM   1054 N  NZ  . LYS A 1 135 ? 20.325  -3.288  11.892  1.00 100.00 ? 135 LYS A NZ  1 
ATOM   1055 N  N   . SER A 1 136 ? 13.608  1.233   9.479   1.00 5.34   ? 136 SER A N   1 
ATOM   1056 C  CA  . SER A 1 136 ? 13.302  2.065   8.332   1.00 7.08   ? 136 SER A CA  1 
ATOM   1057 C  C   . SER A 1 136 ? 12.435  3.237   8.741   1.00 14.70  ? 136 SER A C   1 
ATOM   1058 O  O   . SER A 1 136 ? 11.834  3.207   9.797   1.00 17.80  ? 136 SER A O   1 
ATOM   1059 C  CB  . SER A 1 136 ? 12.562  1.178   7.309   1.00 10.96  ? 136 SER A CB  1 
ATOM   1060 O  OG  . SER A 1 136 ? 11.356  0.691   7.948   1.00 10.60  ? 136 SER A OG  1 
ATOM   1061 N  N   . ARG A 1 137 ? 12.366  4.282   7.915   1.00 6.64   ? 137 ARG A N   1 
ATOM   1062 C  CA  . ARG A 1 137 ? 11.488  5.379   8.253   1.00 11.88  ? 137 ARG A CA  1 
ATOM   1063 C  C   . ARG A 1 137 ? 10.029  4.913   8.374   1.00 13.54  ? 137 ARG A C   1 
ATOM   1064 O  O   . ARG A 1 137 ? 9.273   5.325   9.247   1.00 18.98  ? 137 ARG A O   1 
ATOM   1065 C  CB  . ARG A 1 137 ? 11.588  6.436   7.193   1.00 16.61  ? 137 ARG A CB  1 
ATOM   1066 C  CG  . ARG A 1 137 ? 10.524  7.494   7.433   1.00 21.26  ? 137 ARG A CG  1 
ATOM   1067 C  CD  . ARG A 1 137 ? 10.664  8.689   6.489   1.00 23.02  ? 137 ARG A CD  1 
ATOM   1068 N  NE  . ARG A 1 137 ? 9.747   9.765   6.828   1.00 30.52  ? 137 ARG A NE  1 
ATOM   1069 C  CZ  . ARG A 1 137 ? 8.468   9.789   6.485   1.00 100.00 ? 137 ARG A CZ  1 
ATOM   1070 N  NH1 . ARG A 1 137 ? 7.930   8.807   5.770   1.00 24.17  ? 137 ARG A NH1 1 
ATOM   1071 N  NH2 . ARG A 1 137 ? 7.714   10.823  6.869   1.00 69.04  ? 137 ARG A NH2 1 
ATOM   1072 N  N   . TRP A 1 138 ? 9.618   4.085   7.403   1.00 13.73  ? 138 TRP A N   1 
ATOM   1073 C  CA  . TRP A 1 138 ? 8.305   3.479   7.315   1.00 17.58  ? 138 TRP A CA  1 
ATOM   1074 C  C   . TRP A 1 138 ? 7.870   2.905   8.674   1.00 21.18  ? 138 TRP A C   1 
ATOM   1075 O  O   . TRP A 1 138 ? 6.817   3.225   9.209   1.00 16.13  ? 138 TRP A O   1 
ATOM   1076 C  CB  . TRP A 1 138 ? 8.375   2.351   6.253   1.00 17.95  ? 138 TRP A CB  1 
ATOM   1077 C  CG  . TRP A 1 138 ? 7.217   1.387   6.252   1.00 17.60  ? 138 TRP A CG  1 
ATOM   1078 C  CD1 . TRP A 1 138 ? 5.915   1.702   5.979   1.00 22.79  ? 138 TRP A CD1 1 
ATOM   1079 C  CD2 . TRP A 1 138 ? 7.274   -0.080  6.389   1.00 10.42  ? 138 TRP A CD2 1 
ATOM   1080 N  NE1 . TRP A 1 138 ? 5.159   0.533   5.985   1.00 11.77  ? 138 TRP A NE1 1 
ATOM   1081 C  CE2 . TRP A 1 138 ? 5.947   -0.563  6.270   1.00 7.67   ? 138 TRP A CE2 1 
ATOM   1082 C  CE3 . TRP A 1 138 ? 8.310   -1.002  6.628   1.00 15.20  ? 138 TRP A CE3 1 
ATOM   1083 C  CZ2 . TRP A 1 138 ? 5.619   -1.930  6.290   1.00 5.83   ? 138 TRP A CZ2 1 
ATOM   1084 C  CZ3 . TRP A 1 138 ? 7.966   -2.326  6.735   1.00 15.88  ? 138 TRP A CZ3 1 
ATOM   1085 C  CH2 . TRP A 1 138 ? 6.659   -2.787  6.557   1.00 24.00  ? 138 TRP A CH2 1 
ATOM   1086 N  N   . TYR A 1 139 ? 8.720   2.068   9.251   1.00 12.68  ? 139 TYR A N   1 
ATOM   1087 C  CA  . TYR A 1 139 ? 8.431   1.467   10.537  1.00 4.40   ? 139 TYR A CA  1 
ATOM   1088 C  C   . TYR A 1 139 ? 8.263   2.514   11.624  1.00 27.39  ? 139 TYR A C   1 
ATOM   1089 O  O   . TYR A 1 139 ? 7.376   2.432   12.457  1.00 18.40  ? 139 TYR A O   1 
ATOM   1090 C  CB  . TYR A 1 139 ? 9.554   0.535   10.967  1.00 7.57   ? 139 TYR A CB  1 
ATOM   1091 C  CG  . TYR A 1 139 ? 9.316   -0.115  12.275  1.00 15.09  ? 139 TYR A CG  1 
ATOM   1092 C  CD1 . TYR A 1 139 ? 8.539   -1.272  12.289  1.00 23.13  ? 139 TYR A CD1 1 
ATOM   1093 C  CD2 . TYR A 1 139 ? 9.882   0.357   13.456  1.00 22.02  ? 139 TYR A CD2 1 
ATOM   1094 C  CE1 . TYR A 1 139 ? 8.305   -1.970  13.470  1.00 17.42  ? 139 TYR A CE1 1 
ATOM   1095 C  CE2 . TYR A 1 139 ? 9.638   -0.315  14.656  1.00 30.18  ? 139 TYR A CE2 1 
ATOM   1096 C  CZ  . TYR A 1 139 ? 8.850   -1.469  14.645  1.00 67.72  ? 139 TYR A CZ  1 
ATOM   1097 O  OH  . TYR A 1 139 ? 8.581   -2.133  15.799  1.00 51.28  ? 139 TYR A OH  1 
ATOM   1098 N  N   . ASN A 1 140 ? 9.162   3.474   11.652  1.00 20.58  ? 140 ASN A N   1 
ATOM   1099 C  CA  . ASN A 1 140 ? 9.107   4.528   12.688  1.00 12.20  ? 140 ASN A CA  1 
ATOM   1100 C  C   . ASN A 1 140 ? 7.889   5.416   12.583  1.00 17.84  ? 140 ASN A C   1 
ATOM   1101 O  O   . ASN A 1 140 ? 7.274   5.805   13.591  1.00 21.92  ? 140 ASN A O   1 
ATOM   1102 C  CB  . ASN A 1 140 ? 10.400  5.356   12.771  1.00 21.01  ? 140 ASN A CB  1 
ATOM   1103 C  CG  . ASN A 1 140 ? 11.564  4.521   13.216  1.00 34.31  ? 140 ASN A CG  1 
ATOM   1104 O  OD1 . ASN A 1 140 ? 12.512  4.307   12.443  1.00 39.39  ? 140 ASN A OD1 1 
ATOM   1105 N  ND2 . ASN A 1 140 ? 11.506  4.088   14.472  1.00 23.57  ? 140 ASN A ND2 1 
ATOM   1106 N  N   . GLN A 1 141 ? 7.520   5.698   11.351  1.00 9.72   ? 141 GLN A N   1 
ATOM   1107 C  CA  . GLN A 1 141 ? 6.364   6.532   11.127  1.00 12.53  ? 141 GLN A CA  1 
ATOM   1108 C  C   . GLN A 1 141 ? 5.008   5.830   11.337  1.00 14.34  ? 141 GLN A C   1 
ATOM   1109 O  O   . GLN A 1 141 ? 4.101   6.408   11.930  1.00 23.57  ? 141 GLN A O   1 
ATOM   1110 C  CB  . GLN A 1 141 ? 6.394   7.059   9.703   1.00 11.85  ? 141 GLN A CB  1 
ATOM   1111 C  CG  . GLN A 1 141 ? 7.506   8.055   9.566   1.00 19.65  ? 141 GLN A CG  1 
ATOM   1112 C  CD  . GLN A 1 141 ? 7.543   9.004   10.727  1.00 68.21  ? 141 GLN A CD  1 
ATOM   1113 O  OE1 . GLN A 1 141 ? 8.611   9.208   11.325  1.00 25.53  ? 141 GLN A OE1 1 
ATOM   1114 N  NE2 . GLN A 1 141 ? 6.392   9.634   10.986  1.00 28.71  ? 141 GLN A NE2 1 
ATOM   1115 N  N   . THR A 1 142 ? 4.830   4.622   10.784  1.00 21.59  ? 142 THR A N   1 
ATOM   1116 C  CA  . THR A 1 142 ? 3.556   3.901   10.895  1.00 8.11   ? 142 THR A CA  1 
ATOM   1117 C  C   . THR A 1 142 ? 3.881   2.566   11.448  1.00 20.43  ? 142 THR A C   1 
ATOM   1118 O  O   . THR A 1 142 ? 3.869   1.575   10.753  1.00 11.64  ? 142 THR A O   1 
ATOM   1119 C  CB  . THR A 1 142 ? 2.860   3.779   9.514   1.00 15.85  ? 142 THR A CB  1 
ATOM   1120 O  OG1 . THR A 1 142 ? 3.681   3.101   8.518   1.00 11.03  ? 142 THR A OG1 1 
ATOM   1121 C  CG2 . THR A 1 142 ? 2.547   5.174   8.966   1.00 4.20   ? 142 THR A CG2 1 
ATOM   1122 N  N   . PRO A 1 143 ? 4.205   2.588   12.697  1.00 17.01  ? 143 PRO A N   1 
ATOM   1123 C  CA  . PRO A 1 143 ? 4.614   1.404   13.414  1.00 16.73  ? 143 PRO A CA  1 
ATOM   1124 C  C   . PRO A 1 143 ? 3.584   0.302   13.516  1.00 10.00  ? 143 PRO A C   1 
ATOM   1125 O  O   . PRO A 1 143 ? 3.931   -0.862  13.403  1.00 14.34  ? 143 PRO A O   1 
ATOM   1126 C  CB  . PRO A 1 143 ? 4.923   1.862   14.840  1.00 15.36  ? 143 PRO A CB  1 
ATOM   1127 C  CG  . PRO A 1 143 ? 4.567   3.358   14.919  1.00 13.88  ? 143 PRO A CG  1 
ATOM   1128 C  CD  . PRO A 1 143 ? 4.184   3.816   13.538  1.00 18.34  ? 143 PRO A CD  1 
ATOM   1129 N  N   . ASN A 1 144 ? 2.317   0.614   13.810  1.00 16.14  ? 144 ASN A N   1 
ATOM   1130 C  CA  . ASN A 1 144 ? 1.345   -0.497  13.965  1.00 18.66  ? 144 ASN A CA  1 
ATOM   1131 C  C   . ASN A 1 144 ? 1.080   -1.266  12.690  1.00 19.39  ? 144 ASN A C   1 
ATOM   1132 O  O   . ASN A 1 144 ? 1.009   -2.494  12.637  1.00 13.50  ? 144 ASN A O   1 
ATOM   1133 C  CB  . ASN A 1 144 ? 0.019   -0.036  14.534  1.00 24.12  ? 144 ASN A CB  1 
ATOM   1134 C  CG  . ASN A 1 144 ? 0.076   0.485   15.946  1.00 22.24  ? 144 ASN A CG  1 
ATOM   1135 O  OD1 . ASN A 1 144 ? 0.787   -0.059  16.800  1.00 31.54  ? 144 ASN A OD1 1 
ATOM   1136 N  ND2 . ASN A 1 144 ? -0.682  1.549   16.184  1.00 71.70  ? 144 ASN A ND2 1 
ATOM   1137 N  N   . ARG A 1 145 ? 0.944   -0.508  11.646  1.00 13.37  ? 145 ARG A N   1 
ATOM   1138 C  CA  . ARG A 1 145 ? 0.752   -1.085  10.333  1.00 12.02  ? 145 ARG A CA  1 
ATOM   1139 C  C   . ARG A 1 145 ? 2.022   -1.843  9.926   1.00 19.30  ? 145 ARG A C   1 
ATOM   1140 O  O   . ARG A 1 145 ? 1.970   -2.980  9.481   1.00 16.44  ? 145 ARG A O   1 
ATOM   1141 C  CB  . ARG A 1 145 ? 0.419   0.026   9.338   1.00 14.19  ? 145 ARG A CB  1 
ATOM   1142 C  CG  . ARG A 1 145 ? -0.167  -0.523  8.038   1.00 24.77  ? 145 ARG A CG  1 
ATOM   1143 C  CD  . ARG A 1 145 ? 0.258   0.247   6.834   1.00 12.78  ? 145 ARG A CD  1 
ATOM   1144 N  NE  . ARG A 1 145 ? -0.156  -0.383  5.579   1.00 9.87   ? 145 ARG A NE  1 
ATOM   1145 C  CZ  . ARG A 1 145 ? -0.866  0.325   4.720   1.00 7.68   ? 145 ARG A CZ  1 
ATOM   1146 N  NH1 . ARG A 1 145 ? -1.200  1.560   5.053   1.00 15.96  ? 145 ARG A NH1 1 
ATOM   1147 N  NH2 . ARG A 1 145 ? -1.206  -0.167  3.528   1.00 15.55  ? 145 ARG A NH2 1 
ATOM   1148 N  N   . ALA A 1 146 ? 3.191   -1.214  10.099  1.00 26.00  ? 146 ALA A N   1 
ATOM   1149 C  CA  . ALA A 1 146 ? 4.423   -1.883  9.758   1.00 7.03   ? 146 ALA A CA  1 
ATOM   1150 C  C   . ALA A 1 146 ? 4.579   -3.208  10.498  1.00 19.28  ? 146 ALA A C   1 
ATOM   1151 O  O   . ALA A 1 146 ? 5.011   -4.191  9.906   1.00 15.43  ? 146 ALA A O   1 
ATOM   1152 C  CB  . ALA A 1 146 ? 5.668   -1.011  9.939   1.00 12.49  ? 146 ALA A CB  1 
ATOM   1153 N  N   . LYS A 1 147 ? 4.221   -3.264  11.783  1.00 16.41  ? 147 LYS A N   1 
ATOM   1154 C  CA  . LYS A 1 147 ? 4.338   -4.525  12.534  1.00 13.19  ? 147 LYS A CA  1 
ATOM   1155 C  C   . LYS A 1 147 ? 3.467   -5.624  11.932  1.00 24.27  ? 147 LYS A C   1 
ATOM   1156 O  O   . LYS A 1 147 ? 3.890   -6.772  11.820  1.00 11.51  ? 147 LYS A O   1 
ATOM   1157 C  CB  . LYS A 1 147 ? 4.053   -4.356  14.014  1.00 20.65  ? 147 LYS A CB  1 
ATOM   1158 C  CG  . LYS A 1 147 ? 4.917   -3.260  14.611  1.00 49.41  ? 147 LYS A CG  1 
ATOM   1159 C  CD  . LYS A 1 147 ? 4.915   -3.202  16.138  1.00 29.95  ? 147 LYS A CD  1 
ATOM   1160 C  CE  . LYS A 1 147 ? 5.365   -1.851  16.725  1.00 56.32  ? 147 LYS A CE  1 
ATOM   1161 N  NZ  . LYS A 1 147 ? 6.331   -1.946  17.847  1.00 100.00 ? 147 LYS A NZ  1 
ATOM   1162 N  N   . ARG A 1 148 ? 2.265   -5.260  11.484  1.00 10.47  ? 148 ARG A N   1 
ATOM   1163 C  CA  . ARG A 1 148 ? 1.409   -6.217  10.853  1.00 17.01  ? 148 ARG A CA  1 
ATOM   1164 C  C   . ARG A 1 148 ? 2.029   -6.809  9.583   1.00 11.02  ? 148 ARG A C   1 
ATOM   1165 O  O   . ARG A 1 148 ? 1.944   -8.026  9.350   1.00 16.37  ? 148 ARG A O   1 
ATOM   1166 C  CB  . ARG A 1 148 ? 0.094   -5.589  10.463  1.00 7.16   ? 148 ARG A CB  1 
ATOM   1167 C  CG  . ARG A 1 148 ? -0.793  -5.350  11.659  1.00 4.38   ? 148 ARG A CG  1 
ATOM   1168 C  CD  . ARG A 1 148 ? -2.255  -5.069  11.375  1.00 11.34  ? 148 ARG A CD  1 
ATOM   1169 N  NE  . ARG A 1 148 ? -2.488  -3.754  10.746  1.00 16.94  ? 148 ARG A NE  1 
ATOM   1170 C  CZ  . ARG A 1 148 ? -2.675  -2.594  11.421  1.00 17.47  ? 148 ARG A CZ  1 
ATOM   1171 N  NH1 . ARG A 1 148 ? -2.621  -2.539  12.758  1.00 16.71  ? 148 ARG A NH1 1 
ATOM   1172 N  NH2 . ARG A 1 148 ? -2.857  -1.456  10.743  1.00 21.01  ? 148 ARG A NH2 1 
ATOM   1173 N  N   . VAL A 1 149 ? 2.558   -5.939  8.717   1.00 8.90   ? 149 VAL A N   1 
ATOM   1174 C  CA  . VAL A 1 149 ? 3.084   -6.371  7.418   1.00 10.71  ? 149 VAL A CA  1 
ATOM   1175 C  C   . VAL A 1 149 ? 4.322   -7.240  7.622   1.00 3.94   ? 149 VAL A C   1 
ATOM   1176 O  O   . VAL A 1 149 ? 4.463   -8.292  6.980   1.00 14.47  ? 149 VAL A O   1 
ATOM   1177 C  CB  . VAL A 1 149 ? 3.371   -5.197  6.509   1.00 18.19  ? 149 VAL A CB  1 
ATOM   1178 C  CG1 . VAL A 1 149 ? 4.158   -5.625  5.266   1.00 12.20  ? 149 VAL A CG1 1 
ATOM   1179 C  CG2 . VAL A 1 149 ? 2.051   -4.572  6.108   1.00 12.47  ? 149 VAL A CG2 1 
ATOM   1180 N  N   . ILE A 1 150 ? 5.115   -6.832  8.619   1.00 15.47  ? 150 ILE A N   1 
ATOM   1181 C  CA  . ILE A 1 150 ? 6.314   -7.526  9.043   1.00 9.56   ? 150 ILE A CA  1 
ATOM   1182 C  C   . ILE A 1 150 ? 5.988   -8.887  9.601   1.00 24.12  ? 150 ILE A C   1 
ATOM   1183 O  O   . ILE A 1 150 ? 6.582   -9.902  9.232   1.00 18.54  ? 150 ILE A O   1 
ATOM   1184 C  CB  . ILE A 1 150 ? 7.215   -6.709  9.971   1.00 19.92  ? 150 ILE A CB  1 
ATOM   1185 C  CG1 . ILE A 1 150 ? 7.835   -5.578  9.145   1.00 17.59  ? 150 ILE A CG1 1 
ATOM   1186 C  CG2 . ILE A 1 150 ? 8.321   -7.639  10.566  1.00 10.41  ? 150 ILE A CG2 1 
ATOM   1187 C  CD1 . ILE A 1 150 ? 8.569   -4.564  10.011  1.00 11.39  ? 150 ILE A CD1 1 
ATOM   1188 N  N   . THR A 1 151 ? 4.999   -8.937  10.480  1.00 9.75   ? 151 THR A N   1 
ATOM   1189 C  CA  . THR A 1 151 ? 4.604   -10.267 10.989  1.00 20.55  ? 151 THR A CA  1 
ATOM   1190 C  C   . THR A 1 151 ? 4.160   -11.143 9.852   1.00 19.10  ? 151 THR A C   1 
ATOM   1191 O  O   . THR A 1 151 ? 4.377   -12.331 9.812   1.00 9.02   ? 151 THR A O   1 
ATOM   1192 C  CB  . THR A 1 151 ? 3.403   -10.098 11.879  1.00 19.57  ? 151 THR A CB  1 
ATOM   1193 O  OG1 . THR A 1 151 ? 3.848   -9.346  12.965  1.00 20.10  ? 151 THR A OG1 1 
ATOM   1194 C  CG2 . THR A 1 151 ? 2.884   -11.441 12.353  1.00 28.96  ? 151 THR A CG2 1 
ATOM   1195 N  N   . THR A 1 152 ? 3.483   -10.542 8.910   1.00 11.16  ? 152 THR A N   1 
ATOM   1196 C  CA  . THR A 1 152 ? 3.017   -11.322 7.791   1.00 14.93  ? 152 THR A CA  1 
ATOM   1197 C  C   . THR A 1 152 ? 4.191   -11.919 6.982   1.00 12.41  ? 152 THR A C   1 
ATOM   1198 O  O   . THR A 1 152 ? 4.186   -13.070 6.523   1.00 15.92  ? 152 THR A O   1 
ATOM   1199 C  CB  . THR A 1 152 ? 2.092   -10.399 6.952   1.00 4.80   ? 152 THR A CB  1 
ATOM   1200 O  OG1 . THR A 1 152 ? 1.080   -9.896  7.771   1.00 10.52  ? 152 THR A OG1 1 
ATOM   1201 C  CG2 . THR A 1 152 ? 1.466   -11.120 5.778   1.00 12.12  ? 152 THR A CG2 1 
ATOM   1202 N  N   . PHE A 1 153 ? 5.252   -11.149 6.807   1.00 6.56   ? 153 PHE A N   1 
ATOM   1203 C  CA  . PHE A 1 153 ? 6.395   -11.674 6.064   1.00 8.29   ? 153 PHE A CA  1 
ATOM   1204 C  C   . PHE A 1 153 ? 7.172   -12.711 6.857   1.00 10.22  ? 153 PHE A C   1 
ATOM   1205 O  O   . PHE A 1 153 ? 7.592   -13.746 6.344   1.00 14.65  ? 153 PHE A O   1 
ATOM   1206 C  CB  . PHE A 1 153 ? 7.372   -10.543 5.726   1.00 13.31  ? 153 PHE A CB  1 
ATOM   1207 C  CG  . PHE A 1 153 ? 7.036   -9.734  4.483   1.00 9.72   ? 153 PHE A CG  1 
ATOM   1208 C  CD1 . PHE A 1 153 ? 6.886   -10.337 3.231   1.00 13.37  ? 153 PHE A CD1 1 
ATOM   1209 C  CD2 . PHE A 1 153 ? 6.984   -8.339  4.541   1.00 22.61  ? 153 PHE A CD2 1 
ATOM   1210 C  CE1 . PHE A 1 153 ? 6.691   -9.589  2.065   1.00 20.87  ? 153 PHE A CE1 1 
ATOM   1211 C  CE2 . PHE A 1 153 ? 6.783   -7.589  3.378   1.00 10.28  ? 153 PHE A CE2 1 
ATOM   1212 C  CZ  . PHE A 1 153 ? 6.619   -8.204  2.135   1.00 10.01  ? 153 PHE A CZ  1 
ATOM   1213 N  N   . ARG A 1 154 ? 7.331   -12.412 8.120   1.00 13.57  ? 154 ARG A N   1 
ATOM   1214 C  CA  . ARG A 1 154 ? 7.992   -13.300 9.053   1.00 15.07  ? 154 ARG A CA  1 
ATOM   1215 C  C   . ARG A 1 154 ? 7.365   -14.671 9.150   1.00 23.34  ? 154 ARG A C   1 
ATOM   1216 O  O   . ARG A 1 154 ? 8.049   -15.696 9.057   1.00 27.52  ? 154 ARG A O   1 
ATOM   1217 C  CB  . ARG A 1 154 ? 8.047   -12.723 10.458  1.00 19.64  ? 154 ARG A CB  1 
ATOM   1218 C  CG  . ARG A 1 154 ? 9.319   -13.175 11.172  1.00 14.05  ? 154 ARG A CG  1 
ATOM   1219 C  CD  . ARG A 1 154 ? 9.440   -12.900 12.675  1.00 20.17  ? 154 ARG A CD  1 
ATOM   1220 N  NE  . ARG A 1 154 ? 8.238   -12.446 13.330  1.00 56.50  ? 154 ARG A NE  1 
ATOM   1221 C  CZ  . ARG A 1 154 ? 7.379   -13.287 13.892  1.00 100.00 ? 154 ARG A CZ  1 
ATOM   1222 N  NH1 . ARG A 1 154 ? 7.585   -14.602 13.850  1.00 100.00 ? 154 ARG A NH1 1 
ATOM   1223 N  NH2 . ARG A 1 154 ? 6.291   -12.807 14.504  1.00 100.00 ? 154 ARG A NH2 1 
ATOM   1224 N  N   . THR A 1 155 ? 6.039   -14.671 9.357   1.00 18.29  ? 155 THR A N   1 
ATOM   1225 C  CA  . THR A 1 155 ? 5.256   -15.893 9.536   1.00 15.99  ? 155 THR A CA  1 
ATOM   1226 C  C   . THR A 1 155 ? 4.621   -16.488 8.309   1.00 26.26  ? 155 THR A C   1 
ATOM   1227 O  O   . THR A 1 155 ? 4.233   -17.629 8.320   1.00 34.57  ? 155 THR A O   1 
ATOM   1228 C  CB  . THR A 1 155 ? 4.143   -15.743 10.605  1.00 12.86  ? 155 THR A CB  1 
ATOM   1229 O  OG1 . THR A 1 155 ? 3.083   -14.912 10.167  1.00 19.75  ? 155 THR A OG1 1 
ATOM   1230 C  CG2 . THR A 1 155 ? 4.669   -15.224 11.899  1.00 5.24   ? 155 THR A CG2 1 
ATOM   1231 N  N   . GLY A 1 156 ? 4.395   -15.727 7.263   1.00 19.27  ? 156 GLY A N   1 
ATOM   1232 C  CA  . GLY A 1 156 ? 3.668   -16.329 6.205   1.00 10.75  ? 156 GLY A CA  1 
ATOM   1233 C  C   . GLY A 1 156 ? 2.215   -16.657 6.590   1.00 43.85  ? 156 GLY A C   1 
ATOM   1234 O  O   . GLY A 1 156 ? 1.584   -17.423 5.885   1.00 19.80  ? 156 GLY A O   1 
ATOM   1235 N  N   . THR A 1 157 ? 1.636   -16.070 7.668   1.00 21.25  ? 157 THR A N   1 
ATOM   1236 C  CA  . THR A 1 157 ? 0.222   -16.330 8.036   1.00 13.25  ? 157 THR A CA  1 
ATOM   1237 C  C   . THR A 1 157 ? -0.530  -15.025 8.171   1.00 21.47  ? 157 THR A C   1 
ATOM   1238 O  O   . THR A 1 157 ? 0.080   -13.998 8.108   1.00 15.23  ? 157 THR A O   1 
ATOM   1239 C  CB  . THR A 1 157 ? 0.142   -16.961 9.422   1.00 36.01  ? 157 THR A CB  1 
ATOM   1240 O  OG1 . THR A 1 157 ? 0.594   -15.977 10.308  1.00 16.22  ? 157 THR A OG1 1 
ATOM   1241 C  CG2 . THR A 1 157 ? 0.985   -18.225 9.529   1.00 17.17  ? 157 THR A CG2 1 
ATOM   1242 N  N   . TRP A 1 158 ? -1.859  -15.042 8.412   1.00 14.49  ? 158 TRP A N   1 
ATOM   1243 C  CA  . TRP A 1 158 ? -2.590  -13.794 8.544   1.00 9.17   ? 158 TRP A CA  1 
ATOM   1244 C  C   . TRP A 1 158 ? -2.802  -13.425 9.993   1.00 19.35  ? 158 TRP A C   1 
ATOM   1245 O  O   . TRP A 1 158 ? -3.648  -12.606 10.276  1.00 20.44  ? 158 TRP A O   1 
ATOM   1246 C  CB  . TRP A 1 158 ? -3.998  -13.920 7.922   1.00 8.74   ? 158 TRP A CB  1 
ATOM   1247 C  CG  . TRP A 1 158 ? -3.938  -14.032 6.405   1.00 14.56  ? 158 TRP A CG  1 
ATOM   1248 C  CD1 . TRP A 1 158 ? -4.112  -15.163 5.666   1.00 9.79   ? 158 TRP A CD1 1 
ATOM   1249 C  CD2 . TRP A 1 158 ? -3.686  -12.975 5.433   1.00 21.82  ? 158 TRP A CD2 1 
ATOM   1250 N  NE1 . TRP A 1 158 ? -4.019  -14.896 4.309   1.00 18.61  ? 158 TRP A NE1 1 
ATOM   1251 C  CE2 . TRP A 1 158 ? -3.769  -13.550 4.134   1.00 20.36  ? 158 TRP A CE2 1 
ATOM   1252 C  CE3 . TRP A 1 158 ? -3.470  -11.613 5.532   1.00 17.72  ? 158 TRP A CE3 1 
ATOM   1253 C  CZ2 . TRP A 1 158 ? -3.516  -12.817 2.972   1.00 8.32   ? 158 TRP A CZ2 1 
ATOM   1254 C  CZ3 . TRP A 1 158 ? -3.293  -10.901 4.385   1.00 17.46  ? 158 TRP A CZ3 1 
ATOM   1255 C  CH2 . TRP A 1 158 ? -3.337  -11.488 3.118   1.00 15.24  ? 158 TRP A CH2 1 
ATOM   1256 N  N   . ASP A 1 159 ? -2.060  -14.053 10.892  1.00 21.29  ? 159 ASP A N   1 
ATOM   1257 C  CA  . ASP A 1 159 ? -2.283  -13.810 12.299  1.00 15.22  ? 159 ASP A CA  1 
ATOM   1258 C  C   . ASP A 1 159 ? -2.403  -12.368 12.721  1.00 15.41  ? 159 ASP A C   1 
ATOM   1259 O  O   . ASP A 1 159 ? -3.244  -12.071 13.539  1.00 21.15  ? 159 ASP A O   1 
ATOM   1260 C  CB  . ASP A 1 159 ? -1.336  -14.569 13.210  1.00 25.33  ? 159 ASP A CB  1 
ATOM   1261 C  CG  . ASP A 1 159 ? -1.356  -16.072 13.046  1.00 60.99  ? 159 ASP A CG  1 
ATOM   1262 O  OD1 . ASP A 1 159 ? -2.474  -16.541 12.555  1.00 54.23  ? 159 ASP A OD1 1 
ATOM   1263 O  OD2 . ASP A 1 159 ? -0.419  -16.786 13.360  1.00 65.18  ? 159 ASP A OD2 1 
ATOM   1264 N  N   . ALA A 1 160 ? -1.491  -11.494 12.228  1.00 9.66   ? 160 ALA A N   1 
ATOM   1265 C  CA  . ALA A 1 160 ? -1.494  -10.072 12.622  1.00 14.56  ? 160 ALA A CA  1 
ATOM   1266 C  C   . ALA A 1 160 ? -2.815  -9.433  12.261  1.00 19.87  ? 160 ALA A C   1 
ATOM   1267 O  O   . ALA A 1 160 ? -3.237  -8.423  12.804  1.00 25.06  ? 160 ALA A O   1 
ATOM   1268 C  CB  . ALA A 1 160 ? -0.376  -9.329  11.893  1.00 16.85  ? 160 ALA A CB  1 
ATOM   1269 N  N   . TYR A 1 161 ? -3.458  -9.992  11.274  1.00 18.46  ? 161 TYR A N   1 
ATOM   1270 C  CA  . TYR A 1 161 ? -4.717  -9.401  10.866  1.00 15.43  ? 161 TYR A CA  1 
ATOM   1271 C  C   . TYR A 1 161 ? -5.902  -10.062 11.528  1.00 55.84  ? 161 TYR A C   1 
ATOM   1272 O  O   . TYR A 1 161 ? -7.005  -9.644  11.324  1.00 20.84  ? 161 TYR A O   1 
ATOM   1273 C  CB  . TYR A 1 161 ? -4.879  -9.335  9.330   1.00 10.48  ? 161 TYR A CB  1 
ATOM   1274 C  CG  . TYR A 1 161 ? -3.935  -8.318  8.760   1.00 19.68  ? 161 TYR A CG  1 
ATOM   1275 C  CD1 . TYR A 1 161 ? -2.601  -8.648  8.586   1.00 13.09  ? 161 TYR A CD1 1 
ATOM   1276 C  CD2 . TYR A 1 161 ? -4.351  -7.022  8.466   1.00 5.67   ? 161 TYR A CD2 1 
ATOM   1277 C  CE1 . TYR A 1 161 ? -1.703  -7.714  8.077   1.00 5.49   ? 161 TYR A CE1 1 
ATOM   1278 C  CE2 . TYR A 1 161 ? -3.474  -6.088  7.933   1.00 16.92  ? 161 TYR A CE2 1 
ATOM   1279 C  CZ  . TYR A 1 161 ? -2.133  -6.429  7.763   1.00 8.60   ? 161 TYR A CZ  1 
ATOM   1280 O  OH  . TYR A 1 161 ? -1.229  -5.493  7.228   1.00 11.34  ? 161 TYR A OH  1 
ATOM   1281 N  N   . LYS A 1 162 ? -5.704  -11.083 12.337  1.00 28.49  ? 162 LYS A N   1 
ATOM   1282 C  CA  . LYS A 1 162 ? -6.862  -11.698 12.951  1.00 48.05  ? 162 LYS A CA  1 
ATOM   1283 C  C   . LYS A 1 162 ? -7.004  -11.277 14.413  1.00 24.52  ? 162 LYS A C   1 
ATOM   1284 O  O   . LYS A 1 162 ? -8.062  -10.773 14.810  1.00 50.39  ? 162 LYS A O   1 
ATOM   1285 C  CB  . LYS A 1 162 ? -6.936  -13.201 12.716  1.00 40.00  ? 162 LYS A CB  1 
ATOM   1286 C  CG  . LYS A 1 162 ? -6.613  -13.630 11.274  1.00 89.88  ? 162 LYS A CG  1 
ATOM   1287 C  CD  . LYS A 1 162 ? -6.492  -15.155 11.042  1.00 100.00 ? 162 LYS A CD  1 
ATOM   1288 C  CE  . LYS A 1 162 ? -5.441  -15.869 11.922  1.00 100.00 ? 162 LYS A CE  1 
ATOM   1289 N  NZ  . LYS A 1 162 ? -4.845  -17.103 11.351  1.00 100.00 ? 162 LYS A NZ  1 
HETATM 1290 CL CL  . CL  B 2 .   ? 0.423   2.795   12.304  1.00 25.47  ? 173 CL  A CL  1 
HETATM 1291 CL CL  . CL  C 2 .   ? -6.883  7.055   -11.225 0.50 30.12  ? 178 CL  A CL  1 
HETATM 1292 C  C1  . HED D 3 .   ? -4.316  -11.035 -7.773  1.00 32.41  ? 170 HED A C1  1 
HETATM 1293 O  O1  . HED D 3 .   ? -5.524  -10.461 -7.285  1.00 34.88  ? 170 HED A O1  1 
HETATM 1294 C  C2  . HED D 3 .   ? -3.322  -10.774 -6.692  1.00 25.80  ? 170 HED A C2  1 
HETATM 1295 S  S3  . HED D 3 .   ? -3.682  -11.917 -5.360  1.00 91.91  ? 170 HED A S3  1 
HETATM 1296 S  S4  . HED D 3 .   ? -1.857  -12.154 -4.435  1.00 100.00 ? 170 HED A S4  1 
HETATM 1297 C  C5  . HED D 3 .   ? -1.622  -13.951 -4.310  1.00 100.00 ? 170 HED A C5  1 
HETATM 1298 C  C6  . HED D 3 .   ? -2.151  -14.555 -2.988  1.00 100.00 ? 170 HED A C6  1 
HETATM 1299 O  O6  . HED D 3 .   ? -1.903  -13.678 -1.897  1.00 53.84  ? 170 HED A O6  1 
HETATM 1300 C  C1  . DEN E 4 .   ? 7.820   -4.917  -1.604  1.00 16.65  ? 400 DEN A C1  1 
HETATM 1301 C  C2  . DEN E 4 .   ? 8.412   -5.369  -0.348  1.00 18.63  ? 400 DEN A C2  1 
HETATM 1302 C  C3  . DEN E 4 .   ? 8.910   -6.746  -0.547  1.00 29.41  ? 400 DEN A C3  1 
HETATM 1303 C  C4  . DEN E 4 .   ? 8.825   -8.210  -2.669  1.00 17.30  ? 400 DEN A C4  1 
HETATM 1304 C  C5  . DEN E 4 .   ? 8.408   -8.262  -3.981  1.00 16.08  ? 400 DEN A C5  1 
HETATM 1305 C  C6  . DEN E 4 .   ? 7.741   -7.224  -4.578  1.00 16.62  ? 400 DEN A C6  1 
HETATM 1306 C  C7  . DEN E 4 .   ? 7.511   -6.072  -3.874  1.00 11.09  ? 400 DEN A C7  1 
HETATM 1307 C  C8  . DEN E 4 .   ? 7.922   -6.014  -2.548  1.00 17.03  ? 400 DEN A C8  1 
HETATM 1308 C  C9  . DEN E 4 .   ? 8.605   -7.069  -1.967  1.00 24.14  ? 400 DEN A C9  1 
HETATM 1309 O  O   . HOH F 5 .   ? -7.973  3.116   -3.286  1.00 10.82  ? 171 HOH A O   1 
HETATM 1310 O  O   . HOH F 5 .   ? 5.347   5.264   6.990   1.00 19.45  ? 172 HOH A O   1 
HETATM 1311 O  O   . HOH F 5 .   ? 3.084   8.874   12.937  1.00 17.23  ? 174 HOH A O   1 
HETATM 1312 O  O   . HOH F 5 .   ? -0.057  -11.616 9.559   1.00 29.42  ? 175 HOH A O   1 
HETATM 1313 O  O   . HOH F 5 .   ? -14.186 19.131  -6.227  1.00 53.36  ? 176 HOH A O   1 
HETATM 1314 O  O   . HOH F 5 .   ? 1.057   -20.077 -0.942  1.00 35.46  ? 177 HOH A O   1 
HETATM 1315 O  O   . HOH F 5 .   ? -10.424 4.306   -2.869  1.00 14.60  ? 179 HOH A O   1 
HETATM 1316 O  O   . HOH F 5 .   ? 0.745   -3.822  15.038  1.00 47.34  ? 180 HOH A O   1 
HETATM 1317 O  O   . HOH F 5 .   ? 4.607   -19.106 -4.638  1.00 21.42  ? 181 HOH A O   1 
HETATM 1318 O  O   . HOH F 5 .   ? -7.035  4.364   -9.605  1.00 23.55  ? 182 HOH A O   1 
HETATM 1319 O  O   . HOH F 5 .   ? -12.399 4.588   -13.870 1.00 26.69  ? 183 HOH A O   1 
HETATM 1320 O  O   . HOH F 5 .   ? -22.668 3.654   -3.461  1.00 65.51  ? 184 HOH A O   1 
HETATM 1321 O  O   . HOH F 5 .   ? -7.904  -2.456  -13.209 1.00 40.15  ? 185 HOH A O   1 
HETATM 1322 O  O   . HOH F 5 .   ? -12.609 -3.014  -4.495  1.00 40.89  ? 186 HOH A O   1 
HETATM 1323 O  O   . HOH F 5 .   ? -11.453 -14.101 3.515   1.00 50.37  ? 187 HOH A O   1 
HETATM 1324 O  O   . HOH F 5 .   ? 10.581  6.230   16.360  1.00 35.26  ? 188 HOH A O   1 
HETATM 1325 O  O   . HOH F 5 .   ? -16.475 9.131   5.430   1.00 37.36  ? 189 HOH A O   1 
HETATM 1326 O  O   . HOH F 5 .   ? -1.896  16.874  -0.599  1.00 26.17  ? 190 HOH A O   1 
HETATM 1327 O  O   . HOH F 5 .   ? -0.873  18.515  1.575   1.00 34.66  ? 191 HOH A O   1 
HETATM 1328 O  O   . HOH F 5 .   ? -3.534  13.861  8.943   1.00 30.24  ? 192 HOH A O   1 
HETATM 1329 O  O   . HOH F 5 .   ? 12.406  -15.447 -8.380  1.00 28.53  ? 193 HOH A O   1 
HETATM 1330 O  O   . HOH F 5 .   ? 12.684  -11.689 13.601  1.00 52.62  ? 194 HOH A O   1 
HETATM 1331 O  O   . HOH F 5 .   ? -4.682  -11.977 -1.426  1.00 10.40  ? 195 HOH A O   1 
HETATM 1332 O  O   . HOH F 5 .   ? -20.451 14.194  -4.684  1.00 43.71  ? 196 HOH A O   1 
HETATM 1333 O  O   . HOH F 5 .   ? -6.708  17.854  -13.355 1.00 26.10  ? 198 HOH A O   1 
HETATM 1334 O  O   . HOH F 5 .   ? -5.971  9.509   -9.277  1.00 38.08  ? 200 HOH A O   1 
HETATM 1335 O  O   . HOH F 5 .   ? -5.723  -0.481  -12.834 1.00 23.49  ? 201 HOH A O   1 
HETATM 1336 O  O   . HOH F 5 .   ? -4.478  3.916   -10.688 1.00 59.17  ? 202 HOH A O   1 
HETATM 1337 O  O   . HOH F 5 .   ? -2.702  8.435   0.777   1.00 23.85  ? 203 HOH A O   1 
HETATM 1338 O  O   . HOH F 5 .   ? -3.336  6.472   2.956   1.00 25.71  ? 204 HOH A O   1 
HETATM 1339 O  O   . HOH F 5 .   ? -3.229  5.080   5.750   1.00 74.02  ? 207 HOH A O   1 
HETATM 1340 O  O   . HOH F 5 .   ? 2.671   -1.446  4.083   1.00 9.77   ? 208 HOH A O   1 
HETATM 1341 O  O   . HOH F 5 .   ? -1.336  3.677   9.948   1.00 40.81  ? 209 HOH A O   1 
HETATM 1342 O  O   . HOH F 5 .   ? 2.536   -18.901 3.480   1.00 29.95  ? 210 HOH A O   1 
HETATM 1343 O  O   . HOH F 5 .   ? -2.215  -4.004  14.890  1.00 31.99  ? 211 HOH A O   1 
HETATM 1344 O  O   . HOH F 5 .   ? 11.341  -15.894 -1.075  1.00 21.86  ? 213 HOH A O   1 
HETATM 1345 O  O   . HOH F 5 .   ? 13.777  -17.842 -3.408  1.00 52.79  ? 214 HOH A O   1 
HETATM 1346 O  O   . HOH F 5 .   ? -9.703  6.645   -12.132 1.00 17.29  ? 215 HOH A O   1 
HETATM 1347 O  O   . HOH F 5 .   ? 10.819  -6.541  13.573  1.00 31.19  ? 216 HOH A O   1 
HETATM 1348 O  O   . HOH F 5 .   ? 10.999  -18.040 10.639  1.00 39.36  ? 217 HOH A O   1 
HETATM 1349 O  O   . HOH F 5 .   ? 18.963  -8.900  9.869   1.00 54.23  ? 218 HOH A O   1 
HETATM 1350 O  O   . HOH F 5 .   ? 19.658  -5.666  9.443   1.00 20.28  ? 219 HOH A O   1 
HETATM 1351 O  O   . HOH F 5 .   ? 13.830  0.986   13.873  1.00 35.47  ? 220 HOH A O   1 
HETATM 1352 O  O   . HOH F 5 .   ? -14.114 -2.685  0.532   1.00 52.98  ? 221 HOH A O   1 
HETATM 1353 O  O   . HOH F 5 .   ? 1.157   15.466  -7.657  1.00 56.59  ? 222 HOH A O   1 
HETATM 1354 O  O   . HOH F 5 .   ? -10.508 -14.758 0.660   1.00 25.56  ? 223 HOH A O   1 
HETATM 1355 O  O   . HOH F 5 .   ? -2.224  5.807   0.070   1.00 23.53  ? 224 HOH A O   1 
HETATM 1356 O  O   . HOH F 5 .   ? 0.041   6.324   -0.671  1.00 63.37  ? 225 HOH A O   1 
HETATM 1357 O  O   . HOH F 5 .   ? 4.290   -13.798 -11.758 1.00 32.82  ? 226 HOH A O   1 
HETATM 1358 O  O   . HOH F 5 .   ? -12.297 -3.436  8.321   1.00 57.08  ? 227 HOH A O   1 
HETATM 1359 O  O   . HOH F 5 .   ? -5.448  5.969   4.734   1.00 28.12  ? 229 HOH A O   1 
HETATM 1360 O  O   . HOH F 5 .   ? -3.098  1.602   9.128   1.00 22.52  ? 230 HOH A O   1 
HETATM 1361 O  O   . HOH F 5 .   ? -3.155  -17.654 8.571   1.00 29.37  ? 231 HOH A O   1 
HETATM 1362 O  O   . HOH F 5 .   ? -1.996  -7.256  15.143  1.00 34.67  ? 232 HOH A O   1 
HETATM 1363 O  O   . HOH F 5 .   ? 0.928   -7.490  14.994  1.00 54.62  ? 233 HOH A O   1 
HETATM 1364 O  O   . HOH F 5 .   ? 14.558  -16.812 9.839   1.00 27.79  ? 235 HOH A O   1 
HETATM 1365 O  O   . HOH F 5 .   ? -7.138  8.305   8.294   1.00 60.78  ? 236 HOH A O   1 
HETATM 1366 O  O   . HOH F 5 .   ? -0.986  3.847   6.999   1.00 34.80  ? 237 HOH A O   1 
HETATM 1367 O  O   . HOH F 5 .   ? 8.896   -18.006 9.724   1.00 17.84  ? 238 HOH A O   1 
HETATM 1368 O  O   . HOH F 5 .   ? -13.556 5.559   -11.966 1.00 39.15  ? 239 HOH A O   1 
HETATM 1369 O  O   . HOH F 5 .   ? -18.240 -1.944  -5.357  1.00 29.53  ? 240 HOH A O   1 
HETATM 1370 O  O   . HOH F 5 .   ? 0.966   -0.418  -12.690 1.00 32.01  ? 242 HOH A O   1 
HETATM 1371 O  O   . HOH F 5 .   ? -11.240 -6.112  5.829   1.00 37.27  ? 244 HOH A O   1 
HETATM 1372 O  O   . HOH F 5 .   ? -3.714  0.386   14.402  1.00 44.09  ? 245 HOH A O   1 
HETATM 1373 O  O   . HOH F 5 .   ? -3.201  6.534   -10.082 1.00 70.28  ? 246 HOH A O   1 
HETATM 1374 O  O   . HOH F 5 .   ? -7.554  14.911  7.798   1.00 51.98  ? 247 HOH A O   1 
HETATM 1375 O  O   . HOH F 5 .   ? -4.655  -17.419 2.665   1.00 36.68  ? 248 HOH A O   1 
HETATM 1376 O  O   . HOH F 5 .   ? 8.401   -6.067  14.431  1.00 49.84  ? 249 HOH A O   1 
HETATM 1377 O  O   . HOH F 5 .   ? 13.089  -5.769  15.222  1.00 48.16  ? 250 HOH A O   1 
HETATM 1378 O  O   . HOH F 5 .   ? 15.162  -4.051  14.284  1.00 33.49  ? 251 HOH A O   1 
HETATM 1379 O  O   . HOH F 5 .   ? 15.875  -8.048  -7.002  1.00 38.87  ? 253 HOH A O   1 
HETATM 1380 O  O   . HOH F 5 .   ? -1.096  4.473   1.586   1.00 37.32  ? 256 HOH A O   1 
HETATM 1381 O  O   . HOH F 5 .   ? -14.495 17.733  5.109   1.00 71.65  ? 258 HOH A O   1 
HETATM 1382 O  O   . HOH F 5 .   ? -19.560 7.621   -10.607 1.00 40.35  ? 259 HOH A O   1 
HETATM 1383 O  O   . HOH F 5 .   ? 6.685   -10.135 13.601  1.00 70.73  ? 261 HOH A O   1 
HETATM 1384 O  O   . HOH F 5 .   ? -3.231  5.392   -4.039  1.00 36.01  ? 266 HOH A O   1 
HETATM 1385 O  O   . HOH F 5 .   ? -2.057  4.613   -1.870  1.00 32.65  ? 267 HOH A O   1 
HETATM 1386 O  O   . HOH F 5 .   ? 12.269  -2.257  -14.027 1.00 56.37  ? 268 HOH A O   1 
HETATM 1387 O  O   . HOH F 5 .   ? -4.879  10.060  8.401   1.00 27.07  ? 269 HOH A O   1 
HETATM 1388 O  O   . HOH F 5 .   ? 11.474  3.815   4.811   1.00 19.35  ? 270 HOH A O   1 
HETATM 1389 O  O   . HOH F 5 .   ? 11.169  -9.043  14.179  1.00 64.01  ? 271 HOH A O   1 
HETATM 1390 O  O   . HOH F 5 .   ? 23.138  -2.885  -1.727  1.00 44.29  ? 272 HOH A O   1 
HETATM 1391 O  O   . HOH F 5 .   ? -0.345  -19.888 5.401   1.00 54.77  ? 273 HOH A O   1 
HETATM 1392 O  O   . HOH F 5 .   ? -1.450  1.731   -6.593  1.00 41.14  ? 274 HOH A O   1 
HETATM 1393 O  O   . HOH F 5 .   ? 7.494   -19.746 7.168   1.00 33.20  ? 277 HOH A O   1 
HETATM 1394 O  O   . HOH F 5 .   ? -16.296 19.729  -8.066  1.00 50.00  ? 278 HOH A O   1 
HETATM 1395 O  O   . HOH F 5 .   ? 19.085  1.112   -2.088  1.00 69.13  ? 279 HOH A O   1 
HETATM 1396 O  O   . HOH F 5 .   ? -3.237  7.849   -6.385  1.00 43.43  ? 280 HOH A O   1 
HETATM 1397 O  O   . HOH F 5 .   ? -4.266  11.866  -8.660  1.00 29.95  ? 281 HOH A O   1 
HETATM 1398 O  O   . HOH F 5 .   ? -6.821  11.712  -10.464 1.00 37.37  ? 282 HOH A O   1 
HETATM 1399 O  O   . HOH F 5 .   ? -12.659 -4.637  1.268   1.00 47.73  ? 283 HOH A O   1 
HETATM 1400 O  O   . HOH F 5 .   ? -22.063 5.883   -0.514  1.00 54.69  ? 284 HOH A O   1 
HETATM 1401 O  O   . HOH F 5 .   ? -21.597 9.530   -0.742  1.00 63.41  ? 286 HOH A O   1 
HETATM 1402 O  O   . HOH F 5 .   ? -13.311 -10.520 0.508   1.00 31.74  ? 288 HOH A O   1 
HETATM 1403 O  O   . HOH F 5 .   ? 18.679  -6.188  -5.459  1.00 72.30  ? 292 HOH A O   1 
HETATM 1404 O  O   . HOH F 5 .   ? 16.296  -17.959 8.355   1.00 55.29  ? 293 HOH A O   1 
HETATM 1405 O  O   . HOH F 5 .   ? -13.547 -6.313  4.292   1.00 52.50  ? 295 HOH A O   1 
HETATM 1406 O  O   . HOH F 5 .   ? -5.940  -18.411 4.532   1.00 32.35  ? 296 HOH A O   1 
HETATM 1407 O  O   . HOH F 5 .   ? -9.338  5.698   4.101   1.00 54.36  ? 298 HOH A O   1 
HETATM 1408 O  O   . HOH F 5 .   ? -1.526  3.385   -4.435  1.00 35.00  ? 299 HOH A O   1 
HETATM 1409 O  O   . HOH F 5 .   ? 12.800  2.349   16.534  1.00 46.08  ? 300 HOH A O   1 
HETATM 1410 O  O   . HOH F 5 .   ? 17.264  -8.634  -3.899  1.00 70.81  ? 301 HOH A O   1 
HETATM 1411 O  O   . HOH F 5 .   ? 7.149   5.572   4.794   1.00 56.17  ? 303 HOH A O   1 
HETATM 1412 O  O   . HOH F 5 .   ? 1.555   8.951   1.389   1.00 31.21  ? 306 HOH A O   1 
HETATM 1413 O  O   . HOH F 5 .   ? -18.977 9.391   -13.325 1.00 54.50  ? 308 HOH A O   1 
HETATM 1414 O  O   . HOH F 5 .   ? 16.350  -15.534 9.330   1.00 16.04  ? 311 HOH A O   1 
HETATM 1415 O  O   . HOH F 5 .   ? 9.417   -4.478  16.412  1.00 48.36  ? 312 HOH A O   1 
HETATM 1416 O  O   . HOH F 5 .   ? 5.724   -6.942  13.389  1.00 54.82  ? 313 HOH A O   1 
HETATM 1417 O  O   . HOH F 5 .   ? 4.911   6.233   3.948   1.00 65.73  ? 314 HOH A O   1 
HETATM 1418 O  O   . HOH F 5 .   ? -22.014 11.276  -4.588  1.00 68.75  ? 317 HOH A O   1 
HETATM 1419 O  O   . HOH F 5 .   ? 0.385   6.221   5.128   1.00 47.39  ? 321 HOH A O   1 
HETATM 1420 O  O   . HOH F 5 .   ? -8.875  6.598   7.240   1.00 36.64  ? 323 HOH A O   1 
HETATM 1421 O  O   . HOH F 5 .   ? -4.722  -7.029  -13.471 1.00 63.91  ? 324 HOH A O   1 
HETATM 1422 O  O   . HOH F 5 .   ? 3.684   10.288  9.592   1.00 45.40  ? 325 HOH A O   1 
HETATM 1423 O  O   . HOH F 5 .   ? -0.382  18.697  5.099   1.00 39.42  ? 326 HOH A O   1 
HETATM 1424 O  O   . HOH F 5 .   ? -2.506  20.924  2.396   1.00 63.17  ? 328 HOH A O   1 
# 
